data_4QOB
# 
_entry.id   4QOB 
# 
_audit_conform.dict_name       mmcif_pdbx.dic 
_audit_conform.dict_version    5.388 
_audit_conform.dict_location   http://mmcif.pdb.org/dictionaries/ascii/mmcif_pdbx.dic 
# 
loop_
_database_2.database_id 
_database_2.database_code 
_database_2.pdbx_database_accession 
_database_2.pdbx_DOI 
PDB   4QOB         pdb_00004qob 10.2210/pdb4qob/pdb 
RCSB  RCSB086306   ?            ?                   
WWPDB D_1000086306 ?            ?                   
# 
loop_
_pdbx_audit_revision_history.ordinal 
_pdbx_audit_revision_history.data_content_type 
_pdbx_audit_revision_history.major_revision 
_pdbx_audit_revision_history.minor_revision 
_pdbx_audit_revision_history.revision_date 
1 'Structure model' 1 0 2015-11-04 
2 'Structure model' 1 1 2024-03-20 
# 
_pdbx_audit_revision_details.ordinal             1 
_pdbx_audit_revision_details.revision_ordinal    1 
_pdbx_audit_revision_details.data_content_type   'Structure model' 
_pdbx_audit_revision_details.provider            repository 
_pdbx_audit_revision_details.type                'Initial release' 
_pdbx_audit_revision_details.description         ? 
_pdbx_audit_revision_details.details             ? 
# 
loop_
_pdbx_audit_revision_group.ordinal 
_pdbx_audit_revision_group.revision_ordinal 
_pdbx_audit_revision_group.data_content_type 
_pdbx_audit_revision_group.group 
1 2 'Structure model' 'Data collection'     
2 2 'Structure model' 'Database references' 
# 
loop_
_pdbx_audit_revision_category.ordinal 
_pdbx_audit_revision_category.revision_ordinal 
_pdbx_audit_revision_category.data_content_type 
_pdbx_audit_revision_category.category 
1 2 'Structure model' chem_comp_atom     
2 2 'Structure model' chem_comp_bond     
3 2 'Structure model' database_2         
4 2 'Structure model' struct_ref_seq_dif 
# 
loop_
_pdbx_audit_revision_item.ordinal 
_pdbx_audit_revision_item.revision_ordinal 
_pdbx_audit_revision_item.data_content_type 
_pdbx_audit_revision_item.item 
1 2 'Structure model' '_database_2.pdbx_DOI'                
2 2 'Structure model' '_database_2.pdbx_database_accession' 
3 2 'Structure model' '_struct_ref_seq_dif.details'         
# 
_pdbx_database_status.status_code                     REL 
_pdbx_database_status.entry_id                        4QOB 
_pdbx_database_status.recvd_initial_deposition_date   2014-06-19 
_pdbx_database_status.deposit_site                    RCSB 
_pdbx_database_status.process_site                    PDBJ 
_pdbx_database_status.methods_development_category    ? 
_pdbx_database_status.status_code_sf                  REL 
_pdbx_database_status.status_code_mr                  ? 
_pdbx_database_status.SG_entry                        ? 
_pdbx_database_status.status_code_cs                  ? 
_pdbx_database_status.pdb_format_compatible           Y 
_pdbx_database_status.status_code_nmr_data            ? 
# 
_audit_author.name           'Park, H.H.' 
_audit_author.pdbx_ordinal   1 
# 
_citation.id                        primary 
_citation.title                     'Crystal structure of cPOP1' 
_citation.journal_abbrev            'To be Published' 
_citation.journal_volume            ? 
_citation.page_first                ? 
_citation.page_last                 ? 
_citation.year                      ? 
_citation.journal_id_ASTM           ? 
_citation.country                   ? 
_citation.journal_id_ISSN           ? 
_citation.journal_id_CSD            0353 
_citation.book_publisher            ? 
_citation.pdbx_database_id_PubMed   ? 
_citation.pdbx_database_id_DOI      ? 
# 
_citation_author.citation_id        primary 
_citation_author.name               'Park, H.H.' 
_citation_author.ordinal            1 
_citation_author.identifier_ORCID   ? 
# 
loop_
_entity.id 
_entity.type 
_entity.src_method 
_entity.pdbx_description 
_entity.formula_weight 
_entity.pdbx_number_of_molecules 
_entity.pdbx_ec 
_entity.pdbx_mutation 
_entity.pdbx_fragment 
_entity.details 
1 polymer man 'Pyrin domain-containing protein 1' 11193.035 2  ? ? ? ? 
2 water   nat water                               18.015    22 ? ? ? ? 
# 
_entity_name_com.entity_id   1 
_entity_name_com.name        'PAAD-only protein 1, Pyrin-only protein 1' 
# 
_entity_poly.entity_id                      1 
_entity_poly.type                           'polypeptide(L)' 
_entity_poly.nstd_linkage                   no 
_entity_poly.nstd_monomer                   no 
_entity_poly.pdbx_seq_one_letter_code       
;MGTKREAILKVLENLTPEELKKFKMKLGTVPLREGFERIPRGALGQLDIVDLTDKLVASYYEDYAAELVVAVLRDMRMLE
EAARLQRAALEHHHHHH
;
_entity_poly.pdbx_seq_one_letter_code_can   
;MGTKREAILKVLENLTPEELKKFKMKLGTVPLREGFERIPRGALGQLDIVDLTDKLVASYYEDYAAELVVAVLRDMRMLE
EAARLQRAALEHHHHHH
;
_entity_poly.pdbx_strand_id                 A,B 
_entity_poly.pdbx_target_identifier         ? 
# 
_pdbx_entity_nonpoly.entity_id   2 
_pdbx_entity_nonpoly.name        water 
_pdbx_entity_nonpoly.comp_id     HOH 
# 
loop_
_entity_poly_seq.entity_id 
_entity_poly_seq.num 
_entity_poly_seq.mon_id 
_entity_poly_seq.hetero 
1 1  MET n 
1 2  GLY n 
1 3  THR n 
1 4  LYS n 
1 5  ARG n 
1 6  GLU n 
1 7  ALA n 
1 8  ILE n 
1 9  LEU n 
1 10 LYS n 
1 11 VAL n 
1 12 LEU n 
1 13 GLU n 
1 14 ASN n 
1 15 LEU n 
1 16 THR n 
1 17 PRO n 
1 18 GLU n 
1 19 GLU n 
1 20 LEU n 
1 21 LYS n 
1 22 LYS n 
1 23 PHE n 
1 24 LYS n 
1 25 MET n 
1 26 LYS n 
1 27 LEU n 
1 28 GLY n 
1 29 THR n 
1 30 VAL n 
1 31 PRO n 
1 32 LEU n 
1 33 ARG n 
1 34 GLU n 
1 35 GLY n 
1 36 PHE n 
1 37 GLU n 
1 38 ARG n 
1 39 ILE n 
1 40 PRO n 
1 41 ARG n 
1 42 GLY n 
1 43 ALA n 
1 44 LEU n 
1 45 GLY n 
1 46 GLN n 
1 47 LEU n 
1 48 ASP n 
1 49 ILE n 
1 50 VAL n 
1 51 ASP n 
1 52 LEU n 
1 53 THR n 
1 54 ASP n 
1 55 LYS n 
1 56 LEU n 
1 57 VAL n 
1 58 ALA n 
1 59 SER n 
1 60 TYR n 
1 61 TYR n 
1 62 GLU n 
1 63 ASP n 
1 64 TYR n 
1 65 ALA n 
1 66 ALA n 
1 67 GLU n 
1 68 LEU n 
1 69 VAL n 
1 70 VAL n 
1 71 ALA n 
1 72 VAL n 
1 73 LEU n 
1 74 ARG n 
1 75 ASP n 
1 76 MET n 
1 77 ARG n 
1 78 MET n 
1 79 LEU n 
1 80 GLU n 
1 81 GLU n 
1 82 ALA n 
1 83 ALA n 
1 84 ARG n 
1 85 LEU n 
1 86 GLN n 
1 87 ARG n 
1 88 ALA n 
1 89 ALA n 
1 90 LEU n 
1 91 GLU n 
1 92 HIS n 
1 93 HIS n 
1 94 HIS n 
1 95 HIS n 
1 96 HIS n 
1 97 HIS n 
# 
_entity_src_gen.entity_id                          1 
_entity_src_gen.pdbx_src_id                        1 
_entity_src_gen.pdbx_alt_source_flag               sample 
_entity_src_gen.pdbx_seq_type                      ? 
_entity_src_gen.pdbx_beg_seq_num                   ? 
_entity_src_gen.pdbx_end_seq_num                   ? 
_entity_src_gen.gene_src_common_name               human 
_entity_src_gen.gene_src_genus                     ? 
_entity_src_gen.pdbx_gene_src_gene                 'PYDC1, ASC2, ASCI, POP1, PYC1' 
_entity_src_gen.gene_src_species                   ? 
_entity_src_gen.gene_src_strain                    ? 
_entity_src_gen.gene_src_tissue                    ? 
_entity_src_gen.gene_src_tissue_fraction           ? 
_entity_src_gen.gene_src_details                   ? 
_entity_src_gen.pdbx_gene_src_fragment             ? 
_entity_src_gen.pdbx_gene_src_scientific_name      'Homo sapiens' 
_entity_src_gen.pdbx_gene_src_ncbi_taxonomy_id     9606 
_entity_src_gen.pdbx_gene_src_variant              ? 
_entity_src_gen.pdbx_gene_src_cell_line            ? 
_entity_src_gen.pdbx_gene_src_atcc                 ? 
_entity_src_gen.pdbx_gene_src_organ                ? 
_entity_src_gen.pdbx_gene_src_organelle            ? 
_entity_src_gen.pdbx_gene_src_cell                 ? 
_entity_src_gen.pdbx_gene_src_cellular_location    ? 
_entity_src_gen.host_org_common_name               ? 
_entity_src_gen.pdbx_host_org_scientific_name      'Escherichia coli' 
_entity_src_gen.pdbx_host_org_ncbi_taxonomy_id     562 
_entity_src_gen.host_org_genus                     ? 
_entity_src_gen.pdbx_host_org_gene                 ? 
_entity_src_gen.pdbx_host_org_organ                ? 
_entity_src_gen.host_org_species                   ? 
_entity_src_gen.pdbx_host_org_tissue               ? 
_entity_src_gen.pdbx_host_org_tissue_fraction      ? 
_entity_src_gen.pdbx_host_org_strain               ? 
_entity_src_gen.pdbx_host_org_variant              ? 
_entity_src_gen.pdbx_host_org_cell_line            ? 
_entity_src_gen.pdbx_host_org_atcc                 ? 
_entity_src_gen.pdbx_host_org_culture_collection   ? 
_entity_src_gen.pdbx_host_org_cell                 ? 
_entity_src_gen.pdbx_host_org_organelle            ? 
_entity_src_gen.pdbx_host_org_cellular_location    ? 
_entity_src_gen.pdbx_host_org_vector_type          plasmid 
_entity_src_gen.pdbx_host_org_vector               ? 
_entity_src_gen.host_org_details                   ? 
_entity_src_gen.expression_system_id               ? 
_entity_src_gen.plasmid_name                       ? 
_entity_src_gen.plasmid_details                    ? 
_entity_src_gen.pdbx_description                   ? 
# 
loop_
_chem_comp.id 
_chem_comp.type 
_chem_comp.mon_nstd_flag 
_chem_comp.name 
_chem_comp.pdbx_synonyms 
_chem_comp.formula 
_chem_comp.formula_weight 
ALA 'L-peptide linking' y ALANINE         ? 'C3 H7 N O2'     89.093  
ARG 'L-peptide linking' y ARGININE        ? 'C6 H15 N4 O2 1' 175.209 
ASN 'L-peptide linking' y ASPARAGINE      ? 'C4 H8 N2 O3'    132.118 
ASP 'L-peptide linking' y 'ASPARTIC ACID' ? 'C4 H7 N O4'     133.103 
GLN 'L-peptide linking' y GLUTAMINE       ? 'C5 H10 N2 O3'   146.144 
GLU 'L-peptide linking' y 'GLUTAMIC ACID' ? 'C5 H9 N O4'     147.129 
GLY 'peptide linking'   y GLYCINE         ? 'C2 H5 N O2'     75.067  
HIS 'L-peptide linking' y HISTIDINE       ? 'C6 H10 N3 O2 1' 156.162 
HOH non-polymer         . WATER           ? 'H2 O'           18.015  
ILE 'L-peptide linking' y ISOLEUCINE      ? 'C6 H13 N O2'    131.173 
LEU 'L-peptide linking' y LEUCINE         ? 'C6 H13 N O2'    131.173 
LYS 'L-peptide linking' y LYSINE          ? 'C6 H15 N2 O2 1' 147.195 
MET 'L-peptide linking' y METHIONINE      ? 'C5 H11 N O2 S'  149.211 
PHE 'L-peptide linking' y PHENYLALANINE   ? 'C9 H11 N O2'    165.189 
PRO 'L-peptide linking' y PROLINE         ? 'C5 H9 N O2'     115.130 
SER 'L-peptide linking' y SERINE          ? 'C3 H7 N O3'     105.093 
THR 'L-peptide linking' y THREONINE       ? 'C4 H9 N O3'     119.119 
TYR 'L-peptide linking' y TYROSINE        ? 'C9 H11 N O3'    181.189 
VAL 'L-peptide linking' y VALINE          ? 'C5 H11 N O2'    117.146 
# 
loop_
_pdbx_poly_seq_scheme.asym_id 
_pdbx_poly_seq_scheme.entity_id 
_pdbx_poly_seq_scheme.seq_id 
_pdbx_poly_seq_scheme.mon_id 
_pdbx_poly_seq_scheme.ndb_seq_num 
_pdbx_poly_seq_scheme.pdb_seq_num 
_pdbx_poly_seq_scheme.auth_seq_num 
_pdbx_poly_seq_scheme.pdb_mon_id 
_pdbx_poly_seq_scheme.auth_mon_id 
_pdbx_poly_seq_scheme.pdb_strand_id 
_pdbx_poly_seq_scheme.pdb_ins_code 
_pdbx_poly_seq_scheme.hetero 
A 1 1  MET 1  1  ?  ?   ?   A . n 
A 1 2  GLY 2  2  ?  ?   ?   A . n 
A 1 3  THR 3  3  3  THR THR A . n 
A 1 4  LYS 4  4  4  LYS LYS A . n 
A 1 5  ARG 5  5  5  ARG ARG A . n 
A 1 6  GLU 6  6  6  GLU GLU A . n 
A 1 7  ALA 7  7  7  ALA ALA A . n 
A 1 8  ILE 8  8  8  ILE ILE A . n 
A 1 9  LEU 9  9  9  LEU LEU A . n 
A 1 10 LYS 10 10 10 LYS LYS A . n 
A 1 11 VAL 11 11 11 VAL VAL A . n 
A 1 12 LEU 12 12 12 LEU LEU A . n 
A 1 13 GLU 13 13 13 GLU GLU A . n 
A 1 14 ASN 14 14 14 ASN ASN A . n 
A 1 15 LEU 15 15 15 LEU LEU A . n 
A 1 16 THR 16 16 16 THR THR A . n 
A 1 17 PRO 17 17 17 PRO PRO A . n 
A 1 18 GLU 18 18 18 GLU GLU A . n 
A 1 19 GLU 19 19 19 GLU GLU A . n 
A 1 20 LEU 20 20 20 LEU LEU A . n 
A 1 21 LYS 21 21 21 LYS LYS A . n 
A 1 22 LYS 22 22 22 LYS LYS A . n 
A 1 23 PHE 23 23 23 PHE PHE A . n 
A 1 24 LYS 24 24 24 LYS LYS A . n 
A 1 25 MET 25 25 25 MET MET A . n 
A 1 26 LYS 26 26 26 LYS LYS A . n 
A 1 27 LEU 27 27 27 LEU LEU A . n 
A 1 28 GLY 28 28 28 GLY GLY A . n 
A 1 29 THR 29 29 29 THR THR A . n 
A 1 30 VAL 30 30 30 VAL VAL A . n 
A 1 31 PRO 31 31 31 PRO PRO A . n 
A 1 32 LEU 32 32 32 LEU LEU A . n 
A 1 33 ARG 33 33 33 ARG ARG A . n 
A 1 34 GLU 34 34 34 GLU GLU A . n 
A 1 35 GLY 35 35 35 GLY GLY A . n 
A 1 36 PHE 36 36 36 PHE PHE A . n 
A 1 37 GLU 37 37 37 GLU GLU A . n 
A 1 38 ARG 38 38 38 ARG ARG A . n 
A 1 39 ILE 39 39 39 ILE ILE A . n 
A 1 40 PRO 40 40 40 PRO PRO A . n 
A 1 41 ARG 41 41 41 ARG ARG A . n 
A 1 42 GLY 42 42 42 GLY GLY A . n 
A 1 43 ALA 43 43 43 ALA ALA A . n 
A 1 44 LEU 44 44 44 LEU LEU A . n 
A 1 45 GLY 45 45 45 GLY GLY A . n 
A 1 46 GLN 46 46 46 GLN GLN A . n 
A 1 47 LEU 47 47 47 LEU LEU A . n 
A 1 48 ASP 48 48 48 ASP ASP A . n 
A 1 49 ILE 49 49 49 ILE ILE A . n 
A 1 50 VAL 50 50 50 VAL VAL A . n 
A 1 51 ASP 51 51 51 ASP ASP A . n 
A 1 52 LEU 52 52 52 LEU LEU A . n 
A 1 53 THR 53 53 53 THR THR A . n 
A 1 54 ASP 54 54 54 ASP ASP A . n 
A 1 55 LYS 55 55 55 LYS LYS A . n 
A 1 56 LEU 56 56 56 LEU LEU A . n 
A 1 57 VAL 57 57 57 VAL VAL A . n 
A 1 58 ALA 58 58 58 ALA ALA A . n 
A 1 59 SER 59 59 59 SER SER A . n 
A 1 60 TYR 60 60 60 TYR TYR A . n 
A 1 61 TYR 61 61 61 TYR TYR A . n 
A 1 62 GLU 62 62 62 GLU GLU A . n 
A 1 63 ASP 63 63 63 ASP ASP A . n 
A 1 64 TYR 64 64 64 TYR TYR A . n 
A 1 65 ALA 65 65 65 ALA ALA A . n 
A 1 66 ALA 66 66 66 ALA ALA A . n 
A 1 67 GLU 67 67 67 GLU GLU A . n 
A 1 68 LEU 68 68 68 LEU LEU A . n 
A 1 69 VAL 69 69 69 VAL VAL A . n 
A 1 70 VAL 70 70 70 VAL VAL A . n 
A 1 71 ALA 71 71 71 ALA ALA A . n 
A 1 72 VAL 72 72 72 VAL VAL A . n 
A 1 73 LEU 73 73 73 LEU LEU A . n 
A 1 74 ARG 74 74 74 ARG ARG A . n 
A 1 75 ASP 75 75 75 ASP ASP A . n 
A 1 76 MET 76 76 76 MET MET A . n 
A 1 77 ARG 77 77 77 ARG ARG A . n 
A 1 78 MET 78 78 78 MET MET A . n 
A 1 79 LEU 79 79 79 LEU LEU A . n 
A 1 80 GLU 80 80 80 GLU GLU A . n 
A 1 81 GLU 81 81 81 GLU GLU A . n 
A 1 82 ALA 82 82 82 ALA ALA A . n 
A 1 83 ALA 83 83 83 ALA ALA A . n 
A 1 84 ARG 84 84 84 ARG ARG A . n 
A 1 85 LEU 85 85 85 LEU LEU A . n 
A 1 86 GLN 86 86 86 GLN GLN A . n 
A 1 87 ARG 87 87 87 ARG ARG A . n 
A 1 88 ALA 88 88 88 ALA ALA A . n 
A 1 89 ALA 89 89 89 ALA ALA A . n 
A 1 90 LEU 90 90 ?  ?   ?   A . n 
A 1 91 GLU 91 91 ?  ?   ?   A . n 
A 1 92 HIS 92 92 ?  ?   ?   A . n 
A 1 93 HIS 93 93 ?  ?   ?   A . n 
A 1 94 HIS 94 94 ?  ?   ?   A . n 
A 1 95 HIS 95 95 ?  ?   ?   A . n 
A 1 96 HIS 96 96 ?  ?   ?   A . n 
A 1 97 HIS 97 97 ?  ?   ?   A . n 
B 1 1  MET 1  1  ?  ?   ?   B . n 
B 1 2  GLY 2  2  ?  ?   ?   B . n 
B 1 3  THR 3  3  3  THR THR B . n 
B 1 4  LYS 4  4  4  LYS LYS B . n 
B 1 5  ARG 5  5  5  ARG ARG B . n 
B 1 6  GLU 6  6  6  GLU GLU B . n 
B 1 7  ALA 7  7  7  ALA ALA B . n 
B 1 8  ILE 8  8  8  ILE ILE B . n 
B 1 9  LEU 9  9  9  LEU LEU B . n 
B 1 10 LYS 10 10 10 LYS LYS B . n 
B 1 11 VAL 11 11 11 VAL VAL B . n 
B 1 12 LEU 12 12 12 LEU LEU B . n 
B 1 13 GLU 13 13 13 GLU GLU B . n 
B 1 14 ASN 14 14 14 ASN ASN B . n 
B 1 15 LEU 15 15 15 LEU LEU B . n 
B 1 16 THR 16 16 16 THR THR B . n 
B 1 17 PRO 17 17 17 PRO PRO B . n 
B 1 18 GLU 18 18 18 GLU GLU B . n 
B 1 19 GLU 19 19 19 GLU GLU B . n 
B 1 20 LEU 20 20 20 LEU LEU B . n 
B 1 21 LYS 21 21 21 LYS LYS B . n 
B 1 22 LYS 22 22 22 LYS LYS B . n 
B 1 23 PHE 23 23 23 PHE PHE B . n 
B 1 24 LYS 24 24 24 LYS LYS B . n 
B 1 25 MET 25 25 25 MET MSE B . n 
B 1 26 LYS 26 26 26 LYS LYS B . n 
B 1 27 LEU 27 27 27 LEU LEU B . n 
B 1 28 GLY 28 28 28 GLY GLY B . n 
B 1 29 THR 29 29 29 THR THR B . n 
B 1 30 VAL 30 30 30 VAL VAL B . n 
B 1 31 PRO 31 31 31 PRO PRO B . n 
B 1 32 LEU 32 32 32 LEU LEU B . n 
B 1 33 ARG 33 33 33 ARG ARG B . n 
B 1 34 GLU 34 34 34 GLU GLU B . n 
B 1 35 GLY 35 35 35 GLY GLY B . n 
B 1 36 PHE 36 36 36 PHE PHE B . n 
B 1 37 GLU 37 37 37 GLU GLU B . n 
B 1 38 ARG 38 38 38 ARG ARG B . n 
B 1 39 ILE 39 39 39 ILE ILE B . n 
B 1 40 PRO 40 40 40 PRO PRO B . n 
B 1 41 ARG 41 41 41 ARG ARG B . n 
B 1 42 GLY 42 42 42 GLY GLY B . n 
B 1 43 ALA 43 43 43 ALA ALA B . n 
B 1 44 LEU 44 44 44 LEU LEU B . n 
B 1 45 GLY 45 45 45 GLY GLY B . n 
B 1 46 GLN 46 46 46 GLN GLN B . n 
B 1 47 LEU 47 47 47 LEU LEU B . n 
B 1 48 ASP 48 48 48 ASP ASP B . n 
B 1 49 ILE 49 49 49 ILE ILE B . n 
B 1 50 VAL 50 50 50 VAL VAL B . n 
B 1 51 ASP 51 51 51 ASP ASP B . n 
B 1 52 LEU 52 52 52 LEU LEU B . n 
B 1 53 THR 53 53 53 THR THR B . n 
B 1 54 ASP 54 54 54 ASP ASP B . n 
B 1 55 LYS 55 55 55 LYS LYS B . n 
B 1 56 LEU 56 56 56 LEU LEU B . n 
B 1 57 VAL 57 57 57 VAL VAL B . n 
B 1 58 ALA 58 58 58 ALA ALA B . n 
B 1 59 SER 59 59 59 SER SER B . n 
B 1 60 TYR 60 60 60 TYR TYR B . n 
B 1 61 TYR 61 61 61 TYR TYR B . n 
B 1 62 GLU 62 62 62 GLU GLU B . n 
B 1 63 ASP 63 63 63 ASP ASP B . n 
B 1 64 TYR 64 64 64 TYR TYR B . n 
B 1 65 ALA 65 65 65 ALA ALA B . n 
B 1 66 ALA 66 66 66 ALA ALA B . n 
B 1 67 GLU 67 67 67 GLU GLU B . n 
B 1 68 LEU 68 68 68 LEU LEU B . n 
B 1 69 VAL 69 69 69 VAL VAL B . n 
B 1 70 VAL 70 70 70 VAL VAL B . n 
B 1 71 ALA 71 71 71 ALA ALA B . n 
B 1 72 VAL 72 72 72 VAL VAL B . n 
B 1 73 LEU 73 73 73 LEU LEU B . n 
B 1 74 ARG 74 74 74 ARG ARG B . n 
B 1 75 ASP 75 75 75 ASP ASP B . n 
B 1 76 MET 76 76 76 MET MET B . n 
B 1 77 ARG 77 77 77 ARG ARG B . n 
B 1 78 MET 78 78 78 MET MET B . n 
B 1 79 LEU 79 79 79 LEU LEU B . n 
B 1 80 GLU 80 80 80 GLU GLU B . n 
B 1 81 GLU 81 81 81 GLU GLU B . n 
B 1 82 ALA 82 82 82 ALA ALA B . n 
B 1 83 ALA 83 83 83 ALA ALA B . n 
B 1 84 ARG 84 84 84 ARG ARG B . n 
B 1 85 LEU 85 85 85 LEU LEU B . n 
B 1 86 GLN 86 86 86 GLN GLN B . n 
B 1 87 ARG 87 87 87 ARG ARG B . n 
B 1 88 ALA 88 88 88 ALA ALA B . n 
B 1 89 ALA 89 89 89 ALA ALA B . n 
B 1 90 LEU 90 90 ?  ?   ?   B . n 
B 1 91 GLU 91 91 ?  ?   ?   B . n 
B 1 92 HIS 92 92 ?  ?   ?   B . n 
B 1 93 HIS 93 93 ?  ?   ?   B . n 
B 1 94 HIS 94 94 ?  ?   ?   B . n 
B 1 95 HIS 95 95 ?  ?   ?   B . n 
B 1 96 HIS 96 96 ?  ?   ?   B . n 
B 1 97 HIS 97 97 ?  ?   ?   B . n 
# 
loop_
_pdbx_nonpoly_scheme.asym_id 
_pdbx_nonpoly_scheme.entity_id 
_pdbx_nonpoly_scheme.mon_id 
_pdbx_nonpoly_scheme.ndb_seq_num 
_pdbx_nonpoly_scheme.pdb_seq_num 
_pdbx_nonpoly_scheme.auth_seq_num 
_pdbx_nonpoly_scheme.pdb_mon_id 
_pdbx_nonpoly_scheme.auth_mon_id 
_pdbx_nonpoly_scheme.pdb_strand_id 
_pdbx_nonpoly_scheme.pdb_ins_code 
C 2 HOH 1  101 1  HOH HOH A . 
C 2 HOH 2  102 3  HOH HOH A . 
C 2 HOH 3  103 4  HOH HOH A . 
C 2 HOH 4  104 8  HOH HOH A . 
C 2 HOH 5  105 9  HOH HOH A . 
C 2 HOH 6  106 11 HOH HOH A . 
C 2 HOH 7  107 12 HOH HOH A . 
C 2 HOH 8  108 13 HOH HOH A . 
C 2 HOH 9  109 14 HOH HOH A . 
C 2 HOH 10 110 18 HOH HOH A . 
C 2 HOH 11 111 20 HOH HOH A . 
C 2 HOH 12 112 21 HOH HOH A . 
C 2 HOH 13 113 22 HOH HOH A . 
D 2 HOH 1  101 2  HOH HOH B . 
D 2 HOH 2  102 5  HOH HOH B . 
D 2 HOH 3  103 6  HOH HOH B . 
D 2 HOH 4  104 7  HOH HOH B . 
D 2 HOH 5  105 10 HOH HOH B . 
D 2 HOH 6  106 15 HOH HOH B . 
D 2 HOH 7  107 16 HOH HOH B . 
D 2 HOH 8  108 17 HOH HOH B . 
D 2 HOH 9  109 19 HOH HOH B . 
# 
loop_
_software.name 
_software.classification 
_software.version 
_software.citation_id 
_software.pdbx_ordinal 
HKL-2000 'data collection' .                           ? 1 
SOLVE    phasing           .                           ? 2 
PHENIX   refinement        '(phenix.refine: 1.8_1069)' ? 3 
HKL-2000 'data reduction'  .                           ? 4 
HKL-2000 'data scaling'    .                           ? 5 
REFMAC   refinement        5.7.0032                    ? 6 
# 
_cell.entry_id           4QOB 
_cell.length_a           94.458 
_cell.length_b           94.458 
_cell.length_c           94.458 
_cell.angle_alpha        90.00 
_cell.angle_beta         90.00 
_cell.angle_gamma        90.00 
_cell.Z_PDB              24 
_cell.pdbx_unique_axis   ? 
_cell.length_a_esd       ? 
_cell.length_b_esd       ? 
_cell.length_c_esd       ? 
_cell.angle_alpha_esd    ? 
_cell.angle_beta_esd     ? 
_cell.angle_gamma_esd    ? 
# 
_symmetry.entry_id                         4QOB 
_symmetry.space_group_name_H-M             'P 21 3' 
_symmetry.pdbx_full_space_group_name_H-M   ? 
_symmetry.cell_setting                     ? 
_symmetry.Int_Tables_number                198 
_symmetry.space_group_name_Hall            ? 
# 
_exptl.entry_id          4QOB 
_exptl.method            'X-RAY DIFFRACTION' 
_exptl.crystals_number   1 
# 
_exptl_crystal.id                    1 
_exptl_crystal.density_meas          ? 
_exptl_crystal.density_Matthews      3.14 
_exptl_crystal.density_percent_sol   60.79 
_exptl_crystal.description           ? 
_exptl_crystal.F_000                 ? 
_exptl_crystal.preparation           ? 
# 
_exptl_crystal_grow.crystal_id      1 
_exptl_crystal_grow.method          'VAPOR DIFFUSION, HANGING DROP' 
_exptl_crystal_grow.temp            297 
_exptl_crystal_grow.temp_details    ? 
_exptl_crystal_grow.pH              8.5 
_exptl_crystal_grow.pdbx_pH_range   ? 
_exptl_crystal_grow.pdbx_details    '3.6M sodium formate, 0.1M Tris-HCl pH 8.5, VAPOR DIFFUSION, HANGING DROP, temperature 297K' 
# 
_diffrn.id                     1 
_diffrn.ambient_temp           110 
_diffrn.ambient_temp_details   ? 
_diffrn.crystal_id             1 
# 
_diffrn_detector.diffrn_id              1 
_diffrn_detector.detector               CCD 
_diffrn_detector.type                   'ADSC QUANTUM 315r' 
_diffrn_detector.pdbx_collection_date   2013-11-27 
_diffrn_detector.details                ? 
# 
_diffrn_radiation.diffrn_id                        1 
_diffrn_radiation.wavelength_id                    1 
_diffrn_radiation.pdbx_monochromatic_or_laue_m_l   M 
_diffrn_radiation.monochromator                    GRAPHITE 
_diffrn_radiation.pdbx_diffrn_protocol             'SINGLE WAVELENGTH' 
_diffrn_radiation.pdbx_scattering_type             x-ray 
# 
_diffrn_radiation_wavelength.id           1 
_diffrn_radiation_wavelength.wavelength   1.0000 
_diffrn_radiation_wavelength.wt           1.0 
# 
_diffrn_source.diffrn_id                   1 
_diffrn_source.source                      SYNCHROTRON 
_diffrn_source.type                        'PAL/PLS BEAMLINE 5C (4A)' 
_diffrn_source.pdbx_synchrotron_site       PAL/PLS 
_diffrn_source.pdbx_synchrotron_beamline   '5C (4A)' 
_diffrn_source.pdbx_wavelength             ? 
_diffrn_source.pdbx_wavelength_list        1.0000 
# 
_reflns.pdbx_diffrn_id               1 
_reflns.pdbx_ordinal                 1 
_reflns.entry_id                     4QOB 
_reflns.observed_criterion_sigma_I   ? 
_reflns.observed_criterion_sigma_F   ? 
_reflns.d_resolution_low             50 
_reflns.d_resolution_high            2.7 
_reflns.number_obs                   10004 
_reflns.number_all                   ? 
_reflns.percent_possible_obs         ? 
_reflns.pdbx_Rmerge_I_obs            ? 
_reflns.pdbx_Rsym_value              ? 
_reflns.pdbx_netI_over_sigmaI        ? 
_reflns.B_iso_Wilson_estimate        ? 
_reflns.pdbx_redundancy              ? 
_reflns.R_free_details               ? 
_reflns.limit_h_max                  ? 
_reflns.limit_h_min                  ? 
_reflns.limit_k_max                  ? 
_reflns.limit_k_min                  ? 
_reflns.limit_l_max                  ? 
_reflns.limit_l_min                  ? 
_reflns.observed_criterion_F_max     ? 
_reflns.observed_criterion_F_min     ? 
_reflns.pdbx_chi_squared             ? 
_reflns.pdbx_scaling_rejects         ? 
# 
_reflns_shell.pdbx_diffrn_id         1 
_reflns_shell.pdbx_ordinal           1 
_reflns_shell.d_res_high             2.7 
_reflns_shell.d_res_low              2.78 
_reflns_shell.percent_possible_all   95 
_reflns_shell.Rmerge_I_obs           ? 
_reflns_shell.pdbx_Rsym_value        ? 
_reflns_shell.meanI_over_sigI_obs    ? 
_reflns_shell.pdbx_redundancy        ? 
_reflns_shell.percent_possible_obs   ? 
_reflns_shell.number_unique_all      ? 
_reflns_shell.number_measured_all    ? 
_reflns_shell.number_measured_obs    ? 
_reflns_shell.number_unique_obs      ? 
_reflns_shell.pdbx_chi_squared       ? 
# 
_refine.pdbx_refine_id                           'X-RAY DIFFRACTION' 
_refine.entry_id                                 4QOB 
_refine.pdbx_diffrn_id                           1 
_refine.pdbx_TLS_residual_ADP_flag               ? 
_refine.ls_number_reflns_obs                     7061 
_refine.ls_number_reflns_all                     ? 
_refine.pdbx_ls_sigma_I                          ? 
_refine.pdbx_ls_sigma_F                          . 
_refine.pdbx_data_cutoff_high_absF               ? 
_refine.pdbx_data_cutoff_low_absF                ? 
_refine.pdbx_data_cutoff_high_rms_absF           ? 
_refine.ls_d_res_low                             38.59 
_refine.ls_d_res_high                            2.70 
_refine.ls_percent_reflns_obs                    99.06 
_refine.ls_R_factor_obs                          0.25244 
_refine.ls_R_factor_all                          ? 
_refine.ls_R_factor_R_work                       0.24737 
_refine.ls_R_factor_R_free                       0.29986 
_refine.ls_R_factor_R_free_error                 ? 
_refine.ls_R_factor_R_free_error_details         ? 
_refine.ls_percent_reflns_R_free                 9.9 
_refine.ls_number_reflns_R_free                  778 
_refine.ls_number_parameters                     ? 
_refine.ls_number_restraints                     ? 
_refine.occupancy_min                            ? 
_refine.occupancy_max                            ? 
_refine.correlation_coeff_Fo_to_Fc               0.901 
_refine.correlation_coeff_Fo_to_Fc_free          0.876 
_refine.B_iso_mean                               38.087 
_refine.aniso_B[1][1]                            0.00 
_refine.aniso_B[2][2]                            0.00 
_refine.aniso_B[3][3]                            0.00 
_refine.aniso_B[1][2]                            0.00 
_refine.aniso_B[1][3]                            0.00 
_refine.aniso_B[2][3]                            0.00 
_refine.solvent_model_details                    MASK 
_refine.solvent_model_param_ksol                 ? 
_refine.solvent_model_param_bsol                 ? 
_refine.pdbx_solvent_vdw_probe_radii             1.20 
_refine.pdbx_solvent_ion_probe_radii             0.80 
_refine.pdbx_solvent_shrinkage_radii             0.80 
_refine.pdbx_ls_cross_valid_method               THROUGHOUT 
_refine.details                                  'HYDROGENS HAVE BEEN ADDED IN THE RIDING POSITIONS' 
_refine.pdbx_starting_model                      ? 
_refine.pdbx_method_to_determine_struct          SAD 
_refine.pdbx_isotropic_thermal_model             ? 
_refine.pdbx_stereochemistry_target_values       'MAXIMUM LIKELIHOOD' 
_refine.pdbx_stereochem_target_val_spec_case     ? 
_refine.pdbx_R_Free_selection_details            RANDOM 
_refine.pdbx_overall_ESU_R                       0.695 
_refine.pdbx_overall_ESU_R_Free                  0.377 
_refine.overall_SU_ML                            0.237 
_refine.pdbx_overall_phase_error                 ? 
_refine.overall_SU_B                             11.293 
_refine.overall_SU_R_Cruickshank_DPI             ? 
_refine.pdbx_overall_SU_R_free_Cruickshank_DPI   ? 
_refine.pdbx_overall_SU_R_Blow_DPI               ? 
_refine.pdbx_overall_SU_R_free_Blow_DPI          ? 
_refine.ls_redundancy_reflns_obs                 ? 
_refine.B_iso_min                                ? 
_refine.B_iso_max                                ? 
_refine.overall_SU_R_free                        ? 
_refine.ls_wR_factor_R_free                      ? 
_refine.ls_wR_factor_R_work                      ? 
_refine.overall_FOM_free_R_set                   ? 
_refine.overall_FOM_work_R_set                   ? 
# 
_refine_hist.pdbx_refine_id                   'X-RAY DIFFRACTION' 
_refine_hist.cycle_id                         LAST 
_refine_hist.pdbx_number_atoms_protein        1390 
_refine_hist.pdbx_number_atoms_nucleic_acid   0 
_refine_hist.pdbx_number_atoms_ligand         0 
_refine_hist.number_atoms_solvent             22 
_refine_hist.number_atoms_total               1412 
_refine_hist.d_res_high                       2.70 
_refine_hist.d_res_low                        38.59 
# 
loop_
_refine_ls_restr.type 
_refine_ls_restr.dev_ideal 
_refine_ls_restr.dev_ideal_target 
_refine_ls_restr.weight 
_refine_ls_restr.number 
_refine_ls_restr.pdbx_refine_id 
_refine_ls_restr.pdbx_restraint_function 
r_bond_refined_d             0.014  0.019  ? 1404 'X-RAY DIFFRACTION' ? 
r_bond_other_d               0.001  0.020  ? 1458 'X-RAY DIFFRACTION' ? 
r_angle_refined_deg          1.675  2.024  ? 1886 'X-RAY DIFFRACTION' ? 
r_angle_other_deg            0.848  3.000  ? 3348 'X-RAY DIFFRACTION' ? 
r_dihedral_angle_1_deg       7.145  5.000  ? 172  'X-RAY DIFFRACTION' ? 
r_dihedral_angle_2_deg       33.802 23.226 ? 62   'X-RAY DIFFRACTION' ? 
r_dihedral_angle_3_deg       20.217 15.000 ? 281  'X-RAY DIFFRACTION' ? 
r_dihedral_angle_4_deg       14.909 15.000 ? 16   'X-RAY DIFFRACTION' ? 
r_chiral_restr               0.089  0.200  ? 222  'X-RAY DIFFRACTION' ? 
r_gen_planes_refined         0.005  0.020  ? 1522 'X-RAY DIFFRACTION' ? 
r_gen_planes_other           0.001  0.020  ? 286  'X-RAY DIFFRACTION' ? 
r_nbd_refined                ?      ?      ? ?    'X-RAY DIFFRACTION' ? 
r_nbd_other                  ?      ?      ? ?    'X-RAY DIFFRACTION' ? 
r_nbtor_refined              ?      ?      ? ?    'X-RAY DIFFRACTION' ? 
r_nbtor_other                ?      ?      ? ?    'X-RAY DIFFRACTION' ? 
r_xyhbond_nbd_refined        ?      ?      ? ?    'X-RAY DIFFRACTION' ? 
r_xyhbond_nbd_other          ?      ?      ? ?    'X-RAY DIFFRACTION' ? 
r_metal_ion_refined          ?      ?      ? ?    'X-RAY DIFFRACTION' ? 
r_metal_ion_other            ?      ?      ? ?    'X-RAY DIFFRACTION' ? 
r_symmetry_vdw_refined       ?      ?      ? ?    'X-RAY DIFFRACTION' ? 
r_symmetry_vdw_other         ?      ?      ? ?    'X-RAY DIFFRACTION' ? 
r_symmetry_hbond_refined     ?      ?      ? ?    'X-RAY DIFFRACTION' ? 
r_symmetry_hbond_other       ?      ?      ? ?    'X-RAY DIFFRACTION' ? 
r_symmetry_metal_ion_refined ?      ?      ? ?    'X-RAY DIFFRACTION' ? 
r_symmetry_metal_ion_other   ?      ?      ? ?    'X-RAY DIFFRACTION' ? 
r_mcbond_it                  2.770  3.434  ? 694  'X-RAY DIFFRACTION' ? 
r_mcbond_other               2.746  3.430  ? 693  'X-RAY DIFFRACTION' ? 
r_mcangle_it                 4.434  5.128  ? 864  'X-RAY DIFFRACTION' ? 
r_mcangle_other              ?      ?      ? ?    'X-RAY DIFFRACTION' ? 
r_scbond_it                  3.916  4.019  ? 708  'X-RAY DIFFRACTION' ? 
r_scbond_other               ?      ?      ? ?    'X-RAY DIFFRACTION' ? 
r_scangle_it                 ?      ?      ? ?    'X-RAY DIFFRACTION' ? 
r_scangle_other              ?      ?      ? ?    'X-RAY DIFFRACTION' ? 
r_long_range_B_refined       ?      ?      ? ?    'X-RAY DIFFRACTION' ? 
r_long_range_B_other         ?      ?      ? ?    'X-RAY DIFFRACTION' ? 
r_rigid_bond_restr           ?      ?      ? ?    'X-RAY DIFFRACTION' ? 
r_sphericity_free            ?      ?      ? ?    'X-RAY DIFFRACTION' ? 
r_sphericity_bonded          ?      ?      ? ?    'X-RAY DIFFRACTION' ? 
# 
_refine_ls_shell.pdbx_refine_id                   'X-RAY DIFFRACTION' 
_refine_ls_shell.pdbx_total_number_of_bins_used   20 
_refine_ls_shell.d_res_high                       2.704 
_refine_ls_shell.d_res_low                        2.774 
_refine_ls_shell.number_reflns_R_work             497 
_refine_ls_shell.R_factor_R_work                  0.360 
_refine_ls_shell.percent_reflns_obs               96.34 
_refine_ls_shell.R_factor_R_free                  0.342 
_refine_ls_shell.R_factor_R_free_error            ? 
_refine_ls_shell.percent_reflns_R_free            ? 
_refine_ls_shell.number_reflns_R_free             55 
_refine_ls_shell.number_reflns_all                ? 
_refine_ls_shell.R_factor_all                     ? 
_refine_ls_shell.redundancy_reflns_obs            ? 
_refine_ls_shell.number_reflns_obs                ? 
# 
_struct.entry_id                  4QOB 
_struct.title                     'Crystal structure of cPOP1' 
_struct.pdbx_model_details        ? 
_struct.pdbx_CASP_flag            ? 
_struct.pdbx_model_type_details   ? 
# 
_struct_keywords.entry_id        4QOB 
_struct_keywords.pdbx_keywords   'PROTEIN BINDING' 
_struct_keywords.text            'Death domain superfamily, PROTEIN BINDING' 
# 
loop_
_struct_asym.id 
_struct_asym.pdbx_blank_PDB_chainid_flag 
_struct_asym.pdbx_modified 
_struct_asym.entity_id 
_struct_asym.details 
A N N 1 ? 
B N N 1 ? 
C N N 2 ? 
D N N 2 ? 
# 
_struct_ref.id                         1 
_struct_ref.db_name                    UNP 
_struct_ref.db_code                    PYDC1_HUMAN 
_struct_ref.pdbx_db_accession          Q8WXC3 
_struct_ref.entity_id                  1 
_struct_ref.pdbx_seq_one_letter_code   
;MGTKREAILKVLENLTPEELKKFKMKLGTVPLREGFERIPRGALGQLDIVDLTDKLVASYYEDYAAELVVAVLRDMRMLE
EAARLQRAA
;
_struct_ref.pdbx_align_begin           1 
_struct_ref.pdbx_db_isoform            ? 
# 
loop_
_struct_ref_seq.align_id 
_struct_ref_seq.ref_id 
_struct_ref_seq.pdbx_PDB_id_code 
_struct_ref_seq.pdbx_strand_id 
_struct_ref_seq.seq_align_beg 
_struct_ref_seq.pdbx_seq_align_beg_ins_code 
_struct_ref_seq.seq_align_end 
_struct_ref_seq.pdbx_seq_align_end_ins_code 
_struct_ref_seq.pdbx_db_accession 
_struct_ref_seq.db_align_beg 
_struct_ref_seq.pdbx_db_align_beg_ins_code 
_struct_ref_seq.db_align_end 
_struct_ref_seq.pdbx_db_align_end_ins_code 
_struct_ref_seq.pdbx_auth_seq_align_beg 
_struct_ref_seq.pdbx_auth_seq_align_end 
1 1 4QOB A 1 ? 89 ? Q8WXC3 1 ? 89 ? 1 89 
2 1 4QOB B 1 ? 89 ? Q8WXC3 1 ? 89 ? 1 89 
# 
loop_
_struct_ref_seq_dif.align_id 
_struct_ref_seq_dif.pdbx_pdb_id_code 
_struct_ref_seq_dif.mon_id 
_struct_ref_seq_dif.pdbx_pdb_strand_id 
_struct_ref_seq_dif.seq_num 
_struct_ref_seq_dif.pdbx_pdb_ins_code 
_struct_ref_seq_dif.pdbx_seq_db_name 
_struct_ref_seq_dif.pdbx_seq_db_accession_code 
_struct_ref_seq_dif.db_mon_id 
_struct_ref_seq_dif.pdbx_seq_db_seq_num 
_struct_ref_seq_dif.details 
_struct_ref_seq_dif.pdbx_auth_seq_num 
_struct_ref_seq_dif.pdbx_ordinal 
1 4QOB LEU A 90 ? UNP Q8WXC3 ? ? 'expression tag' 90 1  
1 4QOB GLU A 91 ? UNP Q8WXC3 ? ? 'expression tag' 91 2  
1 4QOB HIS A 92 ? UNP Q8WXC3 ? ? 'expression tag' 92 3  
1 4QOB HIS A 93 ? UNP Q8WXC3 ? ? 'expression tag' 93 4  
1 4QOB HIS A 94 ? UNP Q8WXC3 ? ? 'expression tag' 94 5  
1 4QOB HIS A 95 ? UNP Q8WXC3 ? ? 'expression tag' 95 6  
1 4QOB HIS A 96 ? UNP Q8WXC3 ? ? 'expression tag' 96 7  
1 4QOB HIS A 97 ? UNP Q8WXC3 ? ? 'expression tag' 97 8  
2 4QOB LEU B 90 ? UNP Q8WXC3 ? ? 'expression tag' 90 9  
2 4QOB GLU B 91 ? UNP Q8WXC3 ? ? 'expression tag' 91 10 
2 4QOB HIS B 92 ? UNP Q8WXC3 ? ? 'expression tag' 92 11 
2 4QOB HIS B 93 ? UNP Q8WXC3 ? ? 'expression tag' 93 12 
2 4QOB HIS B 94 ? UNP Q8WXC3 ? ? 'expression tag' 94 13 
2 4QOB HIS B 95 ? UNP Q8WXC3 ? ? 'expression tag' 95 14 
2 4QOB HIS B 96 ? UNP Q8WXC3 ? ? 'expression tag' 96 15 
2 4QOB HIS B 97 ? UNP Q8WXC3 ? ? 'expression tag' 97 16 
# 
loop_
_pdbx_struct_assembly.id 
_pdbx_struct_assembly.details 
_pdbx_struct_assembly.method_details 
_pdbx_struct_assembly.oligomeric_details 
_pdbx_struct_assembly.oligomeric_count 
1 author_and_software_defined_assembly PISA monomeric 1 
2 author_and_software_defined_assembly PISA monomeric 1 
# 
loop_
_pdbx_struct_assembly_gen.assembly_id 
_pdbx_struct_assembly_gen.oper_expression 
_pdbx_struct_assembly_gen.asym_id_list 
1 1 A,C 
2 1 B,D 
# 
_pdbx_struct_oper_list.id                   1 
_pdbx_struct_oper_list.type                 'identity operation' 
_pdbx_struct_oper_list.name                 1_555 
_pdbx_struct_oper_list.symmetry_operation   x,y,z 
_pdbx_struct_oper_list.matrix[1][1]         1.0000000000 
_pdbx_struct_oper_list.matrix[1][2]         0.0000000000 
_pdbx_struct_oper_list.matrix[1][3]         0.0000000000 
_pdbx_struct_oper_list.vector[1]            0.0000000000 
_pdbx_struct_oper_list.matrix[2][1]         0.0000000000 
_pdbx_struct_oper_list.matrix[2][2]         1.0000000000 
_pdbx_struct_oper_list.matrix[2][3]         0.0000000000 
_pdbx_struct_oper_list.vector[2]            0.0000000000 
_pdbx_struct_oper_list.matrix[3][1]         0.0000000000 
_pdbx_struct_oper_list.matrix[3][2]         0.0000000000 
_pdbx_struct_oper_list.matrix[3][3]         1.0000000000 
_pdbx_struct_oper_list.vector[3]            0.0000000000 
# 
_struct_biol.id        1 
_struct_biol.details   ? 
# 
loop_
_struct_conf.conf_type_id 
_struct_conf.id 
_struct_conf.pdbx_PDB_helix_id 
_struct_conf.beg_label_comp_id 
_struct_conf.beg_label_asym_id 
_struct_conf.beg_label_seq_id 
_struct_conf.pdbx_beg_PDB_ins_code 
_struct_conf.end_label_comp_id 
_struct_conf.end_label_asym_id 
_struct_conf.end_label_seq_id 
_struct_conf.pdbx_end_PDB_ins_code 
_struct_conf.beg_auth_comp_id 
_struct_conf.beg_auth_asym_id 
_struct_conf.beg_auth_seq_id 
_struct_conf.end_auth_comp_id 
_struct_conf.end_auth_asym_id 
_struct_conf.end_auth_seq_id 
_struct_conf.pdbx_PDB_helix_class 
_struct_conf.details 
_struct_conf.pdbx_PDB_helix_length 
HELX_P HELX_P1  1  THR A 3  ? ASN A 14 ? THR A 3  ASN A 14 1 ? 12 
HELX_P HELX_P2  2  THR A 16 ? GLY A 28 ? THR A 16 GLY A 28 1 ? 13 
HELX_P HELX_P3  3  PRO A 40 ? GLN A 46 ? PRO A 40 GLN A 46 1 ? 7  
HELX_P HELX_P4  4  ASP A 48 ? TYR A 61 ? ASP A 48 TYR A 61 1 ? 14 
HELX_P HELX_P5  5  TYR A 61 ? MET A 76 ? TYR A 61 MET A 76 1 ? 16 
HELX_P HELX_P6  6  MET A 78 ? ALA A 89 ? MET A 78 ALA A 89 1 ? 12 
HELX_P HELX_P7  7  LYS B 4  ? ASN B 14 ? LYS B 4  ASN B 14 1 ? 11 
HELX_P HELX_P8  8  THR B 16 ? GLY B 28 ? THR B 16 GLY B 28 1 ? 13 
HELX_P HELX_P9  9  PRO B 40 ? GLN B 46 ? PRO B 40 GLN B 46 1 ? 7  
HELX_P HELX_P10 10 ASP B 48 ? TYR B 61 ? ASP B 48 TYR B 61 1 ? 14 
HELX_P HELX_P11 11 TYR B 61 ? MET B 76 ? TYR B 61 MET B 76 1 ? 16 
HELX_P HELX_P12 12 GLU B 80 ? ALA B 88 ? GLU B 80 ALA B 88 1 ? 9  
# 
_struct_conf_type.id          HELX_P 
_struct_conf_type.criteria    ? 
_struct_conf_type.reference   ? 
# 
loop_
_pdbx_validate_close_contact.id 
_pdbx_validate_close_contact.PDB_model_num 
_pdbx_validate_close_contact.auth_atom_id_1 
_pdbx_validate_close_contact.auth_asym_id_1 
_pdbx_validate_close_contact.auth_comp_id_1 
_pdbx_validate_close_contact.auth_seq_id_1 
_pdbx_validate_close_contact.PDB_ins_code_1 
_pdbx_validate_close_contact.label_alt_id_1 
_pdbx_validate_close_contact.auth_atom_id_2 
_pdbx_validate_close_contact.auth_asym_id_2 
_pdbx_validate_close_contact.auth_comp_id_2 
_pdbx_validate_close_contact.auth_seq_id_2 
_pdbx_validate_close_contact.PDB_ins_code_2 
_pdbx_validate_close_contact.label_alt_id_2 
_pdbx_validate_close_contact.dist 
1 1 O A THR 3 ? ? O A HOH 110 ? ? 1.99 
2 1 N A GLU 6 ? ? O A HOH 110 ? ? 2.17 
# 
_pdbx_validate_rmsd_bond.id                        1 
_pdbx_validate_rmsd_bond.PDB_model_num             1 
_pdbx_validate_rmsd_bond.auth_atom_id_1            CG 
_pdbx_validate_rmsd_bond.auth_asym_id_1            B 
_pdbx_validate_rmsd_bond.auth_comp_id_1            MET 
_pdbx_validate_rmsd_bond.auth_seq_id_1             25 
_pdbx_validate_rmsd_bond.PDB_ins_code_1            ? 
_pdbx_validate_rmsd_bond.label_alt_id_1            ? 
_pdbx_validate_rmsd_bond.auth_atom_id_2            SD 
_pdbx_validate_rmsd_bond.auth_asym_id_2            B 
_pdbx_validate_rmsd_bond.auth_comp_id_2            MET 
_pdbx_validate_rmsd_bond.auth_seq_id_2             25 
_pdbx_validate_rmsd_bond.PDB_ins_code_2            ? 
_pdbx_validate_rmsd_bond.label_alt_id_2            ? 
_pdbx_validate_rmsd_bond.bond_value                1.991 
_pdbx_validate_rmsd_bond.bond_target_value         1.807 
_pdbx_validate_rmsd_bond.bond_deviation            0.184 
_pdbx_validate_rmsd_bond.bond_standard_deviation   0.026 
_pdbx_validate_rmsd_bond.linker_flag               N 
# 
loop_
_pdbx_validate_torsion.id 
_pdbx_validate_torsion.PDB_model_num 
_pdbx_validate_torsion.auth_comp_id 
_pdbx_validate_torsion.auth_asym_id 
_pdbx_validate_torsion.auth_seq_id 
_pdbx_validate_torsion.PDB_ins_code 
_pdbx_validate_torsion.label_alt_id 
_pdbx_validate_torsion.phi 
_pdbx_validate_torsion.psi 
1 1 GLN A 46 ? ? -86.42 41.04  
2 1 TYR A 61 ? ? 72.17  162.47 
3 1 GLN B 46 ? ? -92.02 45.12  
4 1 TYR B 61 ? ? 67.17  161.91 
5 1 LEU B 79 ? ? -89.47 35.59  
# 
_pdbx_validate_peptide_omega.id               1 
_pdbx_validate_peptide_omega.PDB_model_num    1 
_pdbx_validate_peptide_omega.auth_comp_id_1   LEU 
_pdbx_validate_peptide_omega.auth_asym_id_1   B 
_pdbx_validate_peptide_omega.auth_seq_id_1    79 
_pdbx_validate_peptide_omega.PDB_ins_code_1   ? 
_pdbx_validate_peptide_omega.label_alt_id_1   ? 
_pdbx_validate_peptide_omega.auth_comp_id_2   GLU 
_pdbx_validate_peptide_omega.auth_asym_id_2   B 
_pdbx_validate_peptide_omega.auth_seq_id_2    80 
_pdbx_validate_peptide_omega.PDB_ins_code_2   ? 
_pdbx_validate_peptide_omega.label_alt_id_2   ? 
_pdbx_validate_peptide_omega.omega            143.69 
# 
loop_
_pdbx_unobs_or_zero_occ_residues.id 
_pdbx_unobs_or_zero_occ_residues.PDB_model_num 
_pdbx_unobs_or_zero_occ_residues.polymer_flag 
_pdbx_unobs_or_zero_occ_residues.occupancy_flag 
_pdbx_unobs_or_zero_occ_residues.auth_asym_id 
_pdbx_unobs_or_zero_occ_residues.auth_comp_id 
_pdbx_unobs_or_zero_occ_residues.auth_seq_id 
_pdbx_unobs_or_zero_occ_residues.PDB_ins_code 
_pdbx_unobs_or_zero_occ_residues.label_asym_id 
_pdbx_unobs_or_zero_occ_residues.label_comp_id 
_pdbx_unobs_or_zero_occ_residues.label_seq_id 
1  1 Y 1 A MET 1  ? A MET 1  
2  1 Y 1 A GLY 2  ? A GLY 2  
3  1 Y 1 A LEU 90 ? A LEU 90 
4  1 Y 1 A GLU 91 ? A GLU 91 
5  1 Y 1 A HIS 92 ? A HIS 92 
6  1 Y 1 A HIS 93 ? A HIS 93 
7  1 Y 1 A HIS 94 ? A HIS 94 
8  1 Y 1 A HIS 95 ? A HIS 95 
9  1 Y 1 A HIS 96 ? A HIS 96 
10 1 Y 1 A HIS 97 ? A HIS 97 
11 1 Y 1 B MET 1  ? B MET 1  
12 1 Y 1 B GLY 2  ? B GLY 2  
13 1 Y 1 B LEU 90 ? B LEU 90 
14 1 Y 1 B GLU 91 ? B GLU 91 
15 1 Y 1 B HIS 92 ? B HIS 92 
16 1 Y 1 B HIS 93 ? B HIS 93 
17 1 Y 1 B HIS 94 ? B HIS 94 
18 1 Y 1 B HIS 95 ? B HIS 95 
19 1 Y 1 B HIS 96 ? B HIS 96 
20 1 Y 1 B HIS 97 ? B HIS 97 
# 
loop_
_chem_comp_atom.comp_id 
_chem_comp_atom.atom_id 
_chem_comp_atom.type_symbol 
_chem_comp_atom.pdbx_aromatic_flag 
_chem_comp_atom.pdbx_stereo_config 
_chem_comp_atom.pdbx_ordinal 
ALA N    N N N 1   
ALA CA   C N S 2   
ALA C    C N N 3   
ALA O    O N N 4   
ALA CB   C N N 5   
ALA OXT  O N N 6   
ALA H    H N N 7   
ALA H2   H N N 8   
ALA HA   H N N 9   
ALA HB1  H N N 10  
ALA HB2  H N N 11  
ALA HB3  H N N 12  
ALA HXT  H N N 13  
ARG N    N N N 14  
ARG CA   C N S 15  
ARG C    C N N 16  
ARG O    O N N 17  
ARG CB   C N N 18  
ARG CG   C N N 19  
ARG CD   C N N 20  
ARG NE   N N N 21  
ARG CZ   C N N 22  
ARG NH1  N N N 23  
ARG NH2  N N N 24  
ARG OXT  O N N 25  
ARG H    H N N 26  
ARG H2   H N N 27  
ARG HA   H N N 28  
ARG HB2  H N N 29  
ARG HB3  H N N 30  
ARG HG2  H N N 31  
ARG HG3  H N N 32  
ARG HD2  H N N 33  
ARG HD3  H N N 34  
ARG HE   H N N 35  
ARG HH11 H N N 36  
ARG HH12 H N N 37  
ARG HH21 H N N 38  
ARG HH22 H N N 39  
ARG HXT  H N N 40  
ASN N    N N N 41  
ASN CA   C N S 42  
ASN C    C N N 43  
ASN O    O N N 44  
ASN CB   C N N 45  
ASN CG   C N N 46  
ASN OD1  O N N 47  
ASN ND2  N N N 48  
ASN OXT  O N N 49  
ASN H    H N N 50  
ASN H2   H N N 51  
ASN HA   H N N 52  
ASN HB2  H N N 53  
ASN HB3  H N N 54  
ASN HD21 H N N 55  
ASN HD22 H N N 56  
ASN HXT  H N N 57  
ASP N    N N N 58  
ASP CA   C N S 59  
ASP C    C N N 60  
ASP O    O N N 61  
ASP CB   C N N 62  
ASP CG   C N N 63  
ASP OD1  O N N 64  
ASP OD2  O N N 65  
ASP OXT  O N N 66  
ASP H    H N N 67  
ASP H2   H N N 68  
ASP HA   H N N 69  
ASP HB2  H N N 70  
ASP HB3  H N N 71  
ASP HD2  H N N 72  
ASP HXT  H N N 73  
GLN N    N N N 74  
GLN CA   C N S 75  
GLN C    C N N 76  
GLN O    O N N 77  
GLN CB   C N N 78  
GLN CG   C N N 79  
GLN CD   C N N 80  
GLN OE1  O N N 81  
GLN NE2  N N N 82  
GLN OXT  O N N 83  
GLN H    H N N 84  
GLN H2   H N N 85  
GLN HA   H N N 86  
GLN HB2  H N N 87  
GLN HB3  H N N 88  
GLN HG2  H N N 89  
GLN HG3  H N N 90  
GLN HE21 H N N 91  
GLN HE22 H N N 92  
GLN HXT  H N N 93  
GLU N    N N N 94  
GLU CA   C N S 95  
GLU C    C N N 96  
GLU O    O N N 97  
GLU CB   C N N 98  
GLU CG   C N N 99  
GLU CD   C N N 100 
GLU OE1  O N N 101 
GLU OE2  O N N 102 
GLU OXT  O N N 103 
GLU H    H N N 104 
GLU H2   H N N 105 
GLU HA   H N N 106 
GLU HB2  H N N 107 
GLU HB3  H N N 108 
GLU HG2  H N N 109 
GLU HG3  H N N 110 
GLU HE2  H N N 111 
GLU HXT  H N N 112 
GLY N    N N N 113 
GLY CA   C N N 114 
GLY C    C N N 115 
GLY O    O N N 116 
GLY OXT  O N N 117 
GLY H    H N N 118 
GLY H2   H N N 119 
GLY HA2  H N N 120 
GLY HA3  H N N 121 
GLY HXT  H N N 122 
HIS N    N N N 123 
HIS CA   C N S 124 
HIS C    C N N 125 
HIS O    O N N 126 
HIS CB   C N N 127 
HIS CG   C Y N 128 
HIS ND1  N Y N 129 
HIS CD2  C Y N 130 
HIS CE1  C Y N 131 
HIS NE2  N Y N 132 
HIS OXT  O N N 133 
HIS H    H N N 134 
HIS H2   H N N 135 
HIS HA   H N N 136 
HIS HB2  H N N 137 
HIS HB3  H N N 138 
HIS HD1  H N N 139 
HIS HD2  H N N 140 
HIS HE1  H N N 141 
HIS HE2  H N N 142 
HIS HXT  H N N 143 
HOH O    O N N 144 
HOH H1   H N N 145 
HOH H2   H N N 146 
ILE N    N N N 147 
ILE CA   C N S 148 
ILE C    C N N 149 
ILE O    O N N 150 
ILE CB   C N S 151 
ILE CG1  C N N 152 
ILE CG2  C N N 153 
ILE CD1  C N N 154 
ILE OXT  O N N 155 
ILE H    H N N 156 
ILE H2   H N N 157 
ILE HA   H N N 158 
ILE HB   H N N 159 
ILE HG12 H N N 160 
ILE HG13 H N N 161 
ILE HG21 H N N 162 
ILE HG22 H N N 163 
ILE HG23 H N N 164 
ILE HD11 H N N 165 
ILE HD12 H N N 166 
ILE HD13 H N N 167 
ILE HXT  H N N 168 
LEU N    N N N 169 
LEU CA   C N S 170 
LEU C    C N N 171 
LEU O    O N N 172 
LEU CB   C N N 173 
LEU CG   C N N 174 
LEU CD1  C N N 175 
LEU CD2  C N N 176 
LEU OXT  O N N 177 
LEU H    H N N 178 
LEU H2   H N N 179 
LEU HA   H N N 180 
LEU HB2  H N N 181 
LEU HB3  H N N 182 
LEU HG   H N N 183 
LEU HD11 H N N 184 
LEU HD12 H N N 185 
LEU HD13 H N N 186 
LEU HD21 H N N 187 
LEU HD22 H N N 188 
LEU HD23 H N N 189 
LEU HXT  H N N 190 
LYS N    N N N 191 
LYS CA   C N S 192 
LYS C    C N N 193 
LYS O    O N N 194 
LYS CB   C N N 195 
LYS CG   C N N 196 
LYS CD   C N N 197 
LYS CE   C N N 198 
LYS NZ   N N N 199 
LYS OXT  O N N 200 
LYS H    H N N 201 
LYS H2   H N N 202 
LYS HA   H N N 203 
LYS HB2  H N N 204 
LYS HB3  H N N 205 
LYS HG2  H N N 206 
LYS HG3  H N N 207 
LYS HD2  H N N 208 
LYS HD3  H N N 209 
LYS HE2  H N N 210 
LYS HE3  H N N 211 
LYS HZ1  H N N 212 
LYS HZ2  H N N 213 
LYS HZ3  H N N 214 
LYS HXT  H N N 215 
MET N    N N N 216 
MET CA   C N S 217 
MET C    C N N 218 
MET O    O N N 219 
MET CB   C N N 220 
MET CG   C N N 221 
MET SD   S N N 222 
MET CE   C N N 223 
MET OXT  O N N 224 
MET H    H N N 225 
MET H2   H N N 226 
MET HA   H N N 227 
MET HB2  H N N 228 
MET HB3  H N N 229 
MET HG2  H N N 230 
MET HG3  H N N 231 
MET HE1  H N N 232 
MET HE2  H N N 233 
MET HE3  H N N 234 
MET HXT  H N N 235 
PHE N    N N N 236 
PHE CA   C N S 237 
PHE C    C N N 238 
PHE O    O N N 239 
PHE CB   C N N 240 
PHE CG   C Y N 241 
PHE CD1  C Y N 242 
PHE CD2  C Y N 243 
PHE CE1  C Y N 244 
PHE CE2  C Y N 245 
PHE CZ   C Y N 246 
PHE OXT  O N N 247 
PHE H    H N N 248 
PHE H2   H N N 249 
PHE HA   H N N 250 
PHE HB2  H N N 251 
PHE HB3  H N N 252 
PHE HD1  H N N 253 
PHE HD2  H N N 254 
PHE HE1  H N N 255 
PHE HE2  H N N 256 
PHE HZ   H N N 257 
PHE HXT  H N N 258 
PRO N    N N N 259 
PRO CA   C N S 260 
PRO C    C N N 261 
PRO O    O N N 262 
PRO CB   C N N 263 
PRO CG   C N N 264 
PRO CD   C N N 265 
PRO OXT  O N N 266 
PRO H    H N N 267 
PRO HA   H N N 268 
PRO HB2  H N N 269 
PRO HB3  H N N 270 
PRO HG2  H N N 271 
PRO HG3  H N N 272 
PRO HD2  H N N 273 
PRO HD3  H N N 274 
PRO HXT  H N N 275 
SER N    N N N 276 
SER CA   C N S 277 
SER C    C N N 278 
SER O    O N N 279 
SER CB   C N N 280 
SER OG   O N N 281 
SER OXT  O N N 282 
SER H    H N N 283 
SER H2   H N N 284 
SER HA   H N N 285 
SER HB2  H N N 286 
SER HB3  H N N 287 
SER HG   H N N 288 
SER HXT  H N N 289 
THR N    N N N 290 
THR CA   C N S 291 
THR C    C N N 292 
THR O    O N N 293 
THR CB   C N R 294 
THR OG1  O N N 295 
THR CG2  C N N 296 
THR OXT  O N N 297 
THR H    H N N 298 
THR H2   H N N 299 
THR HA   H N N 300 
THR HB   H N N 301 
THR HG1  H N N 302 
THR HG21 H N N 303 
THR HG22 H N N 304 
THR HG23 H N N 305 
THR HXT  H N N 306 
TYR N    N N N 307 
TYR CA   C N S 308 
TYR C    C N N 309 
TYR O    O N N 310 
TYR CB   C N N 311 
TYR CG   C Y N 312 
TYR CD1  C Y N 313 
TYR CD2  C Y N 314 
TYR CE1  C Y N 315 
TYR CE2  C Y N 316 
TYR CZ   C Y N 317 
TYR OH   O N N 318 
TYR OXT  O N N 319 
TYR H    H N N 320 
TYR H2   H N N 321 
TYR HA   H N N 322 
TYR HB2  H N N 323 
TYR HB3  H N N 324 
TYR HD1  H N N 325 
TYR HD2  H N N 326 
TYR HE1  H N N 327 
TYR HE2  H N N 328 
TYR HH   H N N 329 
TYR HXT  H N N 330 
VAL N    N N N 331 
VAL CA   C N S 332 
VAL C    C N N 333 
VAL O    O N N 334 
VAL CB   C N N 335 
VAL CG1  C N N 336 
VAL CG2  C N N 337 
VAL OXT  O N N 338 
VAL H    H N N 339 
VAL H2   H N N 340 
VAL HA   H N N 341 
VAL HB   H N N 342 
VAL HG11 H N N 343 
VAL HG12 H N N 344 
VAL HG13 H N N 345 
VAL HG21 H N N 346 
VAL HG22 H N N 347 
VAL HG23 H N N 348 
VAL HXT  H N N 349 
# 
loop_
_chem_comp_bond.comp_id 
_chem_comp_bond.atom_id_1 
_chem_comp_bond.atom_id_2 
_chem_comp_bond.value_order 
_chem_comp_bond.pdbx_aromatic_flag 
_chem_comp_bond.pdbx_stereo_config 
_chem_comp_bond.pdbx_ordinal 
ALA N   CA   sing N N 1   
ALA N   H    sing N N 2   
ALA N   H2   sing N N 3   
ALA CA  C    sing N N 4   
ALA CA  CB   sing N N 5   
ALA CA  HA   sing N N 6   
ALA C   O    doub N N 7   
ALA C   OXT  sing N N 8   
ALA CB  HB1  sing N N 9   
ALA CB  HB2  sing N N 10  
ALA CB  HB3  sing N N 11  
ALA OXT HXT  sing N N 12  
ARG N   CA   sing N N 13  
ARG N   H    sing N N 14  
ARG N   H2   sing N N 15  
ARG CA  C    sing N N 16  
ARG CA  CB   sing N N 17  
ARG CA  HA   sing N N 18  
ARG C   O    doub N N 19  
ARG C   OXT  sing N N 20  
ARG CB  CG   sing N N 21  
ARG CB  HB2  sing N N 22  
ARG CB  HB3  sing N N 23  
ARG CG  CD   sing N N 24  
ARG CG  HG2  sing N N 25  
ARG CG  HG3  sing N N 26  
ARG CD  NE   sing N N 27  
ARG CD  HD2  sing N N 28  
ARG CD  HD3  sing N N 29  
ARG NE  CZ   sing N N 30  
ARG NE  HE   sing N N 31  
ARG CZ  NH1  sing N N 32  
ARG CZ  NH2  doub N N 33  
ARG NH1 HH11 sing N N 34  
ARG NH1 HH12 sing N N 35  
ARG NH2 HH21 sing N N 36  
ARG NH2 HH22 sing N N 37  
ARG OXT HXT  sing N N 38  
ASN N   CA   sing N N 39  
ASN N   H    sing N N 40  
ASN N   H2   sing N N 41  
ASN CA  C    sing N N 42  
ASN CA  CB   sing N N 43  
ASN CA  HA   sing N N 44  
ASN C   O    doub N N 45  
ASN C   OXT  sing N N 46  
ASN CB  CG   sing N N 47  
ASN CB  HB2  sing N N 48  
ASN CB  HB3  sing N N 49  
ASN CG  OD1  doub N N 50  
ASN CG  ND2  sing N N 51  
ASN ND2 HD21 sing N N 52  
ASN ND2 HD22 sing N N 53  
ASN OXT HXT  sing N N 54  
ASP N   CA   sing N N 55  
ASP N   H    sing N N 56  
ASP N   H2   sing N N 57  
ASP CA  C    sing N N 58  
ASP CA  CB   sing N N 59  
ASP CA  HA   sing N N 60  
ASP C   O    doub N N 61  
ASP C   OXT  sing N N 62  
ASP CB  CG   sing N N 63  
ASP CB  HB2  sing N N 64  
ASP CB  HB3  sing N N 65  
ASP CG  OD1  doub N N 66  
ASP CG  OD2  sing N N 67  
ASP OD2 HD2  sing N N 68  
ASP OXT HXT  sing N N 69  
GLN N   CA   sing N N 70  
GLN N   H    sing N N 71  
GLN N   H2   sing N N 72  
GLN CA  C    sing N N 73  
GLN CA  CB   sing N N 74  
GLN CA  HA   sing N N 75  
GLN C   O    doub N N 76  
GLN C   OXT  sing N N 77  
GLN CB  CG   sing N N 78  
GLN CB  HB2  sing N N 79  
GLN CB  HB3  sing N N 80  
GLN CG  CD   sing N N 81  
GLN CG  HG2  sing N N 82  
GLN CG  HG3  sing N N 83  
GLN CD  OE1  doub N N 84  
GLN CD  NE2  sing N N 85  
GLN NE2 HE21 sing N N 86  
GLN NE2 HE22 sing N N 87  
GLN OXT HXT  sing N N 88  
GLU N   CA   sing N N 89  
GLU N   H    sing N N 90  
GLU N   H2   sing N N 91  
GLU CA  C    sing N N 92  
GLU CA  CB   sing N N 93  
GLU CA  HA   sing N N 94  
GLU C   O    doub N N 95  
GLU C   OXT  sing N N 96  
GLU CB  CG   sing N N 97  
GLU CB  HB2  sing N N 98  
GLU CB  HB3  sing N N 99  
GLU CG  CD   sing N N 100 
GLU CG  HG2  sing N N 101 
GLU CG  HG3  sing N N 102 
GLU CD  OE1  doub N N 103 
GLU CD  OE2  sing N N 104 
GLU OE2 HE2  sing N N 105 
GLU OXT HXT  sing N N 106 
GLY N   CA   sing N N 107 
GLY N   H    sing N N 108 
GLY N   H2   sing N N 109 
GLY CA  C    sing N N 110 
GLY CA  HA2  sing N N 111 
GLY CA  HA3  sing N N 112 
GLY C   O    doub N N 113 
GLY C   OXT  sing N N 114 
GLY OXT HXT  sing N N 115 
HIS N   CA   sing N N 116 
HIS N   H    sing N N 117 
HIS N   H2   sing N N 118 
HIS CA  C    sing N N 119 
HIS CA  CB   sing N N 120 
HIS CA  HA   sing N N 121 
HIS C   O    doub N N 122 
HIS C   OXT  sing N N 123 
HIS CB  CG   sing N N 124 
HIS CB  HB2  sing N N 125 
HIS CB  HB3  sing N N 126 
HIS CG  ND1  sing Y N 127 
HIS CG  CD2  doub Y N 128 
HIS ND1 CE1  doub Y N 129 
HIS ND1 HD1  sing N N 130 
HIS CD2 NE2  sing Y N 131 
HIS CD2 HD2  sing N N 132 
HIS CE1 NE2  sing Y N 133 
HIS CE1 HE1  sing N N 134 
HIS NE2 HE2  sing N N 135 
HIS OXT HXT  sing N N 136 
HOH O   H1   sing N N 137 
HOH O   H2   sing N N 138 
ILE N   CA   sing N N 139 
ILE N   H    sing N N 140 
ILE N   H2   sing N N 141 
ILE CA  C    sing N N 142 
ILE CA  CB   sing N N 143 
ILE CA  HA   sing N N 144 
ILE C   O    doub N N 145 
ILE C   OXT  sing N N 146 
ILE CB  CG1  sing N N 147 
ILE CB  CG2  sing N N 148 
ILE CB  HB   sing N N 149 
ILE CG1 CD1  sing N N 150 
ILE CG1 HG12 sing N N 151 
ILE CG1 HG13 sing N N 152 
ILE CG2 HG21 sing N N 153 
ILE CG2 HG22 sing N N 154 
ILE CG2 HG23 sing N N 155 
ILE CD1 HD11 sing N N 156 
ILE CD1 HD12 sing N N 157 
ILE CD1 HD13 sing N N 158 
ILE OXT HXT  sing N N 159 
LEU N   CA   sing N N 160 
LEU N   H    sing N N 161 
LEU N   H2   sing N N 162 
LEU CA  C    sing N N 163 
LEU CA  CB   sing N N 164 
LEU CA  HA   sing N N 165 
LEU C   O    doub N N 166 
LEU C   OXT  sing N N 167 
LEU CB  CG   sing N N 168 
LEU CB  HB2  sing N N 169 
LEU CB  HB3  sing N N 170 
LEU CG  CD1  sing N N 171 
LEU CG  CD2  sing N N 172 
LEU CG  HG   sing N N 173 
LEU CD1 HD11 sing N N 174 
LEU CD1 HD12 sing N N 175 
LEU CD1 HD13 sing N N 176 
LEU CD2 HD21 sing N N 177 
LEU CD2 HD22 sing N N 178 
LEU CD2 HD23 sing N N 179 
LEU OXT HXT  sing N N 180 
LYS N   CA   sing N N 181 
LYS N   H    sing N N 182 
LYS N   H2   sing N N 183 
LYS CA  C    sing N N 184 
LYS CA  CB   sing N N 185 
LYS CA  HA   sing N N 186 
LYS C   O    doub N N 187 
LYS C   OXT  sing N N 188 
LYS CB  CG   sing N N 189 
LYS CB  HB2  sing N N 190 
LYS CB  HB3  sing N N 191 
LYS CG  CD   sing N N 192 
LYS CG  HG2  sing N N 193 
LYS CG  HG3  sing N N 194 
LYS CD  CE   sing N N 195 
LYS CD  HD2  sing N N 196 
LYS CD  HD3  sing N N 197 
LYS CE  NZ   sing N N 198 
LYS CE  HE2  sing N N 199 
LYS CE  HE3  sing N N 200 
LYS NZ  HZ1  sing N N 201 
LYS NZ  HZ2  sing N N 202 
LYS NZ  HZ3  sing N N 203 
LYS OXT HXT  sing N N 204 
MET N   CA   sing N N 205 
MET N   H    sing N N 206 
MET N   H2   sing N N 207 
MET CA  C    sing N N 208 
MET CA  CB   sing N N 209 
MET CA  HA   sing N N 210 
MET C   O    doub N N 211 
MET C   OXT  sing N N 212 
MET CB  CG   sing N N 213 
MET CB  HB2  sing N N 214 
MET CB  HB3  sing N N 215 
MET CG  SD   sing N N 216 
MET CG  HG2  sing N N 217 
MET CG  HG3  sing N N 218 
MET SD  CE   sing N N 219 
MET CE  HE1  sing N N 220 
MET CE  HE2  sing N N 221 
MET CE  HE3  sing N N 222 
MET OXT HXT  sing N N 223 
PHE N   CA   sing N N 224 
PHE N   H    sing N N 225 
PHE N   H2   sing N N 226 
PHE CA  C    sing N N 227 
PHE CA  CB   sing N N 228 
PHE CA  HA   sing N N 229 
PHE C   O    doub N N 230 
PHE C   OXT  sing N N 231 
PHE CB  CG   sing N N 232 
PHE CB  HB2  sing N N 233 
PHE CB  HB3  sing N N 234 
PHE CG  CD1  doub Y N 235 
PHE CG  CD2  sing Y N 236 
PHE CD1 CE1  sing Y N 237 
PHE CD1 HD1  sing N N 238 
PHE CD2 CE2  doub Y N 239 
PHE CD2 HD2  sing N N 240 
PHE CE1 CZ   doub Y N 241 
PHE CE1 HE1  sing N N 242 
PHE CE2 CZ   sing Y N 243 
PHE CE2 HE2  sing N N 244 
PHE CZ  HZ   sing N N 245 
PHE OXT HXT  sing N N 246 
PRO N   CA   sing N N 247 
PRO N   CD   sing N N 248 
PRO N   H    sing N N 249 
PRO CA  C    sing N N 250 
PRO CA  CB   sing N N 251 
PRO CA  HA   sing N N 252 
PRO C   O    doub N N 253 
PRO C   OXT  sing N N 254 
PRO CB  CG   sing N N 255 
PRO CB  HB2  sing N N 256 
PRO CB  HB3  sing N N 257 
PRO CG  CD   sing N N 258 
PRO CG  HG2  sing N N 259 
PRO CG  HG3  sing N N 260 
PRO CD  HD2  sing N N 261 
PRO CD  HD3  sing N N 262 
PRO OXT HXT  sing N N 263 
SER N   CA   sing N N 264 
SER N   H    sing N N 265 
SER N   H2   sing N N 266 
SER CA  C    sing N N 267 
SER CA  CB   sing N N 268 
SER CA  HA   sing N N 269 
SER C   O    doub N N 270 
SER C   OXT  sing N N 271 
SER CB  OG   sing N N 272 
SER CB  HB2  sing N N 273 
SER CB  HB3  sing N N 274 
SER OG  HG   sing N N 275 
SER OXT HXT  sing N N 276 
THR N   CA   sing N N 277 
THR N   H    sing N N 278 
THR N   H2   sing N N 279 
THR CA  C    sing N N 280 
THR CA  CB   sing N N 281 
THR CA  HA   sing N N 282 
THR C   O    doub N N 283 
THR C   OXT  sing N N 284 
THR CB  OG1  sing N N 285 
THR CB  CG2  sing N N 286 
THR CB  HB   sing N N 287 
THR OG1 HG1  sing N N 288 
THR CG2 HG21 sing N N 289 
THR CG2 HG22 sing N N 290 
THR CG2 HG23 sing N N 291 
THR OXT HXT  sing N N 292 
TYR N   CA   sing N N 293 
TYR N   H    sing N N 294 
TYR N   H2   sing N N 295 
TYR CA  C    sing N N 296 
TYR CA  CB   sing N N 297 
TYR CA  HA   sing N N 298 
TYR C   O    doub N N 299 
TYR C   OXT  sing N N 300 
TYR CB  CG   sing N N 301 
TYR CB  HB2  sing N N 302 
TYR CB  HB3  sing N N 303 
TYR CG  CD1  doub Y N 304 
TYR CG  CD2  sing Y N 305 
TYR CD1 CE1  sing Y N 306 
TYR CD1 HD1  sing N N 307 
TYR CD2 CE2  doub Y N 308 
TYR CD2 HD2  sing N N 309 
TYR CE1 CZ   doub Y N 310 
TYR CE1 HE1  sing N N 311 
TYR CE2 CZ   sing Y N 312 
TYR CE2 HE2  sing N N 313 
TYR CZ  OH   sing N N 314 
TYR OH  HH   sing N N 315 
TYR OXT HXT  sing N N 316 
VAL N   CA   sing N N 317 
VAL N   H    sing N N 318 
VAL N   H2   sing N N 319 
VAL CA  C    sing N N 320 
VAL CA  CB   sing N N 321 
VAL CA  HA   sing N N 322 
VAL C   O    doub N N 323 
VAL C   OXT  sing N N 324 
VAL CB  CG1  sing N N 325 
VAL CB  CG2  sing N N 326 
VAL CB  HB   sing N N 327 
VAL CG1 HG11 sing N N 328 
VAL CG1 HG12 sing N N 329 
VAL CG1 HG13 sing N N 330 
VAL CG2 HG21 sing N N 331 
VAL CG2 HG22 sing N N 332 
VAL CG2 HG23 sing N N 333 
VAL OXT HXT  sing N N 334 
# 
_atom_sites.entry_id                    4QOB 
_atom_sites.fract_transf_matrix[1][1]   0.00375479 
_atom_sites.fract_transf_matrix[1][2]   0.00004770 
_atom_sites.fract_transf_matrix[1][3]   0.00989868 
_atom_sites.fract_transf_matrix[2][1]   -0.00300367 
_atom_sites.fract_transf_matrix[2][2]   0.01009321 
_atom_sites.fract_transf_matrix[2][3]   0.00109072 
_atom_sites.fract_transf_matrix[3][1]   -0.00943208 
_atom_sites.fract_transf_matrix[3][2]   -0.00319522 
_atom_sites.fract_transf_matrix[3][3]   0.00359319 
_atom_sites.fract_transf_vector[1]      -0.246020 
_atom_sites.fract_transf_vector[2]      0.076948 
_atom_sites.fract_transf_vector[3]      -0.132170 
# 
loop_
_atom_type.symbol 
C  
N  
O  
S  
SD 
SE 
# 
loop_
_atom_site.group_PDB 
_atom_site.id 
_atom_site.type_symbol 
_atom_site.label_atom_id 
_atom_site.label_alt_id 
_atom_site.label_comp_id 
_atom_site.label_asym_id 
_atom_site.label_entity_id 
_atom_site.label_seq_id 
_atom_site.pdbx_PDB_ins_code 
_atom_site.Cartn_x 
_atom_site.Cartn_y 
_atom_site.Cartn_z 
_atom_site.occupancy 
_atom_site.B_iso_or_equiv 
_atom_site.pdbx_formal_charge 
_atom_site.auth_seq_id 
_atom_site.auth_comp_id 
_atom_site.auth_asym_id 
_atom_site.auth_atom_id 
_atom_site.pdbx_PDB_model_num 
ATOM   1    N N   . THR A 1 3  ? -11.434 -11.133 23.239  1.00 48.91  ? 3   THR A N   1 
ATOM   2    C CA  . THR A 1 3  ? -12.434 -10.019 23.235  1.00 52.00  ? 3   THR A CA  1 
ATOM   3    C C   . THR A 1 3  ? -11.959 -8.719  22.568  1.00 49.74  ? 3   THR A C   1 
ATOM   4    O O   . THR A 1 3  ? -12.787 -7.847  22.304  1.00 50.81  ? 3   THR A O   1 
ATOM   5    C CB  . THR A 1 3  ? -13.029 -9.721  24.650  1.00 56.15  ? 3   THR A CB  1 
ATOM   6    O OG1 . THR A 1 3  ? -14.278 -8.993  24.536  1.00 48.94  ? 3   THR A OG1 1 
ATOM   7    C CG2 . THR A 1 3  ? -12.036 -8.939  25.535  1.00 58.47  ? 3   THR A CG2 1 
ATOM   8    N N   . LYS A 1 4  ? -10.668 -8.584  22.265  1.00 48.66  ? 4   LYS A N   1 
ATOM   9    C CA  . LYS A 1 4  ? -10.225 -7.602  21.232  1.00 43.64  ? 4   LYS A CA  1 
ATOM   10   C C   . LYS A 1 4  ? -10.420 -8.167  19.819  1.00 36.73  ? 4   LYS A C   1 
ATOM   11   O O   . LYS A 1 4  ? -10.721 -7.443  18.890  1.00 38.26  ? 4   LYS A O   1 
ATOM   12   C CB  . LYS A 1 4  ? -8.777  -7.206  21.429  1.00 47.29  ? 4   LYS A CB  1 
ATOM   13   C CG  . LYS A 1 4  ? -8.459  -6.841  22.859  1.00 54.53  ? 4   LYS A CG  1 
ATOM   14   C CD  . LYS A 1 4  ? -7.073  -6.232  22.981  1.00 60.91  ? 4   LYS A CD  1 
ATOM   15   C CE  . LYS A 1 4  ? -6.852  -5.728  24.402  1.00 66.29  ? 4   LYS A CE  1 
ATOM   16   N NZ  . LYS A 1 4  ? -7.360  -4.336  24.552  1.00 72.21  ? 4   LYS A NZ  1 
ATOM   17   N N   . ARG A 1 5  ? -10.269 -9.472  19.669  1.00 31.99  ? 5   ARG A N   1 
ATOM   18   C CA  . ARG A 1 5  ? -10.576 -10.153 18.423  1.00 31.03  ? 5   ARG A CA  1 
ATOM   19   C C   . ARG A 1 5  ? -12.035 -9.940  17.944  1.00 29.07  ? 5   ARG A C   1 
ATOM   20   O O   . ARG A 1 5  ? -12.269 -9.592  16.799  1.00 24.57  ? 5   ARG A O   1 
ATOM   21   C CB  . ARG A 1 5  ? -10.239 -11.637 18.611  1.00 31.69  ? 5   ARG A CB  1 
ATOM   22   C CG  . ARG A 1 5  ? -10.440 -12.538 17.417  1.00 32.27  ? 5   ARG A CG  1 
ATOM   23   C CD  . ARG A 1 5  ? -10.097 -13.976 17.795  1.00 35.28  ? 5   ARG A CD  1 
ATOM   24   N NE  . ARG A 1 5  ? -10.456 -14.907 16.726  1.00 36.37  ? 5   ARG A NE  1 
ATOM   25   C CZ  . ARG A 1 5  ? -11.523 -15.700 16.723  1.00 36.11  ? 5   ARG A CZ  1 
ATOM   26   N NH1 . ARG A 1 5  ? -12.344 -15.705 17.766  1.00 33.96  ? 5   ARG A NH1 1 
ATOM   27   N NH2 . ARG A 1 5  ? -11.767 -16.496 15.662  1.00 37.17  ? 5   ARG A NH2 1 
ATOM   28   N N   . GLU A 1 6  ? -12.997 -10.114 18.849  1.00 32.37  ? 6   GLU A N   1 
ATOM   29   C CA  . GLU A 1 6  ? -14.440 -9.912  18.562  1.00 33.47  ? 6   GLU A CA  1 
ATOM   30   C C   . GLU A 1 6  ? -14.763 -8.434  18.312  1.00 28.10  ? 6   GLU A C   1 
ATOM   31   O O   . GLU A 1 6  ? -15.561 -8.086  17.455  1.00 28.53  ? 6   GLU A O   1 
ATOM   32   C CB  . GLU A 1 6  ? -15.306 -10.440 19.720  1.00 39.76  ? 6   GLU A CB  1 
ATOM   33   C CG  . GLU A 1 6  ? -14.958 -11.842 20.237  1.00 46.16  ? 6   GLU A CG  1 
ATOM   34   C CD  . GLU A 1 6  ? -15.282 -12.043 21.732  1.00 53.62  ? 6   GLU A CD  1 
ATOM   35   O OE1 . GLU A 1 6  ? -14.551 -11.515 22.602  1.00 52.25  ? 6   GLU A OE1 1 
ATOM   36   O OE2 . GLU A 1 6  ? -16.260 -12.767 22.051  1.00 57.10  ? 6   GLU A OE2 1 
ATOM   37   N N   . ALA A 1 7  ? -14.107 -7.559  19.048  1.00 26.37  ? 7   ALA A N   1 
ATOM   38   C CA  . ALA A 1 7  ? -14.172 -6.103  18.807  1.00 25.69  ? 7   ALA A CA  1 
ATOM   39   C C   . ALA A 1 7  ? -13.745 -5.668  17.398  1.00 24.78  ? 7   ALA A C   1 
ATOM   40   O O   . ALA A 1 7  ? -14.436 -4.896  16.730  1.00 25.73  ? 7   ALA A O   1 
ATOM   41   C CB  . ALA A 1 7  ? -13.314 -5.407  19.832  1.00 26.05  ? 7   ALA A CB  1 
ATOM   42   N N   . ILE A 1 8  ? -12.612 -6.166  16.936  1.00 22.95  ? 8   ILE A N   1 
ATOM   43   C CA  . ILE A 1 8  ? -12.212 -5.910  15.565  1.00 23.11  ? 8   ILE A CA  1 
ATOM   44   C C   . ILE A 1 8  ? -13.241 -6.427  14.608  1.00 23.08  ? 8   ILE A C   1 
ATOM   45   O O   . ILE A 1 8  ? -13.582 -5.781  13.634  1.00 22.84  ? 8   ILE A O   1 
ATOM   46   C CB  . ILE A 1 8  ? -10.862 -6.578  15.252  1.00 23.15  ? 8   ILE A CB  1 
ATOM   47   C CG1 . ILE A 1 8  ? -9.742  -5.874  15.978  1.00 21.59  ? 8   ILE A CG1 1 
ATOM   48   C CG2 . ILE A 1 8  ? -10.540 -6.578  13.764  1.00 23.92  ? 8   ILE A CG2 1 
ATOM   49   C CD1 . ILE A 1 8  ? -8.588  -6.795  16.193  1.00 22.46  ? 8   ILE A CD1 1 
ATOM   50   N N   . LEU A 1 9  ? -13.733 -7.612  14.894  1.00 26.87  ? 9   LEU A N   1 
ATOM   51   C CA  . LEU A 1 9  ? -14.672 -8.306  13.995  1.00 30.84  ? 9   LEU A CA  1 
ATOM   52   C C   . LEU A 1 9  ? -15.964 -7.525  13.813  1.00 33.53  ? 9   LEU A C   1 
ATOM   53   O O   . LEU A 1 9  ? -16.427 -7.299  12.702  1.00 28.88  ? 9   LEU A O   1 
ATOM   54   C CB  . LEU A 1 9  ? -15.032 -9.637  14.614  1.00 30.95  ? 9   LEU A CB  1 
ATOM   55   C CG  . LEU A 1 9  ? -15.411 -10.806 13.742  1.00 32.72  ? 9   LEU A CG  1 
ATOM   56   C CD1 . LEU A 1 9  ? -16.221 -11.734 14.622  1.00 34.81  ? 9   LEU A CD1 1 
ATOM   57   C CD2 . LEU A 1 9  ? -16.176 -10.476 12.483  1.00 33.64  ? 9   LEU A CD2 1 
ATOM   58   N N   . LYS A 1 10 ? -16.537 -7.127  14.942  1.00 39.36  ? 10  LYS A N   1 
ATOM   59   C CA  . LYS A 1 10 ? -17.801 -6.419  14.936  1.00 45.85  ? 10  LYS A CA  1 
ATOM   60   C C   . LYS A 1 10 ? -17.640 -5.182  14.083  1.00 42.41  ? 10  LYS A C   1 
ATOM   61   O O   . LYS A 1 10 ? -18.361 -4.959  13.100  1.00 41.13  ? 10  LYS A O   1 
ATOM   62   C CB  . LYS A 1 10 ? -18.188 -6.018  16.355  1.00 53.17  ? 10  LYS A CB  1 
ATOM   63   C CG  . LYS A 1 10 ? -19.662 -5.702  16.497  1.00 64.73  ? 10  LYS A CG  1 
ATOM   64   C CD  . LYS A 1 10 ? -20.485 -6.946  16.811  1.00 72.15  ? 10  LYS A CD  1 
ATOM   65   C CE  . LYS A 1 10 ? -21.964 -6.749  16.462  1.00 78.57  ? 10  LYS A CE  1 
ATOM   66   N NZ  . LYS A 1 10 ? -22.906 -7.180  17.542  1.00 81.74  ? 10  LYS A NZ  1 
ATOM   67   N N   . VAL A 1 11 ? -16.629 -4.407  14.432  1.00 38.95  ? 11  VAL A N   1 
ATOM   68   C CA  . VAL A 1 11 ? -16.428 -3.141  13.784  1.00 37.04  ? 11  VAL A CA  1 
ATOM   69   C C   . VAL A 1 11 ? -16.218 -3.314  12.296  1.00 36.53  ? 11  VAL A C   1 
ATOM   70   O O   . VAL A 1 11 ? -16.739 -2.550  11.513  1.00 39.59  ? 11  VAL A O   1 
ATOM   71   C CB  . VAL A 1 11 ? -15.256 -2.393  14.395  1.00 37.68  ? 11  VAL A CB  1 
ATOM   72   C CG1 . VAL A 1 11 ? -15.049 -1.109  13.643  1.00 38.85  ? 11  VAL A CG1 1 
ATOM   73   C CG2 . VAL A 1 11 ? -15.501 -2.113  15.884  1.00 37.75  ? 11  VAL A CG2 1 
ATOM   74   N N   . LEU A 1 12 ? -15.466 -4.325  11.898  1.00 36.64  ? 12  LEU A N   1 
ATOM   75   C CA  . LEU A 1 12 ? -15.267 -4.567  10.479  1.00 37.41  ? 12  LEU A CA  1 
ATOM   76   C C   . LEU A 1 12 ? -16.562 -4.953  9.777   1.00 38.84  ? 12  LEU A C   1 
ATOM   77   O O   . LEU A 1 12 ? -16.764 -4.644  8.593   1.00 36.52  ? 12  LEU A O   1 
ATOM   78   C CB  . LEU A 1 12 ? -14.225 -5.667  10.267  1.00 38.47  ? 12  LEU A CB  1 
ATOM   79   C CG  . LEU A 1 12 ? -12.789 -5.197  10.050  1.00 39.91  ? 12  LEU A CG  1 
ATOM   80   C CD1 . LEU A 1 12 ? -12.371 -4.122  11.045  1.00 41.17  ? 12  LEU A CD1 1 
ATOM   81   C CD2 . LEU A 1 12 ? -11.848 -6.384  10.141  1.00 40.82  ? 12  LEU A CD2 1 
ATOM   82   N N   . GLU A 1 13 ? -17.421 -5.656  10.509  1.00 42.40  ? 13  GLU A N   1 
ATOM   83   C CA  . GLU A 1 13 ? -18.664 -6.165  9.964   1.00 44.84  ? 13  GLU A CA  1 
ATOM   84   C C   . GLU A 1 13 ? -19.639 -5.015  9.712   1.00 45.33  ? 13  GLU A C   1 
ATOM   85   O O   . GLU A 1 13 ? -20.440 -5.096  8.793   1.00 40.29  ? 13  GLU A O   1 
ATOM   86   C CB  . GLU A 1 13 ? -19.275 -7.181  10.912  1.00 50.32  ? 13  GLU A CB  1 
ATOM   87   C CG  . GLU A 1 13 ? -19.870 -8.394  10.216  1.00 57.85  ? 13  GLU A CG  1 
ATOM   88   C CD  . GLU A 1 13 ? -19.717 -9.663  11.038  1.00 63.81  ? 13  GLU A CD  1 
ATOM   89   O OE1 . GLU A 1 13 ? -19.706 -9.563  12.294  1.00 69.83  ? 13  GLU A OE1 1 
ATOM   90   O OE2 . GLU A 1 13 ? -19.597 -10.761 10.435  1.00 61.17  ? 13  GLU A OE2 1 
ATOM   91   N N   . ASN A 1 14 ? -19.532 -3.940  10.504  1.00 44.82  ? 14  ASN A N   1 
ATOM   92   C CA  . ASN A 1 14 ? -20.245 -2.677  10.227  1.00 43.59  ? 14  ASN A CA  1 
ATOM   93   C C   . ASN A 1 14 ? -19.849 -1.931  8.953   1.00 41.03  ? 14  ASN A C   1 
ATOM   94   O O   . ASN A 1 14 ? -20.387 -0.880  8.708   1.00 42.11  ? 14  ASN A O   1 
ATOM   95   C CB  . ASN A 1 14 ? -20.056 -1.657  11.378  1.00 45.06  ? 14  ASN A CB  1 
ATOM   96   C CG  . ASN A 1 14 ? -20.803 -2.029  12.643  1.00 48.44  ? 14  ASN A CG  1 
ATOM   97   O OD1 . ASN A 1 14 ? -20.293 -1.801  13.757  1.00 49.41  ? 14  ASN A OD1 1 
ATOM   98   N ND2 . ASN A 1 14 ? -22.015 -2.599  12.495  1.00 47.39  ? 14  ASN A ND2 1 
ATOM   99   N N   . LEU A 1 15 ? -18.898 -2.394  8.161   1.00 41.68  ? 15  LEU A N   1 
ATOM   100  C CA  . LEU A 1 15 ? -18.452 -1.570  7.041   1.00 42.48  ? 15  LEU A CA  1 
ATOM   101  C C   . LEU A 1 15 ? -19.205 -1.953  5.810   1.00 41.20  ? 15  LEU A C   1 
ATOM   102  O O   . LEU A 1 15 ? -19.446 -3.109  5.602   1.00 40.25  ? 15  LEU A O   1 
ATOM   103  C CB  . LEU A 1 15 ? -16.956 -1.737  6.776   1.00 43.13  ? 15  LEU A CB  1 
ATOM   104  C CG  . LEU A 1 15 ? -16.003 -1.300  7.895   1.00 47.16  ? 15  LEU A CG  1 
ATOM   105  C CD1 . LEU A 1 15 ? -14.554 -1.274  7.399   1.00 45.10  ? 15  LEU A CD1 1 
ATOM   106  C CD2 . LEU A 1 15 ? -16.406 0.058   8.466   1.00 48.52  ? 15  LEU A CD2 1 
ATOM   107  N N   . THR A 1 16 ? -19.534 -0.986  4.967   1.00 44.30  ? 16  THR A N   1 
ATOM   108  C CA  . THR A 1 16 ? -20.152 -1.307  3.684   1.00 49.45  ? 16  THR A CA  1 
ATOM   109  C C   . THR A 1 16 ? -19.057 -2.032  2.952   1.00 48.24  ? 16  THR A C   1 
ATOM   110  O O   . THR A 1 16 ? -17.908 -1.852  3.286   1.00 45.11  ? 16  THR A O   1 
ATOM   111  C CB  . THR A 1 16 ? -20.628 -0.062  2.866   1.00 53.69  ? 16  THR A CB  1 
ATOM   112  O OG1 . THR A 1 16 ? -19.577 0.430   2.020   1.00 56.85  ? 16  THR A OG1 1 
ATOM   113  C CG2 . THR A 1 16 ? -21.148 1.071   3.780   1.00 54.53  ? 16  THR A CG2 1 
ATOM   114  N N   . PRO A 1 17 ? -19.400 -2.862  1.958   1.00 52.64  ? 17  PRO A N   1 
ATOM   115  C CA  . PRO A 1 17 ? -18.325 -3.605  1.268   1.00 54.23  ? 17  PRO A CA  1 
ATOM   116  C C   . PRO A 1 17 ? -17.369 -2.690  0.502   1.00 57.10  ? 17  PRO A C   1 
ATOM   117  O O   . PRO A 1 17 ? -16.277 -3.118  0.085   1.00 54.71  ? 17  PRO A O   1 
ATOM   118  C CB  . PRO A 1 17 ? -19.076 -4.531  0.306   1.00 53.21  ? 17  PRO A CB  1 
ATOM   119  C CG  . PRO A 1 17 ? -20.514 -4.452  0.683   1.00 50.10  ? 17  PRO A CG  1 
ATOM   120  C CD  . PRO A 1 17 ? -20.740 -3.195  1.457   1.00 47.75  ? 17  PRO A CD  1 
ATOM   121  N N   . GLU A 1 18 ? -17.782 -1.441  0.313   1.00 57.56  ? 18  GLU A N   1 
ATOM   122  C CA  . GLU A 1 18 ? -16.941 -0.469  -0.356  1.00 63.45  ? 18  GLU A CA  1 
ATOM   123  C C   . GLU A 1 18 ? -16.004 0.099   0.686   1.00 56.49  ? 18  GLU A C   1 
ATOM   124  O O   . GLU A 1 18 ? -14.823 0.275   0.458   1.00 51.23  ? 18  GLU A O   1 
ATOM   125  C CB  . GLU A 1 18 ? -17.785 0.647   -0.990  1.00 72.90  ? 18  GLU A CB  1 
ATOM   126  C CG  . GLU A 1 18 ? -18.756 0.169   -2.079  1.00 78.76  ? 18  GLU A CG  1 
ATOM   127  C CD  . GLU A 1 18 ? -20.093 -0.337  -1.529  1.00 80.70  ? 18  GLU A CD  1 
ATOM   128  O OE1 . GLU A 1 18 ? -20.763 0.414   -0.780  1.00 77.11  ? 18  GLU A OE1 1 
ATOM   129  O OE2 . GLU A 1 18 ? -20.476 -1.490  -1.842  1.00 77.60  ? 18  GLU A OE2 1 
ATOM   130  N N   . GLU A 1 19 ? -16.549 0.367   1.858   1.00 54.22  ? 19  GLU A N   1 
ATOM   131  C CA  . GLU A 1 19 ? -15.744 0.852   2.952   1.00 54.37  ? 19  GLU A CA  1 
ATOM   132  C C   . GLU A 1 19 ? -14.696 -0.187  3.355   1.00 57.04  ? 19  GLU A C   1 
ATOM   133  O O   . GLU A 1 19 ? -13.659 0.154   3.927   1.00 57.05  ? 19  GLU A O   1 
ATOM   134  C CB  . GLU A 1 19 ? -16.636 1.190   4.132   1.00 55.90  ? 19  GLU A CB  1 
ATOM   135  C CG  . GLU A 1 19 ? -17.598 2.337   3.858   1.00 59.58  ? 19  GLU A CG  1 
ATOM   136  C CD  . GLU A 1 19 ? -18.172 2.944   5.131   1.00 63.25  ? 19  GLU A CD  1 
ATOM   137  O OE1 . GLU A 1 19 ? -18.516 2.177   6.063   1.00 60.53  ? 19  GLU A OE1 1 
ATOM   138  O OE2 . GLU A 1 19 ? -18.276 4.194   5.193   1.00 64.75  ? 19  GLU A OE2 1 
ATOM   139  N N   . LEU A 1 20 ? -14.972 -1.450  3.038   1.00 54.29  ? 20  LEU A N   1 
ATOM   140  C CA  . LEU A 1 20 ? -14.115 -2.542  3.428   1.00 49.17  ? 20  LEU A CA  1 
ATOM   141  C C   . LEU A 1 20 ? -12.963 -2.606  2.471   1.00 46.75  ? 20  LEU A C   1 
ATOM   142  O O   . LEU A 1 20 ? -11.832 -2.459  2.883   1.00 53.69  ? 20  LEU A O   1 
ATOM   143  C CB  . LEU A 1 20 ? -14.883 -3.863  3.445   1.00 46.97  ? 20  LEU A CB  1 
ATOM   144  C CG  . LEU A 1 20 ? -14.075 -5.077  3.913   1.00 45.61  ? 20  LEU A CG  1 
ATOM   145  C CD1 . LEU A 1 20 ? -13.805 -5.009  5.410   1.00 44.13  ? 20  LEU A CD1 1 
ATOM   146  C CD2 . LEU A 1 20 ? -14.777 -6.377  3.550   1.00 43.51  ? 20  LEU A CD2 1 
ATOM   147  N N   . LYS A 1 21 ? -13.233 -2.789  1.190   1.00 46.02  ? 21  LYS A N   1 
ATOM   148  C CA  . LYS A 1 21 ? -12.153 -2.809  0.225   1.00 46.75  ? 21  LYS A CA  1 
ATOM   149  C C   . LYS A 1 21 ? -11.186 -1.666  0.521   1.00 44.74  ? 21  LYS A C   1 
ATOM   150  O O   . LYS A 1 21 ? -9.971  -1.848  0.481   1.00 44.14  ? 21  LYS A O   1 
ATOM   151  C CB  . LYS A 1 21 ? -12.665 -2.715  -1.212  1.00 51.21  ? 21  LYS A CB  1 
ATOM   152  C CG  . LYS A 1 21 ? -13.355 -1.406  -1.561  1.00 59.91  ? 21  LYS A CG  1 
ATOM   153  C CD  . LYS A 1 21 ? -13.656 -1.235  -3.059  1.00 68.91  ? 21  LYS A CD  1 
ATOM   154  C CE  . LYS A 1 21 ? -14.500 0.020   -3.347  1.00 68.14  ? 21  LYS A CE  1 
ATOM   155  N NZ  . LYS A 1 21 ? -14.110 1.231   -2.545  1.00 63.80  ? 21  LYS A NZ  1 
ATOM   156  N N   . LYS A 1 22 ? -11.712 -0.494  0.851   1.00 42.46  ? 22  LYS A N   1 
ATOM   157  C CA  . LYS A 1 22 ? -10.841 0.647   1.049   1.00 45.20  ? 22  LYS A CA  1 
ATOM   158  C C   . LYS A 1 22 ? -9.992  0.422   2.287   1.00 40.65  ? 22  LYS A C   1 
ATOM   159  O O   . LYS A 1 22 ? -8.789  0.656   2.262   1.00 39.72  ? 22  LYS A O   1 
ATOM   160  C CB  . LYS A 1 22 ? -11.618 1.961   1.154   1.00 50.50  ? 22  LYS A CB  1 
ATOM   161  C CG  . LYS A 1 22 ? -10.716 3.190   1.002   1.00 57.22  ? 22  LYS A CG  1 
ATOM   162  C CD  . LYS A 1 22 ? -11.495 4.507   0.867   1.00 64.40  ? 22  LYS A CD  1 
ATOM   163  C CE  . LYS A 1 22 ? -10.605 5.762   0.871   1.00 63.84  ? 22  LYS A CE  1 
ATOM   164  N NZ  . LYS A 1 22 ? -10.425 6.396   2.212   1.00 60.18  ? 22  LYS A NZ  1 
ATOM   165  N N   . PHE A 1 23 ? -10.633 -0.058  3.350   1.00 36.87  ? 23  PHE A N   1 
ATOM   166  C CA  . PHE A 1 23 ? -9.963  -0.359  4.594   1.00 32.79  ? 23  PHE A CA  1 
ATOM   167  C C   . PHE A 1 23 ? -8.841  -1.361  4.380   1.00 34.58  ? 23  PHE A C   1 
ATOM   168  O O   . PHE A 1 23 ? -7.727  -1.177  4.860   1.00 30.86  ? 23  PHE A O   1 
ATOM   169  C CB  . PHE A 1 23 ? -10.936 -0.977  5.552   1.00 31.40  ? 23  PHE A CB  1 
ATOM   170  C CG  . PHE A 1 23 ? -10.288 -1.522  6.777   1.00 30.09  ? 23  PHE A CG  1 
ATOM   171  C CD1 . PHE A 1 23 ? -10.104 -0.715  7.883   1.00 30.76  ? 23  PHE A CD1 1 
ATOM   172  C CD2 . PHE A 1 23 ? -9.848  -2.821  6.820   1.00 29.09  ? 23  PHE A CD2 1 
ATOM   173  C CE1 . PHE A 1 23 ? -9.467  -1.193  9.016   1.00 31.56  ? 23  PHE A CE1 1 
ATOM   174  C CE2 . PHE A 1 23 ? -9.238  -3.317  7.943   1.00 29.47  ? 23  PHE A CE2 1 
ATOM   175  C CZ  . PHE A 1 23 ? -9.045  -2.508  9.048   1.00 30.98  ? 23  PHE A CZ  1 
ATOM   176  N N   . LYS A 1 24 ? -9.157  -2.432  3.671   1.00 34.01  ? 24  LYS A N   1 
ATOM   177  C CA  . LYS A 1 24 ? -8.175  -3.434  3.387   1.00 38.31  ? 24  LYS A CA  1 
ATOM   178  C C   . LYS A 1 24 ? -7.059  -2.873  2.549   1.00 39.88  ? 24  LYS A C   1 
ATOM   179  O O   . LYS A 1 24 ? -5.890  -3.209  2.743   1.00 41.20  ? 24  LYS A O   1 
ATOM   180  C CB  . LYS A 1 24 ? -8.803  -4.610  2.655   1.00 41.60  ? 24  LYS A CB  1 
ATOM   181  C CG  . LYS A 1 24 ? -9.777  -5.397  3.529   1.00 46.42  ? 24  LYS A CG  1 
ATOM   182  C CD  . LYS A 1 24 ? -10.585 -6.451  2.763   1.00 49.02  ? 24  LYS A CD  1 
ATOM   183  C CE  . LYS A 1 24 ? -9.701  -7.526  2.147   1.00 51.87  ? 24  LYS A CE  1 
ATOM   184  N NZ  . LYS A 1 24 ? -10.363 -8.861  2.020   1.00 55.19  ? 24  LYS A NZ  1 
ATOM   185  N N   . MET A 1 25 ? -7.403  -2.023  1.595   1.00 43.55  ? 25  MET A N   1 
ATOM   186  C CA  . MET A 1 25 ? -6.393  -1.587  0.652   1.00 42.57  ? 25  MET A CA  1 
ATOM   187  C C   . MET A 1 25 ? -5.412  -0.720  1.383   1.00 39.44  ? 25  MET A C   1 
ATOM   188  O O   . MET A 1 25 ? -4.205  -0.871  1.227   1.00 34.12  ? 25  MET A O   1 
ATOM   189  C CB  . MET A 1 25 ? -7.014  -0.885  -0.538  1.00 47.91  ? 25  MET A CB  1 
ATOM   190  C CG  . MET A 1 25 ? -7.495  -1.879  -1.601  1.00 52.93  ? 25  MET A CG  1 
ATOM   191  S SD  . MET A 1 25 ? -6.144  -2.886  -2.285  1.00 55.09  ? 25  MET A SD  1 
ATOM   192  C CE  . MET A 1 25 ? -6.762  -4.551  -2.002  1.00 57.39  ? 25  MET A CE  1 
ATOM   193  N N   . LYS A 1 26 ? -5.897  0.145   2.257   1.00 38.69  ? 26  LYS A N   1 
ATOM   194  C CA  . LYS A 1 26 ? -4.938  0.996   2.918   1.00 39.44  ? 26  LYS A CA  1 
ATOM   195  C C   . LYS A 1 26 ? -4.206  0.386   4.124   1.00 35.97  ? 26  LYS A C   1 
ATOM   196  O O   . LYS A 1 26 ? -3.067  0.731   4.411   1.00 36.78  ? 26  LYS A O   1 
ATOM   197  C CB  . LYS A 1 26 ? -5.478  2.398   3.112   1.00 43.10  ? 26  LYS A CB  1 
ATOM   198  C CG  . LYS A 1 26 ? -6.593  2.638   4.060   1.00 49.15  ? 26  LYS A CG  1 
ATOM   199  C CD  . LYS A 1 26 ? -7.143  4.038   3.752   1.00 56.17  ? 26  LYS A CD  1 
ATOM   200  C CE  . LYS A 1 26 ? -7.407  4.807   5.032   1.00 64.06  ? 26  LYS A CE  1 
ATOM   201  N NZ  . LYS A 1 26 ? -7.981  6.177   4.848   1.00 66.26  ? 26  LYS A NZ  1 
ATOM   202  N N   . LEU A 1 27 ? -4.805  -0.576  4.776   1.00 35.86  ? 27  LEU A N   1 
ATOM   203  C CA  . LEU A 1 27 ? -4.096  -1.332  5.799   1.00 35.59  ? 27  LEU A CA  1 
ATOM   204  C C   . LEU A 1 27 ? -2.877  -2.004  5.208   1.00 32.72  ? 27  LEU A C   1 
ATOM   205  O O   . LEU A 1 27 ? -1.847  -2.136  5.858   1.00 33.55  ? 27  LEU A O   1 
ATOM   206  C CB  . LEU A 1 27 ? -5.007  -2.410  6.374   1.00 38.06  ? 27  LEU A CB  1 
ATOM   207  C CG  . LEU A 1 27 ? -4.366  -3.350  7.387   1.00 38.99  ? 27  LEU A CG  1 
ATOM   208  C CD1 . LEU A 1 27 ? -4.278  -2.695  8.755   1.00 39.61  ? 27  LEU A CD1 1 
ATOM   209  C CD2 . LEU A 1 27 ? -5.181  -4.616  7.457   1.00 39.48  ? 27  LEU A CD2 1 
ATOM   210  N N   . GLY A 1 28 ? -2.998  -2.427  3.965   1.00 27.64  ? 28  GLY A N   1 
ATOM   211  C CA  . GLY A 1 28 ? -1.900  -3.071  3.312   1.00 24.44  ? 28  GLY A CA  1 
ATOM   212  C C   . GLY A 1 28 ? -0.762  -2.151  2.985   1.00 22.40  ? 28  GLY A C   1 
ATOM   213  O O   . GLY A 1 28 ? 0.227   -2.599  2.449   1.00 24.33  ? 28  GLY A O   1 
ATOM   214  N N   . THR A 1 29 ? -0.860  -0.868  3.281   1.00 19.72  ? 29  THR A N   1 
ATOM   215  C CA  . THR A 1 29 ? 0.291   -0.001  3.062   1.00 18.85  ? 29  THR A CA  1 
ATOM   216  C C   . THR A 1 29 ? 0.857   0.606   4.344   1.00 18.09  ? 29  THR A C   1 
ATOM   217  O O   . THR A 1 29 ? 1.757   1.426   4.306   1.00 19.09  ? 29  THR A O   1 
ATOM   218  C CB  . THR A 1 29 ? -0.058  1.170   2.123   1.00 18.76  ? 29  THR A CB  1 
ATOM   219  O OG1 . THR A 1 29 ? -0.984  2.040   2.765   1.00 19.58  ? 29  THR A OG1 1 
ATOM   220  C CG2 . THR A 1 29 ? -0.676  0.679   0.889   1.00 19.02  ? 29  THR A CG2 1 
ATOM   221  N N   . VAL A 1 30 ? 0.325   0.237   5.484   1.00 16.70  ? 30  VAL A N   1 
ATOM   222  C CA  . VAL A 1 30 ? 0.746   0.871   6.668   1.00 16.18  ? 30  VAL A CA  1 
ATOM   223  C C   . VAL A 1 30 ? 2.117   0.344   7.028   1.00 16.62  ? 30  VAL A C   1 
ATOM   224  O O   . VAL A 1 30 ? 2.349   -0.855  6.997   1.00 16.40  ? 30  VAL A O   1 
ATOM   225  C CB  . VAL A 1 30 ? -0.203  0.557   7.811   1.00 15.97  ? 30  VAL A CB  1 
ATOM   226  C CG1 . VAL A 1 30 ? 0.458   0.964   9.105   1.00 15.90  ? 30  VAL A CG1 1 
ATOM   227  C CG2 . VAL A 1 30 ? -1.514  1.298   7.628   1.00 15.17  ? 30  VAL A CG2 1 
ATOM   228  N N   . PRO A 1 31 ? 3.040   1.247   7.371   1.00 16.86  ? 31  PRO A N   1 
ATOM   229  C CA  . PRO A 1 31 ? 4.338   0.737   7.818   1.00 16.40  ? 31  PRO A CA  1 
ATOM   230  C C   . PRO A 1 31 ? 4.228   0.139   9.214   1.00 15.90  ? 31  PRO A C   1 
ATOM   231  O O   . PRO A 1 31 ? 3.377   0.548   10.001  1.00 15.26  ? 31  PRO A O   1 
ATOM   232  C CB  . PRO A 1 31 ? 5.233   1.975   7.824   1.00 16.22  ? 31  PRO A CB  1 
ATOM   233  C CG  . PRO A 1 31 ? 4.300   3.135   7.806   1.00 15.87  ? 31  PRO A CG  1 
ATOM   234  C CD  . PRO A 1 31 ? 3.001   2.716   7.255   1.00 15.81  ? 31  PRO A CD  1 
ATOM   235  N N   . LEU A 1 32 ? 5.118   -0.800  9.514   1.00 15.34  ? 32  LEU A N   1 
ATOM   236  C CA  . LEU A 1 32 ? 5.007   -1.637  10.704  1.00 14.23  ? 32  LEU A CA  1 
ATOM   237  C C   . LEU A 1 32 ? 6.262   -1.587  11.547  1.00 13.80  ? 32  LEU A C   1 
ATOM   238  O O   . LEU A 1 32 ? 7.355   -1.398  11.033  1.00 13.74  ? 32  LEU A O   1 
ATOM   239  C CB  . LEU A 1 32 ? 4.771   -3.061  10.278  1.00 14.04  ? 32  LEU A CB  1 
ATOM   240  C CG  . LEU A 1 32 ? 3.513   -3.256  9.444   1.00 14.38  ? 32  LEU A CG  1 
ATOM   241  C CD1 . LEU A 1 32 ? 3.524   -4.618  8.759   1.00 14.87  ? 32  LEU A CD1 1 
ATOM   242  C CD2 . LEU A 1 32 ? 2.286   -3.117  10.312  1.00 14.00  ? 32  LEU A CD2 1 
ATOM   243  N N   . ARG A 1 33 ? 6.086   -1.775  12.848  1.00 13.61  ? 33  ARG A N   1 
ATOM   244  C CA  . ARG A 1 33 ? 7.175   -1.944  13.762  1.00 13.81  ? 33  ARG A CA  1 
ATOM   245  C C   . ARG A 1 33 ? 8.085   -3.022  13.267  1.00 13.97  ? 33  ARG A C   1 
ATOM   246  O O   . ARG A 1 33 ? 7.658   -3.980  12.648  1.00 14.96  ? 33  ARG A O   1 
ATOM   247  C CB  . ARG A 1 33 ? 6.651   -2.347  15.115  1.00 14.47  ? 33  ARG A CB  1 
ATOM   248  C CG  . ARG A 1 33 ? 5.801   -1.270  15.748  1.00 14.67  ? 33  ARG A CG  1 
ATOM   249  C CD  . ARG A 1 33 ? 5.237   -1.738  17.055  1.00 15.07  ? 33  ARG A CD  1 
ATOM   250  N NE  . ARG A 1 33 ? 4.302   -0.726  17.539  1.00 16.83  ? 33  ARG A NE  1 
ATOM   251  C CZ  . ARG A 1 33 ? 3.366   -0.912  18.468  1.00 16.76  ? 33  ARG A CZ  1 
ATOM   252  N NH1 . ARG A 1 33 ? 3.219   -2.087  19.050  1.00 18.19  ? 33  ARG A NH1 1 
ATOM   253  N NH2 . ARG A 1 33 ? 2.561   0.064   18.795  1.00 15.63  ? 33  ARG A NH2 1 
ATOM   254  N N   . GLU A 1 34 ? 9.354   -2.847  13.528  1.00 14.36  ? 34  GLU A N   1 
ATOM   255  C CA  . GLU A 1 34 ? 10.362  -3.831  13.220  1.00 14.99  ? 34  GLU A CA  1 
ATOM   256  C C   . GLU A 1 34 ? 10.032  -5.208  13.752  1.00 14.40  ? 34  GLU A C   1 
ATOM   257  O O   . GLU A 1 34 ? 9.726   -5.393  14.950  1.00 13.35  ? 34  GLU A O   1 
ATOM   258  C CB  . GLU A 1 34 ? 11.677  -3.409  13.864  1.00 16.54  ? 34  GLU A CB  1 
ATOM   259  C CG  . GLU A 1 34 ? 12.842  -4.291  13.491  1.00 18.62  ? 34  GLU A CG  1 
ATOM   260  C CD  . GLU A 1 34 ? 13.305  -4.091  12.054  1.00 21.99  ? 34  GLU A CD  1 
ATOM   261  O OE1 . GLU A 1 34 ? 13.002  -3.013  11.434  1.00 23.33  ? 34  GLU A OE1 1 
ATOM   262  O OE2 . GLU A 1 34 ? 14.020  -5.021  11.560  1.00 25.84  ? 34  GLU A OE2 1 
ATOM   263  N N   . GLY A 1 35 ? 10.197  -6.176  12.863  1.00 14.59  ? 35  GLY A N   1 
ATOM   264  C CA  . GLY A 1 35 ? 10.036  -7.585  13.169  1.00 15.16  ? 35  GLY A CA  1 
ATOM   265  C C   . GLY A 1 35 ? 8.680   -8.104  12.712  1.00 16.82  ? 35  GLY A C   1 
ATOM   266  O O   . GLY A 1 35 ? 8.385   -9.295  12.847  1.00 16.47  ? 35  GLY A O   1 
ATOM   267  N N   . PHE A 1 36 ? 7.830   -7.208  12.208  1.00 18.17  ? 36  PHE A N   1 
ATOM   268  C CA  . PHE A 1 36 ? 6.552   -7.610  11.697  1.00 19.33  ? 36  PHE A CA  1 
ATOM   269  C C   . PHE A 1 36 ? 6.565   -7.450  10.217  1.00 22.37  ? 36  PHE A C   1 
ATOM   270  O O   . PHE A 1 36 ? 7.258   -6.584  9.692   1.00 24.15  ? 36  PHE A O   1 
ATOM   271  C CB  . PHE A 1 36 ? 5.496   -6.737  12.270  1.00 18.46  ? 36  PHE A CB  1 
ATOM   272  C CG  . PHE A 1 36 ? 5.300   -6.930  13.728  1.00 17.46  ? 36  PHE A CG  1 
ATOM   273  C CD1 . PHE A 1 36 ? 4.668   -8.058  14.193  1.00 16.47  ? 36  PHE A CD1 1 
ATOM   274  C CD2 . PHE A 1 36 ? 5.682   -5.952  14.628  1.00 17.08  ? 36  PHE A CD2 1 
ATOM   275  C CE1 . PHE A 1 36 ? 4.436   -8.227  15.557  1.00 16.37  ? 36  PHE A CE1 1 
ATOM   276  C CE2 . PHE A 1 36 ? 5.453   -6.111  15.983  1.00 17.04  ? 36  PHE A CE2 1 
ATOM   277  C CZ  . PHE A 1 36 ? 4.838   -7.258  16.448  1.00 16.53  ? 36  PHE A CZ  1 
ATOM   278  N N   . GLU A 1 37 ? 5.772   -8.273  9.552   1.00 26.90  ? 37  GLU A N   1 
ATOM   279  C CA  . GLU A 1 37 ? 5.754   -8.327  8.101   1.00 29.99  ? 37  GLU A CA  1 
ATOM   280  C C   . GLU A 1 37 ? 4.387   -7.914  7.539   1.00 27.25  ? 37  GLU A C   1 
ATOM   281  O O   . GLU A 1 37 ? 3.346   -8.192  8.147   1.00 23.42  ? 37  GLU A O   1 
ATOM   282  C CB  . GLU A 1 37 ? 6.158   -9.735  7.642   1.00 36.23  ? 37  GLU A CB  1 
ATOM   283  C CG  . GLU A 1 37 ? 7.246   -9.758  6.561   1.00 48.10  ? 37  GLU A CG  1 
ATOM   284  C CD  . GLU A 1 37 ? 8.042   -8.441  6.452   1.00 57.46  ? 37  GLU A CD  1 
ATOM   285  O OE1 . GLU A 1 37 ? 9.097   -8.361  7.123   1.00 68.73  ? 37  GLU A OE1 1 
ATOM   286  O OE2 . GLU A 1 37 ? 7.612   -7.481  5.722   1.00 57.13  ? 37  GLU A OE2 1 
ATOM   287  N N   . ARG A 1 38 ? 4.389   -7.216  6.400   1.00 26.22  ? 38  ARG A N   1 
ATOM   288  C CA  . ARG A 1 38 ? 3.145   -6.903  5.738   1.00 25.35  ? 38  ARG A CA  1 
ATOM   289  C C   . ARG A 1 38 ? 2.594   -8.149  5.144   1.00 26.15  ? 38  ARG A C   1 
ATOM   290  O O   . ARG A 1 38 ? 3.316   -9.079  4.820   1.00 27.83  ? 38  ARG A O   1 
ATOM   291  C CB  . ARG A 1 38 ? 3.301   -5.897  4.634   1.00 25.42  ? 38  ARG A CB  1 
ATOM   292  C CG  . ARG A 1 38 ? 3.510   -4.473  5.148   1.00 26.95  ? 38  ARG A CG  1 
ATOM   293  C CD  . ARG A 1 38 ? 3.113   -3.473  4.080   1.00 27.09  ? 38  ARG A CD  1 
ATOM   294  N NE  . ARG A 1 38 ? 3.289   -2.080  4.464   1.00 25.73  ? 38  ARG A NE  1 
ATOM   295  C CZ  . ARG A 1 38 ? 4.395   -1.368  4.239   1.00 24.97  ? 38  ARG A CZ  1 
ATOM   296  N NH1 . ARG A 1 38 ? 5.442   -1.922  3.659   1.00 23.61  ? 38  ARG A NH1 1 
ATOM   297  N NH2 . ARG A 1 38 ? 4.453   -0.081  4.600   1.00 24.53  ? 38  ARG A NH2 1 
ATOM   298  N N   . ILE A 1 39 ? 1.284   -8.175  5.065   1.00 27.40  ? 39  ILE A N   1 
ATOM   299  C CA  . ILE A 1 39 ? 0.567   -9.186  4.348   1.00 27.38  ? 39  ILE A CA  1 
ATOM   300  C C   . ILE A 1 39 ? 0.347   -8.641  2.962   1.00 26.77  ? 39  ILE A C   1 
ATOM   301  O O   . ILE A 1 39 ? -0.171  -7.565  2.806   1.00 24.29  ? 39  ILE A O   1 
ATOM   302  C CB  . ILE A 1 39 ? -0.781  -9.417  5.016   1.00 26.98  ? 39  ILE A CB  1 
ATOM   303  C CG1 . ILE A 1 39 ? -0.525  -9.870  6.445   1.00 26.49  ? 39  ILE A CG1 1 
ATOM   304  C CG2 . ILE A 1 39 ? -1.626  -10.394 4.216   1.00 26.15  ? 39  ILE A CG2 1 
ATOM   305  C CD1 . ILE A 1 39 ? -1.593  -9.383  7.368   1.00 29.32  ? 39  ILE A CD1 1 
ATOM   306  N N   . PRO A 1 40 ? 0.763   -9.377  1.950   1.00 31.92  ? 40  PRO A N   1 
ATOM   307  C CA  . PRO A 1 40 ? 0.507   -8.857  0.604   1.00 35.52  ? 40  PRO A CA  1 
ATOM   308  C C   . PRO A 1 40 ? -0.996  -8.601  0.329   1.00 40.96  ? 40  PRO A C   1 
ATOM   309  O O   . PRO A 1 40 ? -1.858  -9.420  0.710   1.00 40.87  ? 40  PRO A O   1 
ATOM   310  C CB  . PRO A 1 40 ? 1.065   -9.943  -0.308  1.00 35.38  ? 40  PRO A CB  1 
ATOM   311  C CG  . PRO A 1 40 ? 1.166   -11.179 0.560   1.00 35.24  ? 40  PRO A CG  1 
ATOM   312  C CD  . PRO A 1 40 ? 1.396   -10.707 1.956   1.00 32.47  ? 40  PRO A CD  1 
ATOM   313  N N   . ARG A 1 41 ? -1.273  -7.461  -0.324  1.00 45.39  ? 41  ARG A N   1 
ATOM   314  C CA  . ARG A 1 41 ? -2.631  -7.003  -0.695  1.00 46.16  ? 41  ARG A CA  1 
ATOM   315  C C   . ARG A 1 41 ? -3.521  -8.023  -1.436  1.00 45.93  ? 41  ARG A C   1 
ATOM   316  O O   . ARG A 1 41 ? -4.758  -7.976  -1.318  1.00 45.94  ? 41  ARG A O   1 
ATOM   317  C CB  . ARG A 1 41 ? -2.545  -5.700  -1.512  1.00 47.28  ? 41  ARG A CB  1 
ATOM   318  C CG  . ARG A 1 41 ? -2.620  -4.426  -0.669  1.00 49.94  ? 41  ARG A CG  1 
ATOM   319  C CD  . ARG A 1 41 ? -1.902  -3.233  -1.305  1.00 49.34  ? 41  ARG A CD  1 
ATOM   320  N NE  . ARG A 1 41 ? -2.571  -1.956  -1.041  1.00 46.34  ? 41  ARG A NE  1 
ATOM   321  C CZ  . ARG A 1 41 ? -3.001  -1.101  -1.971  1.00 49.92  ? 41  ARG A CZ  1 
ATOM   322  N NH1 . ARG A 1 41 ? -2.829  -1.338  -3.265  1.00 50.76  ? 41  ARG A NH1 1 
ATOM   323  N NH2 . ARG A 1 41 ? -3.609  0.029   -1.609  1.00 52.41  ? 41  ARG A NH2 1 
ATOM   324  N N   . GLY A 1 42 ? -2.901  -8.931  -2.179  1.00 43.49  ? 42  GLY A N   1 
ATOM   325  C CA  . GLY A 1 42 ? -3.626  -9.976  -2.884  1.00 47.17  ? 42  GLY A CA  1 
ATOM   326  C C   . GLY A 1 42 ? -4.208  -10.978 -1.924  1.00 51.26  ? 42  GLY A C   1 
ATOM   327  O O   . GLY A 1 42 ? -5.419  -11.251 -1.927  1.00 56.40  ? 42  GLY A O   1 
ATOM   328  N N   . ALA A 1 43 ? -3.337  -11.529 -1.091  1.00 52.54  ? 43  ALA A N   1 
ATOM   329  C CA  . ALA A 1 43 ? -3.742  -12.454 -0.043  1.00 47.38  ? 43  ALA A CA  1 
ATOM   330  C C   . ALA A 1 43 ? -4.821  -11.790 0.817   1.00 44.44  ? 43  ALA A C   1 
ATOM   331  O O   . ALA A 1 43 ? -5.836  -12.376 1.181   1.00 42.42  ? 43  ALA A O   1 
ATOM   332  C CB  . ALA A 1 43 ? -2.532  -12.807 0.794   1.00 47.33  ? 43  ALA A CB  1 
ATOM   333  N N   . LEU A 1 44 ? -4.594  -10.526 1.095   1.00 41.88  ? 44  LEU A N   1 
ATOM   334  C CA  . LEU A 1 44 ? -5.516  -9.763  1.889   1.00 43.23  ? 44  LEU A CA  1 
ATOM   335  C C   . LEU A 1 44 ? -6.913  -9.758  1.279   1.00 41.80  ? 44  LEU A C   1 
ATOM   336  O O   . LEU A 1 44 ? -7.900  -9.885  1.995   1.00 40.53  ? 44  LEU A O   1 
ATOM   337  C CB  . LEU A 1 44 ? -4.989  -8.326  2.058   1.00 43.75  ? 44  LEU A CB  1 
ATOM   338  C CG  . LEU A 1 44 ? -5.318  -7.660  3.394   1.00 46.66  ? 44  LEU A CG  1 
ATOM   339  C CD1 . LEU A 1 44 ? -4.740  -8.436  4.584   1.00 45.93  ? 44  LEU A CD1 1 
ATOM   340  C CD2 . LEU A 1 44 ? -4.806  -6.229  3.382   1.00 49.34  ? 44  LEU A CD2 1 
ATOM   341  N N   . GLY A 1 45 ? -6.977  -9.637  -0.046  1.00 43.64  ? 45  GLY A N   1 
ATOM   342  C CA  . GLY A 1 45 ? -8.228  -9.401  -0.760  1.00 40.67  ? 45  GLY A CA  1 
ATOM   343  C C   . GLY A 1 45 ? -9.141  -10.598 -0.769  1.00 39.26  ? 45  GLY A C   1 
ATOM   344  O O   . GLY A 1 45 ? -10.336 -10.472 -0.611  1.00 39.57  ? 45  GLY A O   1 
ATOM   345  N N   . GLN A 1 46 ? -8.582  -11.774 -0.933  1.00 40.06  ? 46  GLN A N   1 
ATOM   346  C CA  . GLN A 1 46 ? -9.394  -12.961 -0.856  1.00 42.70  ? 46  GLN A CA  1 
ATOM   347  C C   . GLN A 1 46 ? -9.559  -13.483 0.582   1.00 40.43  ? 46  GLN A C   1 
ATOM   348  O O   . GLN A 1 46 ? -9.521  -14.676 0.814   1.00 39.52  ? 46  GLN A O   1 
ATOM   349  C CB  . GLN A 1 46 ? -8.796  -14.027 -1.761  1.00 48.05  ? 46  GLN A CB  1 
ATOM   350  C CG  . GLN A 1 46 ? -7.443  -14.535 -1.321  1.00 51.55  ? 46  GLN A CG  1 
ATOM   351  C CD  . GLN A 1 46 ? -6.866  -15.493 -2.326  1.00 59.52  ? 46  GLN A CD  1 
ATOM   352  O OE1 . GLN A 1 46 ? -7.591  -16.035 -3.175  1.00 66.64  ? 46  GLN A OE1 1 
ATOM   353  N NE2 . GLN A 1 46 ? -5.552  -15.713 -2.249  1.00 61.81  ? 46  GLN A NE2 1 
ATOM   354  N N   . LEU A 1 47 ? -9.754  -12.592 1.550   1.00 39.77  ? 47  LEU A N   1 
ATOM   355  C CA  . LEU A 1 47 ? -9.984  -13.007 2.946   1.00 37.75  ? 47  LEU A CA  1 
ATOM   356  C C   . LEU A 1 47 ? -11.320 -12.458 3.419   1.00 36.11  ? 47  LEU A C   1 
ATOM   357  O O   . LEU A 1 47 ? -11.559 -11.252 3.343   1.00 35.10  ? 47  LEU A O   1 
ATOM   358  C CB  . LEU A 1 47 ? -8.864  -12.515 3.898   1.00 36.29  ? 47  LEU A CB  1 
ATOM   359  C CG  . LEU A 1 47 ? -7.531  -13.304 3.958   1.00 36.10  ? 47  LEU A CG  1 
ATOM   360  C CD1 . LEU A 1 47 ? -6.517  -12.606 4.836   1.00 35.74  ? 47  LEU A CD1 1 
ATOM   361  C CD2 . LEU A 1 47 ? -7.653  -14.732 4.453   1.00 35.05  ? 47  LEU A CD2 1 
ATOM   362  N N   . ASP A 1 48 ? -12.182 -13.335 3.910   1.00 32.93  ? 48  ASP A N   1 
ATOM   363  C CA  . ASP A 1 48 ? -13.392 -12.897 4.578   1.00 34.20  ? 48  ASP A CA  1 
ATOM   364  C C   . ASP A 1 48 ? -13.075 -12.191 5.914   1.00 31.18  ? 48  ASP A C   1 
ATOM   365  O O   . ASP A 1 48 ? -11.964 -12.233 6.435   1.00 30.09  ? 48  ASP A O   1 
ATOM   366  C CB  . ASP A 1 48 ? -14.371 -14.071 4.803   1.00 37.01  ? 48  ASP A CB  1 
ATOM   367  C CG  . ASP A 1 48 ? -13.973 -14.982 5.994   1.00 46.88  ? 48  ASP A CG  1 
ATOM   368  O OD1 . ASP A 1 48 ? -13.103 -14.609 6.866   1.00 47.83  ? 48  ASP A OD1 1 
ATOM   369  O OD2 . ASP A 1 48 ? -14.535 -16.114 6.040   1.00 56.34  ? 48  ASP A OD2 1 
ATOM   370  N N   . ILE A 1 49 ? -14.099 -11.590 6.483   1.00 29.79  ? 49  ILE A N   1 
ATOM   371  C CA  . ILE A 1 49 ? -13.937 -10.701 7.604   1.00 30.33  ? 49  ILE A CA  1 
ATOM   372  C C   . ILE A 1 49 ? -13.307 -11.407 8.783   1.00 27.91  ? 49  ILE A C   1 
ATOM   373  O O   . ILE A 1 49 ? -12.550 -10.821 9.538   1.00 27.11  ? 49  ILE A O   1 
ATOM   374  C CB  . ILE A 1 49 ? -15.310 -10.177 8.047   1.00 33.52  ? 49  ILE A CB  1 
ATOM   375  C CG1 . ILE A 1 49 ? -15.942 -9.340  6.941   1.00 35.48  ? 49  ILE A CG1 1 
ATOM   376  C CG2 . ILE A 1 49 ? -15.213 -9.357  9.324   1.00 34.20  ? 49  ILE A CG2 1 
ATOM   377  C CD1 . ILE A 1 49 ? -15.328 -7.987  6.818   1.00 36.06  ? 49  ILE A CD1 1 
ATOM   378  N N   . VAL A 1 50 ? -13.663 -12.663 8.958   1.00 26.02  ? 50  VAL A N   1 
ATOM   379  C CA  . VAL A 1 50 ? -13.304 -13.379 10.156  1.00 23.77  ? 50  VAL A CA  1 
ATOM   380  C C   . VAL A 1 50 ? -11.850 -13.771 10.006  1.00 23.03  ? 50  VAL A C   1 
ATOM   381  O O   . VAL A 1 50 ? -11.085 -13.648 10.955  1.00 21.33  ? 50  VAL A O   1 
ATOM   382  C CB  . VAL A 1 50 ? -14.172 -14.655 10.352  1.00 23.47  ? 50  VAL A CB  1 
ATOM   383  C CG1 . VAL A 1 50 ? -13.745 -15.406 11.613  1.00 23.13  ? 50  VAL A CG1 1 
ATOM   384  C CG2 . VAL A 1 50 ? -15.658 -14.313 10.384  1.00 22.99  ? 50  VAL A CG2 1 
ATOM   385  N N   . ASP A 1 51 ? -11.495 -14.260 8.816   1.00 21.98  ? 51  ASP A N   1 
ATOM   386  C CA  . ASP A 1 51 ? -10.133 -14.648 8.543   1.00 23.33  ? 51  ASP A CA  1 
ATOM   387  C C   . ASP A 1 51 ? -9.217  -13.447 8.496   1.00 22.75  ? 51  ASP A C   1 
ATOM   388  O O   . ASP A 1 51 ? -8.081  -13.507 8.873   1.00 24.90  ? 51  ASP A O   1 
ATOM   389  C CB  . ASP A 1 51 ? -10.060 -15.455 7.236   1.00 24.86  ? 51  ASP A CB  1 
ATOM   390  C CG  . ASP A 1 51 ? -10.672 -16.841 7.385   1.00 26.17  ? 51  ASP A CG  1 
ATOM   391  O OD1 . ASP A 1 51 ? -10.749 -17.291 8.563   1.00 25.35  ? 51  ASP A OD1 1 
ATOM   392  O OD2 . ASP A 1 51 ? -11.067 -17.477 6.366   1.00 25.65  ? 51  ASP A OD2 1 
ATOM   393  N N   . LEU A 1 52 ? -9.717  -12.342 8.009   1.00 23.78  ? 52  LEU A N   1 
ATOM   394  C CA  . LEU A 1 52 ? -8.974  -11.123 8.017   1.00 23.69  ? 52  LEU A CA  1 
ATOM   395  C C   . LEU A 1 52 ? -8.660  -10.781 9.457   1.00 22.07  ? 52  LEU A C   1 
ATOM   396  O O   . LEU A 1 52 ? -7.565  -10.455 9.809   1.00 23.76  ? 52  LEU A O   1 
ATOM   397  C CB  . LEU A 1 52 ? -9.855  -10.021 7.422   1.00 25.10  ? 52  LEU A CB  1 
ATOM   398  C CG  . LEU A 1 52 ? -9.241  -8.636  7.625   1.00 27.18  ? 52  LEU A CG  1 
ATOM   399  C CD1 . LEU A 1 52 ? -8.022  -8.503  6.745   1.00 27.24  ? 52  LEU A CD1 1 
ATOM   400  C CD2 . LEU A 1 52 ? -10.224 -7.514  7.325   1.00 28.82  ? 52  LEU A CD2 1 
ATOM   401  N N   . THR A 1 53 ? -9.649  -10.872 10.311  1.00 20.40  ? 53  THR A N   1 
ATOM   402  C CA  . THR A 1 53 ? -9.471  -10.460 11.670  1.00 19.20  ? 53  THR A CA  1 
ATOM   403  C C   . THR A 1 53 ? -8.417  -11.311 12.351  1.00 17.85  ? 53  THR A C   1 
ATOM   404  O O   . THR A 1 53 ? -7.467  -10.786 12.906  1.00 17.19  ? 53  THR A O   1 
ATOM   405  C CB  . THR A 1 53 ? -10.816 -10.494 12.395  1.00 19.60  ? 53  THR A CB  1 
ATOM   406  O OG1 . THR A 1 53 ? -11.739 -9.653  11.687  1.00 20.17  ? 53  THR A OG1 1 
ATOM   407  C CG2 . THR A 1 53 ? -10.690 -9.977  13.829  1.00 19.92  ? 53  THR A CG2 1 
ATOM   408  N N   . ASP A 1 54 ? -8.554  -12.618 12.233  1.00 17.00  ? 54  ASP A N   1 
ATOM   409  C CA  . ASP A 1 54 ? -7.602  -13.561 12.793  1.00 16.79  ? 54  ASP A CA  1 
ATOM   410  C C   . ASP A 1 54 ? -6.231  -13.443 12.229  1.00 16.30  ? 54  ASP A C   1 
ATOM   411  O O   . ASP A 1 54 ? -5.241  -13.556 12.949  1.00 14.98  ? 54  ASP A O   1 
ATOM   412  C CB  . ASP A 1 54 ? -8.091  -15.003 12.601  1.00 17.34  ? 54  ASP A CB  1 
ATOM   413  C CG  . ASP A 1 54 ? -9.147  -15.371 13.625  1.00 18.18  ? 54  ASP A CG  1 
ATOM   414  O OD1 . ASP A 1 54 ? -8.966  -14.978 14.814  1.00 18.64  ? 54  ASP A OD1 1 
ATOM   415  O OD2 . ASP A 1 54 ? -10.168 -15.985 13.270  1.00 18.10  ? 54  ASP A OD2 1 
ATOM   416  N N   . LYS A 1 55 ? -6.163  -13.231 10.933  1.00 15.91  ? 55  LYS A N   1 
ATOM   417  C CA  . LYS A 1 55 ? -4.878  -13.112 10.320  1.00 16.60  ? 55  LYS A CA  1 
ATOM   418  C C   . LYS A 1 55 ? -4.135  -11.897 10.880  1.00 16.68  ? 55  LYS A C   1 
ATOM   419  O O   . LYS A 1 55 ? -2.920  -11.964 11.116  1.00 16.42  ? 55  LYS A O   1 
ATOM   420  C CB  . LYS A 1 55 ? -5.050  -12.986 8.847   1.00 17.88  ? 55  LYS A CB  1 
ATOM   421  C CG  . LYS A 1 55 ? -3.781  -12.678 8.112   1.00 19.69  ? 55  LYS A CG  1 
ATOM   422  C CD  . LYS A 1 55 ? -2.818  -13.833 8.212   1.00 21.37  ? 55  LYS A CD  1 
ATOM   423  C CE  . LYS A 1 55 ? -1.807  -13.758 7.087   1.00 22.38  ? 55  LYS A CE  1 
ATOM   424  N NZ  . LYS A 1 55 ? -0.746  -14.781 7.255   1.00 23.23  ? 55  LYS A NZ  1 
ATOM   425  N N   . LEU A 1 56 ? -4.841  -10.793 11.123  1.00 15.84  ? 56  LEU A N   1 
ATOM   426  C CA  . LEU A 1 56 ? -4.170  -9.649  11.719  1.00 16.00  ? 56  LEU A CA  1 
ATOM   427  C C   . LEU A 1 56 ? -3.670  -9.937  13.098  1.00 16.07  ? 56  LEU A C   1 
ATOM   428  O O   . LEU A 1 56 ? -2.549  -9.564  13.442  1.00 16.39  ? 56  LEU A O   1 
ATOM   429  C CB  . LEU A 1 56 ? -5.083  -8.476  11.860  1.00 16.39  ? 56  LEU A CB  1 
ATOM   430  C CG  . LEU A 1 56 ? -5.635  -7.911  10.584  1.00 16.74  ? 56  LEU A CG  1 
ATOM   431  C CD1 . LEU A 1 56 ? -6.574  -6.781  10.984  1.00 17.13  ? 56  LEU A CD1 1 
ATOM   432  C CD2 . LEU A 1 56 ? -4.497  -7.421  9.731   1.00 17.15  ? 56  LEU A CD2 1 
ATOM   433  N N   . VAL A 1 57 ? -4.526  -10.559 13.901  1.00 15.93  ? 57  VAL A N   1 
ATOM   434  C CA  . VAL A 1 57 ? -4.161  -10.929 15.244  1.00 15.69  ? 57  VAL A CA  1 
ATOM   435  C C   . VAL A 1 57 ? -3.008  -11.964 15.238  1.00 15.55  ? 57  VAL A C   1 
ATOM   436  O O   . VAL A 1 57 ? -2.190  -11.945 16.099  1.00 15.64  ? 57  VAL A O   1 
ATOM   437  C CB  . VAL A 1 57 ? -5.376  -11.506 15.986  1.00 15.99  ? 57  VAL A CB  1 
ATOM   438  C CG1 . VAL A 1 57 ? -4.960  -12.000 17.344  1.00 16.39  ? 57  VAL A CG1 1 
ATOM   439  C CG2 . VAL A 1 57 ? -6.468  -10.475 16.162  1.00 16.36  ? 57  VAL A CG2 1 
ATOM   440  N N   . ALA A 1 58 ? -2.956  -12.880 14.282  1.00 15.86  ? 58  ALA A N   1 
ATOM   441  C CA  . ALA A 1 58 ? -1.853  -13.841 14.233  1.00 15.85  ? 58  ALA A CA  1 
ATOM   442  C C   . ALA A 1 58 ? -0.592  -13.110 13.863  1.00 16.02  ? 58  ALA A C   1 
ATOM   443  O O   . ALA A 1 58 ? 0.458   -13.425 14.398  1.00 15.36  ? 58  ALA A O   1 
ATOM   444  C CB  . ALA A 1 58 ? -2.105  -14.971 13.223  1.00 15.25  ? 58  ALA A CB  1 
ATOM   445  N N   . SER A 1 59 ? -0.687  -12.167 12.934  1.00 16.15  ? 59  SER A N   1 
ATOM   446  C CA  . SER A 1 59 ? 0.509   -11.516 12.438  1.00 17.35  ? 59  SER A CA  1 
ATOM   447  C C   . SER A 1 59 ? 1.109   -10.504 13.426  1.00 18.01  ? 59  SER A C   1 
ATOM   448  O O   . SER A 1 59 ? 2.342   -10.450 13.616  1.00 19.05  ? 59  SER A O   1 
ATOM   449  C CB  . SER A 1 59 ? 0.239   -10.796 11.128  1.00 17.72  ? 59  SER A CB  1 
ATOM   450  O OG  . SER A 1 59 ? -0.325  -11.679 10.197  1.00 19.14  ? 59  SER A OG  1 
ATOM   451  N N   . TYR A 1 60 ? 0.234   -9.716  14.043  1.00 16.99  ? 60  TYR A N   1 
ATOM   452  C CA  . TYR A 1 60 ? 0.638   -8.537  14.806  1.00 16.41  ? 60  TYR A CA  1 
ATOM   453  C C   . TYR A 1 60 ? 0.348   -8.588  16.290  1.00 16.59  ? 60  TYR A C   1 
ATOM   454  O O   . TYR A 1 60 ? 0.784   -7.743  17.008  1.00 15.58  ? 60  TYR A O   1 
ATOM   455  C CB  . TYR A 1 60 ? -0.063  -7.326  14.178  1.00 16.03  ? 60  TYR A CB  1 
ATOM   456  C CG  . TYR A 1 60 ? 0.179   -7.264  12.688  1.00 15.32  ? 60  TYR A CG  1 
ATOM   457  C CD1 . TYR A 1 60 ? 1.447   -7.425  12.178  1.00 15.00  ? 60  TYR A CD1 1 
ATOM   458  C CD2 . TYR A 1 60 ? -0.858  -7.109  11.790  1.00 15.28  ? 60  TYR A CD2 1 
ATOM   459  C CE1 . TYR A 1 60 ? 1.690   -7.407  10.819  1.00 14.83  ? 60  TYR A CE1 1 
ATOM   460  C CE2 . TYR A 1 60 ? -0.619  -7.096  10.417  1.00 15.06  ? 60  TYR A CE2 1 
ATOM   461  C CZ  . TYR A 1 60 ? 0.674   -7.236  9.940   1.00 14.45  ? 60  TYR A CZ  1 
ATOM   462  O OH  . TYR A 1 60 ? 0.965   -7.228  8.595   1.00 13.70  ? 60  TYR A OH  1 
ATOM   463  N N   . TYR A 1 61 ? -0.362  -9.612  16.747  1.00 19.21  ? 61  TYR A N   1 
ATOM   464  C CA  . TYR A 1 61 ? -0.863  -9.741  18.127  1.00 20.93  ? 61  TYR A CA  1 
ATOM   465  C C   . TYR A 1 61 ? -2.011  -8.775  18.384  1.00 21.29  ? 61  TYR A C   1 
ATOM   466  O O   . TYR A 1 61 ? -2.210  -7.803  17.664  1.00 21.95  ? 61  TYR A O   1 
ATOM   467  C CB  . TYR A 1 61 ? 0.242   -9.619  19.189  1.00 22.23  ? 61  TYR A CB  1 
ATOM   468  C CG  . TYR A 1 61 ? 1.558   -10.240 18.780  1.00 26.36  ? 61  TYR A CG  1 
ATOM   469  C CD1 . TYR A 1 61 ? 1.600   -11.323 17.884  1.00 30.60  ? 61  TYR A CD1 1 
ATOM   470  C CD2 . TYR A 1 61 ? 2.783   -9.757  19.267  1.00 29.24  ? 61  TYR A CD2 1 
ATOM   471  C CE1 . TYR A 1 61 ? 2.802   -11.896 17.506  1.00 31.56  ? 61  TYR A CE1 1 
ATOM   472  C CE2 . TYR A 1 61 ? 3.986   -10.352 18.905  1.00 30.41  ? 61  TYR A CE2 1 
ATOM   473  C CZ  . TYR A 1 61 ? 3.982   -11.423 18.019  1.00 33.68  ? 61  TYR A CZ  1 
ATOM   474  O OH  . TYR A 1 61 ? 5.138   -12.054 17.574  1.00 40.15  ? 61  TYR A OH  1 
ATOM   475  N N   . GLU A 1 62 ? -2.753  -9.053  19.437  1.00 22.96  ? 62  GLU A N   1 
ATOM   476  C CA  . GLU A 1 62 ? -4.075  -8.487  19.625  1.00 25.07  ? 62  GLU A CA  1 
ATOM   477  C C   . GLU A 1 62 ? -4.026  -6.967  19.807  1.00 22.46  ? 62  GLU A C   1 
ATOM   478  O O   . GLU A 1 62 ? -4.825  -6.254  19.235  1.00 18.96  ? 62  GLU A O   1 
ATOM   479  C CB  . GLU A 1 62 ? -4.774  -9.171  20.818  1.00 29.22  ? 62  GLU A CB  1 
ATOM   480  C CG  . GLU A 1 62 ? -6.189  -9.649  20.505  1.00 34.68  ? 62  GLU A CG  1 
ATOM   481  C CD  . GLU A 1 62 ? -6.895  -10.334 21.691  1.00 41.17  ? 62  GLU A CD  1 
ATOM   482  O OE1 . GLU A 1 62 ? -6.314  -10.316 22.826  1.00 41.05  ? 62  GLU A OE1 1 
ATOM   483  O OE2 . GLU A 1 62 ? -8.027  -10.890 21.473  1.00 39.97  ? 62  GLU A OE2 1 
ATOM   484  N N   . ASP A 1 63 ? -3.070  -6.486  20.589  1.00 23.46  ? 63  ASP A N   1 
ATOM   485  C CA  . ASP A 1 63 ? -3.029  -5.070  20.932  1.00 24.46  ? 63  ASP A CA  1 
ATOM   486  C C   . ASP A 1 63 ? -2.629  -4.233  19.723  1.00 22.31  ? 63  ASP A C   1 
ATOM   487  O O   . ASP A 1 63 ? -3.372  -3.320  19.294  1.00 20.70  ? 63  ASP A O   1 
ATOM   488  C CB  . ASP A 1 63 ? -2.123  -4.848  22.134  1.00 29.09  ? 63  ASP A CB  1 
ATOM   489  C CG  . ASP A 1 63 ? -2.778  -5.315  23.487  1.00 34.88  ? 63  ASP A CG  1 
ATOM   490  O OD1 . ASP A 1 63 ? -4.031  -5.467  23.547  1.00 34.53  ? 63  ASP A OD1 1 
ATOM   491  O OD2 . ASP A 1 63 ? -2.032  -5.523  24.498  1.00 39.33  ? 63  ASP A OD2 1 
ATOM   492  N N   . TYR A 1 64 ? -1.525  -4.641  19.099  1.00 19.59  ? 64  TYR A N   1 
ATOM   493  C CA  . TYR A 1 64 ? -1.033  -3.991  17.896  1.00 18.16  ? 64  TYR A CA  1 
ATOM   494  C C   . TYR A 1 64 ? -2.026  -4.044  16.754  1.00 18.15  ? 64  TYR A C   1 
ATOM   495  O O   . TYR A 1 64 ? -2.202  -3.082  16.008  1.00 18.47  ? 64  TYR A O   1 
ATOM   496  C CB  . TYR A 1 64 ? 0.283   -4.632  17.469  1.00 17.52  ? 64  TYR A CB  1 
ATOM   497  C CG  . TYR A 1 64 ? 1.048   -3.892  16.397  1.00 17.23  ? 64  TYR A CG  1 
ATOM   498  C CD1 . TYR A 1 64 ? 0.994   -2.478  16.283  1.00 17.37  ? 64  TYR A CD1 1 
ATOM   499  C CD2 . TYR A 1 64 ? 1.841   -4.583  15.506  1.00 16.27  ? 64  TYR A CD2 1 
ATOM   500  C CE1 . TYR A 1 64 ? 1.706   -1.817  15.312  1.00 16.21  ? 64  TYR A CE1 1 
ATOM   501  C CE2 . TYR A 1 64 ? 2.538   -3.916  14.518  1.00 16.29  ? 64  TYR A CE2 1 
ATOM   502  C CZ  . TYR A 1 64 ? 2.462   -2.545  14.420  1.00 15.90  ? 64  TYR A CZ  1 
ATOM   503  O OH  . TYR A 1 64 ? 3.169   -1.908  13.431  1.00 15.74  ? 64  TYR A OH  1 
ATOM   504  N N   . ALA A 1 65 ? -2.667  -5.183  16.605  1.00 18.09  ? 65  ALA A N   1 
ATOM   505  C CA  . ALA A 1 65 ? -3.596  -5.350  15.535  1.00 18.14  ? 65  ALA A CA  1 
ATOM   506  C C   . ALA A 1 65 ? -4.741  -4.336  15.724  1.00 18.86  ? 65  ALA A C   1 
ATOM   507  O O   . ALA A 1 65 ? -5.245  -3.758  14.767  1.00 18.25  ? 65  ALA A O   1 
ATOM   508  C CB  . ALA A 1 65 ? -4.106  -6.777  15.548  1.00 18.34  ? 65  ALA A CB  1 
ATOM   509  N N   . ALA A 1 66 ? -5.131  -4.101  16.968  1.00 19.55  ? 66  ALA A N   1 
ATOM   510  C CA  . ALA A 1 66 ? -6.201  -3.174  17.217  1.00 20.91  ? 66  ALA A CA  1 
ATOM   511  C C   . ALA A 1 66 ? -5.721  -1.763  16.979  1.00 22.15  ? 66  ALA A C   1 
ATOM   512  O O   . ALA A 1 66 ? -6.424  -0.963  16.384  1.00 22.86  ? 66  ALA A O   1 
ATOM   513  C CB  . ALA A 1 66 ? -6.696  -3.317  18.623  1.00 21.98  ? 66  ALA A CB  1 
ATOM   514  N N   . GLU A 1 67 ? -4.503  -1.460  17.405  1.00 22.91  ? 67  GLU A N   1 
ATOM   515  C CA  . GLU A 1 67 ? -3.932  -0.146  17.115  1.00 23.55  ? 67  GLU A CA  1 
ATOM   516  C C   . GLU A 1 67 ? -3.901  0.110   15.624  1.00 21.83  ? 67  GLU A C   1 
ATOM   517  O O   . GLU A 1 67 ? -4.328  1.161   15.136  1.00 21.82  ? 67  GLU A O   1 
ATOM   518  C CB  . GLU A 1 67 ? -2.537  -0.022  17.691  1.00 26.53  ? 67  GLU A CB  1 
ATOM   519  C CG  . GLU A 1 67 ? -2.566  0.287   19.168  1.00 30.66  ? 67  GLU A CG  1 
ATOM   520  C CD  . GLU A 1 67 ? -1.314  -0.119  19.900  1.00 38.20  ? 67  GLU A CD  1 
ATOM   521  O OE1 . GLU A 1 67 ? -0.327  -0.597  19.293  1.00 42.49  ? 67  GLU A OE1 1 
ATOM   522  O OE2 . GLU A 1 67 ? -1.334  0.034   21.131  1.00 47.99  ? 67  GLU A OE2 1 
ATOM   523  N N   . LEU A 1 68 ? -3.435  -0.866  14.891  1.00 18.49  ? 68  LEU A N   1 
ATOM   524  C CA  . LEU A 1 68 ? -3.391  -0.701  13.496  1.00 18.01  ? 68  LEU A CA  1 
ATOM   525  C C   . LEU A 1 68 ? -4.760  -0.333  12.924  1.00 19.02  ? 68  LEU A C   1 
ATOM   526  O O   . LEU A 1 68 ? -4.888  0.605   12.133  1.00 18.70  ? 68  LEU A O   1 
ATOM   527  C CB  . LEU A 1 68 ? -2.924  -1.996  12.885  1.00 17.42  ? 68  LEU A CB  1 
ATOM   528  C CG  . LEU A 1 68 ? -1.520  -2.089  12.277  1.00 17.28  ? 68  LEU A CG  1 
ATOM   529  C CD1 . LEU A 1 68 ? -0.600  -0.893  12.440  1.00 16.41  ? 68  LEU A CD1 1 
ATOM   530  C CD2 . LEU A 1 68 ? -0.844  -3.350  12.767  1.00 17.33  ? 68  LEU A CD2 1 
ATOM   531  N N   . VAL A 1 69 ? -5.779  -1.080  13.337  1.00 19.92  ? 69  VAL A N   1 
ATOM   532  C CA  . VAL A 1 69 ? -7.129  -0.963  12.779  1.00 19.93  ? 69  VAL A CA  1 
ATOM   533  C C   . VAL A 1 69 ? -7.737  0.402   13.074  1.00 19.64  ? 69  VAL A C   1 
ATOM   534  O O   . VAL A 1 69 ? -8.271  1.080   12.209  1.00 17.67  ? 69  VAL A O   1 
ATOM   535  C CB  . VAL A 1 69 ? -8.028  -2.032  13.425  1.00 21.01  ? 69  VAL A CB  1 
ATOM   536  C CG1 . VAL A 1 69 ? -9.471  -1.869  12.991  1.00 21.92  ? 69  VAL A CG1 1 
ATOM   537  C CG2 . VAL A 1 69 ? -7.555  -3.429  13.053  1.00 21.82  ? 69  VAL A CG2 1 
ATOM   538  N N   . VAL A 1 70 ? -7.616  0.789   14.333  1.00 20.06  ? 70  VAL A N   1 
ATOM   539  C CA  . VAL A 1 70 ? -8.023  2.078   14.770  1.00 21.39  ? 70  VAL A CA  1 
ATOM   540  C C   . VAL A 1 70 ? -7.393  3.112   13.880  1.00 23.14  ? 70  VAL A C   1 
ATOM   541  O O   . VAL A 1 70 ? -8.040  4.029   13.441  1.00 25.69  ? 70  VAL A O   1 
ATOM   542  C CB  . VAL A 1 70 ? -7.551  2.344   16.201  1.00 21.93  ? 70  VAL A CB  1 
ATOM   543  C CG1 . VAL A 1 70 ? -7.958  3.739   16.656  1.00 21.84  ? 70  VAL A CG1 1 
ATOM   544  C CG2 . VAL A 1 70 ? -8.179  1.359   17.168  1.00 22.90  ? 70  VAL A CG2 1 
ATOM   545  N N   . ALA A 1 71 ? -6.109  2.954   13.621  1.00 24.43  ? 71  ALA A N   1 
ATOM   546  C CA  . ALA A 1 71 ? -5.366  3.974   12.957  1.00 23.53  ? 71  ALA A CA  1 
ATOM   547  C C   . ALA A 1 71 ? -5.854  3.987   11.537  1.00 24.32  ? 71  ALA A C   1 
ATOM   548  O O   . ALA A 1 71 ? -6.093  5.062   10.999  1.00 27.37  ? 71  ALA A O   1 
ATOM   549  C CB  . ALA A 1 71 ? -3.863  3.729   13.049  1.00 22.03  ? 71  ALA A CB  1 
ATOM   550  N N   . VAL A 1 72 ? -6.071  2.837   10.930  1.00 22.35  ? 72  VAL A N   1 
ATOM   551  C CA  . VAL A 1 72 ? -6.494  2.890   9.543   1.00 23.71  ? 72  VAL A CA  1 
ATOM   552  C C   . VAL A 1 72 ? -7.894  3.471   9.440   1.00 28.20  ? 72  VAL A C   1 
ATOM   553  O O   . VAL A 1 72 ? -8.205  4.167   8.473   1.00 28.74  ? 72  VAL A O   1 
ATOM   554  C CB  . VAL A 1 72 ? -6.432  1.527   8.864   1.00 23.06  ? 72  VAL A CB  1 
ATOM   555  C CG1 . VAL A 1 72 ? -7.240  1.493   7.562   1.00 23.22  ? 72  VAL A CG1 1 
ATOM   556  C CG2 . VAL A 1 72 ? -4.991  1.187   8.595   1.00 22.05  ? 72  VAL A CG2 1 
ATOM   557  N N   . LEU A 1 73 ? -8.729  3.202   10.442  1.00 31.07  ? 73  LEU A N   1 
ATOM   558  C CA  . LEU A 1 73 ? -10.031 3.850   10.513  1.00 33.02  ? 73  LEU A CA  1 
ATOM   559  C C   . LEU A 1 73 ? -9.914  5.365   10.679  1.00 36.76  ? 73  LEU A C   1 
ATOM   560  O O   . LEU A 1 73 ? -10.380 6.080   9.808   1.00 41.04  ? 73  LEU A O   1 
ATOM   561  C CB  . LEU A 1 73 ? -10.889 3.278   11.631  1.00 31.71  ? 73  LEU A CB  1 
ATOM   562  C CG  . LEU A 1 73 ? -11.391 1.859   11.382  1.00 29.86  ? 73  LEU A CG  1 
ATOM   563  C CD1 . LEU A 1 73 ? -11.963 1.347   12.680  1.00 28.81  ? 73  LEU A CD1 1 
ATOM   564  C CD2 . LEU A 1 73 ? -12.399 1.760   10.247  1.00 28.54  ? 73  LEU A CD2 1 
ATOM   565  N N   . ARG A 1 74 ? -9.293  5.857   11.755  1.00 37.30  ? 74  ARG A N   1 
ATOM   566  C CA  . ARG A 1 74 ? -9.062  7.318   11.910  1.00 38.13  ? 74  ARG A CA  1 
ATOM   567  C C   . ARG A 1 74 ? -8.580  7.952   10.600  1.00 39.93  ? 74  ARG A C   1 
ATOM   568  O O   . ARG A 1 74 ? -9.129  8.933   10.126  1.00 42.16  ? 74  ARG A O   1 
ATOM   569  C CB  . ARG A 1 74 ? -8.076  7.630   13.037  1.00 36.03  ? 74  ARG A CB  1 
ATOM   570  C CG  . ARG A 1 74 ? -8.637  7.246   14.407  1.00 38.26  ? 74  ARG A CG  1 
ATOM   571  C CD  . ARG A 1 74 ? -7.865  7.788   15.601  1.00 38.83  ? 74  ARG A CD  1 
ATOM   572  N NE  . ARG A 1 74 ? -8.469  7.379   16.873  1.00 46.28  ? 74  ARG A NE  1 
ATOM   573  C CZ  . ARG A 1 74 ? -9.654  7.819   17.352  1.00 57.87  ? 74  ARG A CZ  1 
ATOM   574  N NH1 . ARG A 1 74 ? -10.412 8.706   16.676  1.00 59.29  ? 74  ARG A NH1 1 
ATOM   575  N NH2 . ARG A 1 74 ? -10.108 7.369   18.526  1.00 58.65  ? 74  ARG A NH2 1 
ATOM   576  N N   . ASP A 1 75 ? -7.599  7.345   9.976   1.00 39.27  ? 75  ASP A N   1 
ATOM   577  C CA  . ASP A 1 75 ? -7.125  7.808   8.705   1.00 40.17  ? 75  ASP A CA  1 
ATOM   578  C C   . ASP A 1 75 ? -8.266  7.777   7.705   1.00 42.82  ? 75  ASP A C   1 
ATOM   579  O O   . ASP A 1 75 ? -8.274  8.548   6.784   1.00 42.71  ? 75  ASP A O   1 
ATOM   580  C CB  . ASP A 1 75 ? -6.002  6.873   8.251   1.00 44.04  ? 75  ASP A CB  1 
ATOM   581  C CG  . ASP A 1 75 ? -5.313  7.336   7.022   1.00 43.72  ? 75  ASP A CG  1 
ATOM   582  O OD1 . ASP A 1 75 ? -4.371  8.121   7.159   1.00 48.92  ? 75  ASP A OD1 1 
ATOM   583  O OD2 . ASP A 1 75 ? -5.685  6.910   5.916   1.00 42.77  ? 75  ASP A OD2 1 
ATOM   584  N N   . MET A 1 76 ? -9.219  6.860   7.853   1.00 48.22  ? 76  MET A N   1 
ATOM   585  C CA  . MET A 1 76 ? -10.453 6.886   7.018   1.00 52.28  ? 76  MET A CA  1 
ATOM   586  C C   . MET A 1 76 ? -11.521 7.906   7.480   1.00 54.33  ? 76  MET A C   1 
ATOM   587  O O   . MET A 1 76 ? -12.580 8.013   6.868   1.00 51.54  ? 76  MET A O   1 
ATOM   588  C CB  . MET A 1 76 ? -11.119 5.503   6.992   1.00 49.27  ? 76  MET A CB  1 
ATOM   589  C CG  . MET A 1 76 ? -10.319 4.431   6.299   1.00 46.89  ? 76  MET A CG  1 
ATOM   590  S SD  . MET A 1 76 ? -11.124 2.830   6.189   1.00 38.07  ? 76  MET A SD  1 
ATOM   591  C CE  . MET A 1 76 ? -11.128 2.652   4.419   1.00 43.10  ? 76  MET A CE  1 
ATOM   592  N N   . ARG A 1 77 ? -11.259 8.606   8.579   1.00 57.47  ? 77  ARG A N   1 
ATOM   593  C CA  . ARG A 1 77 ? -12.208 9.557   9.163   1.00 67.16  ? 77  ARG A CA  1 
ATOM   594  C C   . ARG A 1 77 ? -13.487 8.873   9.681   1.00 60.21  ? 77  ARG A C   1 
ATOM   595  O O   . ARG A 1 77 ? -14.437 9.533   10.062  1.00 61.75  ? 77  ARG A O   1 
ATOM   596  C CB  . ARG A 1 77 ? -12.513 10.689  8.163   1.00 77.72  ? 77  ARG A CB  1 
ATOM   597  C CG  . ARG A 1 77 ? -13.203 11.929  8.732   1.00 87.24  ? 77  ARG A CG  1 
ATOM   598  C CD  . ARG A 1 77 ? -12.290 12.876  9.497   1.00 94.02  ? 77  ARG A CD  1 
ATOM   599  N NE  . ARG A 1 77 ? -13.044 14.061  9.925   1.00 103.28 ? 77  ARG A NE  1 
ATOM   600  C CZ  . ARG A 1 77 ? -12.598 15.005  10.758  1.00 105.70 ? 77  ARG A CZ  1 
ATOM   601  N NH1 . ARG A 1 77 ? -11.375 14.936  11.280  1.00 102.13 ? 77  ARG A NH1 1 
ATOM   602  N NH2 . ARG A 1 77 ? -13.389 16.031  11.073  1.00 102.96 ? 77  ARG A NH2 1 
ATOM   603  N N   . MET A 1 78 ? -13.484 7.549   9.741   1.00 55.34  ? 78  MET A N   1 
ATOM   604  C CA  . MET A 1 78 ? -14.575 6.815   10.361  1.00 53.27  ? 78  MET A CA  1 
ATOM   605  C C   . MET A 1 78 ? -14.381 6.735   11.864  1.00 57.17  ? 78  MET A C   1 
ATOM   606  O O   . MET A 1 78 ? -14.145 5.664   12.405  1.00 58.34  ? 78  MET A O   1 
ATOM   607  C CB  . MET A 1 78 ? -14.625 5.420   9.794   1.00 49.35  ? 78  MET A CB  1 
ATOM   608  C CG  . MET A 1 78 ? -14.891 5.389   8.319   1.00 49.91  ? 78  MET A CG  1 
ATOM   609  S SD  . MET A 1 78 ? -15.811 3.894   7.974   1.00 56.60  ? 78  MET A SD  1 
ATOM   610  C CE  . MET A 1 78 ? -14.936 3.314   6.528   1.00 55.93  ? 78  MET A CE  1 
ATOM   611  N N   . LEU A 1 79 ? -14.496 7.863   12.551  1.00 60.46  ? 79  LEU A N   1 
ATOM   612  C CA  . LEU A 1 79 ? -14.040 7.927   13.943  1.00 62.19  ? 79  LEU A CA  1 
ATOM   613  C C   . LEU A 1 79 ? -15.083 7.537   15.014  1.00 60.14  ? 79  LEU A C   1 
ATOM   614  O O   . LEU A 1 79 ? -14.751 7.435   16.203  1.00 54.21  ? 79  LEU A O   1 
ATOM   615  C CB  . LEU A 1 79 ? -13.353 9.275   14.243  1.00 70.40  ? 79  LEU A CB  1 
ATOM   616  C CG  . LEU A 1 79 ? -13.799 10.605  13.602  1.00 78.95  ? 79  LEU A CG  1 
ATOM   617  C CD1 . LEU A 1 79 ? -15.034 11.162  14.311  1.00 81.36  ? 79  LEU A CD1 1 
ATOM   618  C CD2 . LEU A 1 79 ? -12.659 11.628  13.612  1.00 77.41  ? 79  LEU A CD2 1 
ATOM   619  N N   . GLU A 1 80 ? -16.322 7.271   14.617  1.00 61.57  ? 80  GLU A N   1 
ATOM   620  C CA  . GLU A 1 80 ? -17.243 6.610   15.553  1.00 65.75  ? 80  GLU A CA  1 
ATOM   621  C C   . GLU A 1 80 ? -16.761 5.168   15.756  1.00 62.39  ? 80  GLU A C   1 
ATOM   622  O O   . GLU A 1 80 ? -16.509 4.732   16.893  1.00 59.44  ? 80  GLU A O   1 
ATOM   623  C CB  . GLU A 1 80 ? -18.680 6.609   15.039  1.00 69.11  ? 80  GLU A CB  1 
ATOM   624  C CG  . GLU A 1 80 ? -19.676 6.026   16.040  1.00 75.16  ? 80  GLU A CG  1 
ATOM   625  C CD  . GLU A 1 80 ? -21.076 5.836   15.459  1.00 80.54  ? 80  GLU A CD  1 
ATOM   626  O OE1 . GLU A 1 80 ? -21.277 6.128   14.247  1.00 79.23  ? 80  GLU A OE1 1 
ATOM   627  O OE2 . GLU A 1 80 ? -21.973 5.384   16.220  1.00 72.70  ? 80  GLU A OE2 1 
ATOM   628  N N   . GLU A 1 81 ? -16.611 4.459   14.635  1.00 54.97  ? 81  GLU A N   1 
ATOM   629  C CA  . GLU A 1 81 ? -16.129 3.072   14.640  1.00 53.34  ? 81  GLU A CA  1 
ATOM   630  C C   . GLU A 1 81 ? -14.728 2.965   15.237  1.00 49.17  ? 81  GLU A C   1 
ATOM   631  O O   . GLU A 1 81 ? -14.435 2.029   15.980  1.00 48.07  ? 81  GLU A O   1 
ATOM   632  C CB  . GLU A 1 81 ? -16.187 2.413   13.250  1.00 54.11  ? 81  GLU A CB  1 
ATOM   633  C CG  . GLU A 1 81 ? -16.162 3.339   12.043  1.00 61.10  ? 81  GLU A CG  1 
ATOM   634  C CD  . GLU A 1 81 ? -17.484 4.064   11.756  1.00 63.34  ? 81  GLU A CD  1 
ATOM   635  O OE1 . GLU A 1 81 ? -17.464 5.131   11.101  1.00 63.79  ? 81  GLU A OE1 1 
ATOM   636  O OE2 . GLU A 1 81 ? -18.550 3.585   12.184  1.00 66.88  ? 81  GLU A OE2 1 
ATOM   637  N N   . ALA A 1 82 ? -13.880 3.939   14.933  1.00 46.01  ? 82  ALA A N   1 
ATOM   638  C CA  . ALA A 1 82 ? -12.591 4.056   15.596  1.00 44.89  ? 82  ALA A CA  1 
ATOM   639  C C   . ALA A 1 82 ? -12.685 4.157   17.128  1.00 46.46  ? 82  ALA A C   1 
ATOM   640  O O   . ALA A 1 82 ? -11.956 3.465   17.861  1.00 44.64  ? 82  ALA A O   1 
ATOM   641  C CB  . ALA A 1 82 ? -11.838 5.246   15.056  1.00 44.70  ? 82  ALA A CB  1 
ATOM   642  N N   . ALA A 1 83 ? -13.562 5.029   17.608  1.00 48.41  ? 83  ALA A N   1 
ATOM   643  C CA  . ALA A 1 83 ? -13.626 5.312   19.035  1.00 48.49  ? 83  ALA A CA  1 
ATOM   644  C C   . ALA A 1 83 ? -14.259 4.141   19.738  1.00 46.39  ? 83  ALA A C   1 
ATOM   645  O O   . ALA A 1 83 ? -13.893 3.800   20.862  1.00 43.60  ? 83  ALA A O   1 
ATOM   646  C CB  . ALA A 1 83 ? -14.424 6.572   19.290  1.00 51.44  ? 83  ALA A CB  1 
ATOM   647  N N   . ARG A 1 84 ? -15.207 3.514   19.060  1.00 47.29  ? 84  ARG A N   1 
ATOM   648  C CA  . ARG A 1 84 ? -15.856 2.336   19.614  1.00 53.20  ? 84  ARG A CA  1 
ATOM   649  C C   . ARG A 1 84 ? -14.794 1.269   19.902  1.00 48.68  ? 84  ARG A C   1 
ATOM   650  O O   . ARG A 1 84 ? -14.666 0.783   21.035  1.00 48.09  ? 84  ARG A O   1 
ATOM   651  C CB  . ARG A 1 84 ? -16.935 1.819   18.650  1.00 60.73  ? 84  ARG A CB  1 
ATOM   652  C CG  . ARG A 1 84 ? -17.932 0.846   19.265  1.00 66.06  ? 84  ARG A CG  1 
ATOM   653  C CD  . ARG A 1 84 ? -19.055 0.542   18.275  1.00 71.30  ? 84  ARG A CD  1 
ATOM   654  N NE  . ARG A 1 84 ? -19.499 -0.856  18.352  1.00 77.07  ? 84  ARG A NE  1 
ATOM   655  C CZ  . ARG A 1 84 ? -20.356 -1.347  19.249  1.00 81.78  ? 84  ARG A CZ  1 
ATOM   656  N NH1 . ARG A 1 84 ? -20.895 -0.566  20.185  1.00 83.93  ? 84  ARG A NH1 1 
ATOM   657  N NH2 . ARG A 1 84 ? -20.684 -2.639  19.208  1.00 83.20  ? 84  ARG A NH2 1 
ATOM   658  N N   . LEU A 1 85 ? -14.009 0.949   18.880  1.00 41.87  ? 85  LEU A N   1 
ATOM   659  C CA  . LEU A 1 85 ? -12.942 -0.023  19.018  1.00 38.95  ? 85  LEU A CA  1 
ATOM   660  C C   . LEU A 1 85 ? -11.927 0.438   20.045  1.00 38.39  ? 85  LEU A C   1 
ATOM   661  O O   . LEU A 1 85 ? -11.484 -0.329  20.900  1.00 37.13  ? 85  LEU A O   1 
ATOM   662  C CB  . LEU A 1 85 ? -12.265 -0.287  17.665  1.00 37.78  ? 85  LEU A CB  1 
ATOM   663  C CG  . LEU A 1 85 ? -11.186 -1.391  17.654  1.00 37.87  ? 85  LEU A CG  1 
ATOM   664  C CD1 . LEU A 1 85 ? -11.793 -2.715  18.074  1.00 38.52  ? 85  LEU A CD1 1 
ATOM   665  C CD2 . LEU A 1 85 ? -10.466 -1.573  16.311  1.00 38.00  ? 85  LEU A CD2 1 
ATOM   666  N N   . GLN A 1 86 ? -11.546 1.697   19.944  1.00 43.02  ? 86  GLN A N   1 
ATOM   667  C CA  . GLN A 1 86 ? -10.582 2.275   20.853  1.00 48.43  ? 86  GLN A CA  1 
ATOM   668  C C   . GLN A 1 86 ? -11.017 1.992   22.288  1.00 51.25  ? 86  GLN A C   1 
ATOM   669  O O   . GLN A 1 86 ? -10.240 1.444   23.077  1.00 48.40  ? 86  GLN A O   1 
ATOM   670  C CB  . GLN A 1 86 ? -10.497 3.775   20.578  1.00 54.47  ? 86  GLN A CB  1 
ATOM   671  C CG  . GLN A 1 86 ? -9.714  4.591   21.577  1.00 59.97  ? 86  GLN A CG  1 
ATOM   672  C CD  . GLN A 1 86 ? -8.241  4.292   21.519  1.00 65.48  ? 86  GLN A CD  1 
ATOM   673  O OE1 . GLN A 1 86 ? -7.783  3.555   20.654  1.00 72.88  ? 86  GLN A OE1 1 
ATOM   674  N NE2 . GLN A 1 86 ? -7.480  4.876   22.439  1.00 72.68  ? 86  GLN A NE2 1 
ATOM   675  N N   . ARG A 1 87 ? -12.266 2.346   22.608  1.00 55.95  ? 87  ARG A N   1 
ATOM   676  C CA  . ARG A 1 87 ? -12.802 2.160   23.968  1.00 61.87  ? 87  ARG A CA  1 
ATOM   677  C C   . ARG A 1 87 ? -12.924 0.673   24.261  1.00 54.53  ? 87  ARG A C   1 
ATOM   678  O O   . ARG A 1 87 ? -12.557 0.220   25.340  1.00 47.39  ? 87  ARG A O   1 
ATOM   679  C CB  . ARG A 1 87 ? -14.153 2.896   24.174  1.00 70.76  ? 87  ARG A CB  1 
ATOM   680  C CG  . ARG A 1 87 ? -15.338 2.319   23.393  1.00 80.83  ? 87  ARG A CG  1 
ATOM   681  C CD  . ARG A 1 87 ? -16.593 3.198   23.387  1.00 88.33  ? 87  ARG A CD  1 
ATOM   682  N NE  . ARG A 1 87 ? -17.084 3.517   24.733  1.00 97.76  ? 87  ARG A NE  1 
ATOM   683  C CZ  . ARG A 1 87 ? -17.756 2.687   25.540  1.00 97.05  ? 87  ARG A CZ  1 
ATOM   684  N NH1 . ARG A 1 87 ? -18.038 1.437   25.172  1.00 96.46  ? 87  ARG A NH1 1 
ATOM   685  N NH2 . ARG A 1 87 ? -18.138 3.113   26.742  1.00 92.20  ? 87  ARG A NH2 1 
ATOM   686  N N   . ALA A 1 88 ? -13.401 -0.076  23.266  1.00 55.94  ? 88  ALA A N   1 
ATOM   687  C CA  . ALA A 1 88 ? -13.492 -1.547  23.320  1.00 53.59  ? 88  ALA A CA  1 
ATOM   688  C C   . ALA A 1 88 ? -12.161 -2.252  23.592  1.00 52.57  ? 88  ALA A C   1 
ATOM   689  O O   . ALA A 1 88 ? -12.165 -3.397  23.982  1.00 49.84  ? 88  ALA A O   1 
ATOM   690  C CB  . ALA A 1 88 ? -14.118 -2.078  22.035  1.00 51.15  ? 88  ALA A CB  1 
ATOM   691  N N   . ALA A 1 89 ? -11.038 -1.561  23.387  1.00 60.50  ? 89  ALA A N   1 
ATOM   692  C CA  . ALA A 1 89 ? -9.701  -2.022  23.820  1.00 63.31  ? 89  ALA A CA  1 
ATOM   693  C C   . ALA A 1 89 ? -9.071  -1.107  24.886  1.00 65.93  ? 89  ALA A C   1 
ATOM   694  O O   . ALA A 1 89 ? -9.394  -1.195  26.076  1.00 73.24  ? 89  ALA A O   1 
ATOM   695  C CB  . ALA A 1 89 ? -8.778  -2.092  22.621  1.00 64.00  ? 89  ALA A CB  1 
ATOM   696  N N   . THR B 1 3  ? -4.154  10.731  -3.486  1.00 53.57  ? 3   THR B N   1 
ATOM   697  C CA  . THR B 1 3  ? -2.687  11.035  -3.463  1.00 49.79  ? 3   THR B CA  1 
ATOM   698  C C   . THR B 1 3  ? -1.950  10.240  -4.543  1.00 47.52  ? 3   THR B C   1 
ATOM   699  O O   . THR B 1 3  ? -2.269  9.071   -4.838  1.00 42.11  ? 3   THR B O   1 
ATOM   700  C CB  . THR B 1 3  ? -1.985  10.686  -2.118  1.00 49.73  ? 3   THR B CB  1 
ATOM   701  O OG1 . THR B 1 3  ? -1.565  9.319   -2.142  1.00 48.66  ? 3   THR B OG1 1 
ATOM   702  C CG2 . THR B 1 3  ? -2.883  10.918  -0.898  1.00 49.74  ? 3   THR B CG2 1 
ATOM   703  N N   . LYS B 1 4  ? -0.919  10.890  -5.075  1.00 45.71  ? 4   LYS B N   1 
ATOM   704  C CA  . LYS B 1 4  ? 0.000   10.296  -6.069  1.00 41.24  ? 4   LYS B CA  1 
ATOM   705  C C   . LYS B 1 4  ? 0.630   8.991   -5.590  1.00 34.28  ? 4   LYS B C   1 
ATOM   706  O O   . LYS B 1 4  ? 0.750   8.032   -6.336  1.00 36.15  ? 4   LYS B O   1 
ATOM   707  C CB  . LYS B 1 4  ? 1.076   11.318  -6.433  1.00 43.38  ? 4   LYS B CB  1 
ATOM   708  C CG  . LYS B 1 4  ? 0.500   12.720  -6.563  1.00 47.04  ? 4   LYS B CG  1 
ATOM   709  C CD  . LYS B 1 4  ? 1.432   13.673  -7.262  1.00 51.75  ? 4   LYS B CD  1 
ATOM   710  C CE  . LYS B 1 4  ? 0.656   14.888  -7.744  1.00 56.72  ? 4   LYS B CE  1 
ATOM   711  N NZ  . LYS B 1 4  ? 0.210   14.655  -9.142  1.00 62.28  ? 4   LYS B NZ  1 
ATOM   712  N N   . ARG B 1 5  ? 1.000   8.952   -4.335  1.00 30.55  ? 5   ARG B N   1 
ATOM   713  C CA  . ARG B 1 5  ? 1.505   7.741   -3.718  1.00 31.30  ? 5   ARG B CA  1 
ATOM   714  C C   . ARG B 1 5  ? 0.585   6.544   -3.952  1.00 30.13  ? 5   ARG B C   1 
ATOM   715  O O   . ARG B 1 5  ? 1.046   5.466   -4.326  1.00 27.15  ? 5   ARG B O   1 
ATOM   716  C CB  . ARG B 1 5  ? 1.698   8.007   -2.215  1.00 32.59  ? 5   ARG B CB  1 
ATOM   717  C CG  . ARG B 1 5  ? 2.371   6.913   -1.418  1.00 32.69  ? 5   ARG B CG  1 
ATOM   718  C CD  . ARG B 1 5  ? 2.510   7.309   0.059   1.00 33.52  ? 5   ARG B CD  1 
ATOM   719  N NE  . ARG B 1 5  ? 2.862   6.160   0.900   1.00 32.29  ? 5   ARG B NE  1 
ATOM   720  C CZ  . ARG B 1 5  ? 1.998   5.416   1.587   1.00 32.30  ? 5   ARG B CZ  1 
ATOM   721  N NH1 . ARG B 1 5  ? 0.702   5.719   1.579   1.00 30.48  ? 5   ARG B NH1 1 
ATOM   722  N NH2 . ARG B 1 5  ? 2.435   4.365   2.306   1.00 32.65  ? 5   ARG B NH2 1 
ATOM   723  N N   . GLU B 1 6  ? -0.716  6.737   -3.757  1.00 32.30  ? 6   GLU B N   1 
ATOM   724  C CA  . GLU B 1 6  ? -1.681  5.634   -3.899  1.00 33.05  ? 6   GLU B CA  1 
ATOM   725  C C   . GLU B 1 6  ? -1.853  5.298   -5.358  1.00 29.00  ? 6   GLU B C   1 
ATOM   726  O O   . GLU B 1 6  ? -1.966  4.150   -5.729  1.00 30.71  ? 6   GLU B O   1 
ATOM   727  C CB  . GLU B 1 6  ? -3.045  6.001   -3.330  1.00 39.50  ? 6   GLU B CB  1 
ATOM   728  C CG  . GLU B 1 6  ? -3.072  6.453   -1.870  1.00 46.11  ? 6   GLU B CG  1 
ATOM   729  C CD  . GLU B 1 6  ? -4.242  7.406   -1.584  1.00 52.91  ? 6   GLU B CD  1 
ATOM   730  O OE1 . GLU B 1 6  ? -4.218  8.564   -2.065  1.00 49.35  ? 6   GLU B OE1 1 
ATOM   731  O OE2 . GLU B 1 6  ? -5.196  6.988   -0.880  1.00 57.88  ? 6   GLU B OE2 1 
ATOM   732  N N   . ALA B 1 7  ? -1.864  6.318   -6.194  1.00 27.74  ? 7   ALA B N   1 
ATOM   733  C CA  . ALA B 1 7  ? -1.949  6.150   -7.653  1.00 26.78  ? 7   ALA B CA  1 
ATOM   734  C C   . ALA B 1 7  ? -0.803  5.311   -8.216  1.00 26.78  ? 7   ALA B C   1 
ATOM   735  O O   . ALA B 1 7  ? -1.013  4.385   -8.998  1.00 26.10  ? 7   ALA B O   1 
ATOM   736  C CB  . ALA B 1 7  ? -1.965  7.516   -8.302  1.00 26.58  ? 7   ALA B CB  1 
ATOM   737  N N   . ILE B 1 8  ? 0.414   5.610   -7.773  1.00 25.67  ? 8   ILE B N   1 
ATOM   738  C CA  . ILE B 1 8  ? 1.558   4.807   -8.163  1.00 24.42  ? 8   ILE B CA  1 
ATOM   739  C C   . ILE B 1 8  ? 1.334   3.387   -7.775  1.00 23.09  ? 8   ILE B C   1 
ATOM   740  O O   . ILE B 1 8  ? 1.547   2.485   -8.529  1.00 22.30  ? 8   ILE B O   1 
ATOM   741  C CB  . ILE B 1 8  ? 2.869   5.358   -7.533  1.00 24.88  ? 8   ILE B CB  1 
ATOM   742  C CG1 . ILE B 1 8  ? 3.271   6.656   -8.209  1.00 23.66  ? 8   ILE B CG1 1 
ATOM   743  C CG2 . ILE B 1 8  ? 4.031   4.383   -7.672  1.00 25.64  ? 8   ILE B CG2 1 
ATOM   744  C CD1 . ILE B 1 8  ? 4.156   7.515   -7.363  1.00 24.73  ? 8   ILE B CD1 1 
ATOM   745  N N   . LEU B 1 9  ? 0.883   3.185   -6.565  1.00 27.43  ? 9   LEU B N   1 
ATOM   746  C CA  . LEU B 1 9  ? 0.725   1.817   -6.038  1.00 30.07  ? 9   LEU B CA  1 
ATOM   747  C C   . LEU B 1 9  ? -0.292  0.962   -6.823  1.00 31.87  ? 9   LEU B C   1 
ATOM   748  O O   . LEU B 1 9  ? -0.002  -0.177  -7.187  1.00 29.35  ? 9   LEU B O   1 
ATOM   749  C CB  . LEU B 1 9  ? 0.335   1.935   -4.578  1.00 29.18  ? 9   LEU B CB  1 
ATOM   750  C CG  . LEU B 1 9  ? 0.052   0.702   -3.759  1.00 30.27  ? 9   LEU B CG  1 
ATOM   751  C CD1 . LEU B 1 9  ? 1.102   -0.372  -3.922  1.00 30.42  ? 9   LEU B CD1 1 
ATOM   752  C CD2 . LEU B 1 9  ? -0.054  1.154   -2.312  1.00 31.32  ? 9   LEU B CD2 1 
ATOM   753  N N   . LYS B 1 10 ? -1.467  1.521   -7.101  1.00 35.43  ? 10  LYS B N   1 
ATOM   754  C CA  . LYS B 1 10 ? -2.481  0.769   -7.828  1.00 40.54  ? 10  LYS B CA  1 
ATOM   755  C C   . LYS B 1 10 ? -1.877  0.355   -9.133  1.00 39.91  ? 10  LYS B C   1 
ATOM   756  O O   . LYS B 1 10 ? -1.825  -0.848  -9.486  1.00 41.34  ? 10  LYS B O   1 
ATOM   757  C CB  . LYS B 1 10 ? -3.735  1.602   -8.081  1.00 45.78  ? 10  LYS B CB  1 
ATOM   758  C CG  . LYS B 1 10 ? -4.639  1.689   -6.857  1.00 54.65  ? 10  LYS B CG  1 
ATOM   759  C CD  . LYS B 1 10 ? -5.593  2.891   -6.894  1.00 61.84  ? 10  LYS B CD  1 
ATOM   760  C CE  . LYS B 1 10 ? -5.846  3.449   -5.495  1.00 64.38  ? 10  LYS B CE  1 
ATOM   761  N NZ  . LYS B 1 10 ? -6.832  4.563   -5.514  1.00 68.97  ? 10  LYS B NZ  1 
ATOM   762  N N   . VAL B 1 11 ? -1.376  1.364   -9.833  1.00 34.63  ? 11  VAL B N   1 
ATOM   763  C CA  . VAL B 1 11 ? -0.933  1.154   -11.177 1.00 32.70  ? 11  VAL B CA  1 
ATOM   764  C C   . VAL B 1 11 ? 0.161   0.108   -11.208 1.00 32.82  ? 11  VAL B C   1 
ATOM   765  O O   . VAL B 1 11 ? 0.117   -0.796  -12.008 1.00 35.52  ? 11  VAL B O   1 
ATOM   766  C CB  . VAL B 1 11 ? -0.455  2.441   -11.820 1.00 32.67  ? 11  VAL B CB  1 
ATOM   767  C CG1 . VAL B 1 11 ? 0.153   2.100   -13.146 1.00 33.48  ? 11  VAL B CG1 1 
ATOM   768  C CG2 . VAL B 1 11 ? -1.616  3.435   -11.968 1.00 32.27  ? 11  VAL B CG2 1 
ATOM   769  N N   . LEU B 1 12 ? 1.127   0.202   -10.317 1.00 33.19  ? 12  LEU B N   1 
ATOM   770  C CA  . LEU B 1 12 ? 2.123   -0.839  -10.257 1.00 34.16  ? 12  LEU B CA  1 
ATOM   771  C C   . LEU B 1 12 ? 1.534   -2.196  -9.938  1.00 34.91  ? 12  LEU B C   1 
ATOM   772  O O   . LEU B 1 12 ? 2.055   -3.219  -10.375 1.00 32.71  ? 12  LEU B O   1 
ATOM   773  C CB  . LEU B 1 12 ? 3.167   -0.509  -9.210  1.00 34.47  ? 12  LEU B CB  1 
ATOM   774  C CG  . LEU B 1 12 ? 4.037   0.692   -9.536  1.00 36.82  ? 12  LEU B CG  1 
ATOM   775  C CD1 . LEU B 1 12 ? 5.194   0.686   -8.546  1.00 37.82  ? 12  LEU B CD1 1 
ATOM   776  C CD2 . LEU B 1 12 ? 4.557   0.681   -10.966 1.00 37.15  ? 12  LEU B CD2 1 
ATOM   777  N N   . GLU B 1 13 ? 0.470   -2.197  -9.147  1.00 38.90  ? 13  GLU B N   1 
ATOM   778  C CA  . GLU B 1 13 ? -0.137  -3.432  -8.667  1.00 43.78  ? 13  GLU B CA  1 
ATOM   779  C C   . GLU B 1 13 ? -0.791  -4.229  -9.792  1.00 44.27  ? 13  GLU B C   1 
ATOM   780  O O   . GLU B 1 13 ? -0.790  -5.451  -9.769  1.00 38.68  ? 13  GLU B O   1 
ATOM   781  C CB  . GLU B 1 13 ? -1.185  -3.107  -7.632  1.00 49.25  ? 13  GLU B CB  1 
ATOM   782  C CG  . GLU B 1 13 ? -1.252  -4.102  -6.502  1.00 54.80  ? 13  GLU B CG  1 
ATOM   783  C CD  . GLU B 1 13 ? -1.479  -3.406  -5.182  1.00 60.34  ? 13  GLU B CD  1 
ATOM   784  O OE1 . GLU B 1 13 ? -2.153  -2.333  -5.178  1.00 59.52  ? 13  GLU B OE1 1 
ATOM   785  O OE2 . GLU B 1 13 ? -0.971  -3.924  -4.159  1.00 59.61  ? 13  GLU B OE2 1 
ATOM   786  N N   . ASN B 1 14 ? -1.314  -3.520  -10.787 1.00 45.29  ? 14  ASN B N   1 
ATOM   787  C CA  . ASN B 1 14 ? -1.833  -4.151  -11.998 1.00 48.16  ? 14  ASN B CA  1 
ATOM   788  C C   . ASN B 1 14 ? -0.808  -4.693  -12.982 1.00 44.60  ? 14  ASN B C   1 
ATOM   789  O O   . ASN B 1 14 ? -1.165  -4.932  -14.119 1.00 45.52  ? 14  ASN B O   1 
ATOM   790  C CB  . ASN B 1 14 ? -2.682  -3.146  -12.785 1.00 53.20  ? 14  ASN B CB  1 
ATOM   791  C CG  . ASN B 1 14 ? -3.867  -2.642  -11.998 1.00 60.66  ? 14  ASN B CG  1 
ATOM   792  O OD1 . ASN B 1 14 ? -4.336  -1.528  -12.253 1.00 64.83  ? 14  ASN B OD1 1 
ATOM   793  N ND2 . ASN B 1 14 ? -4.357  -3.452  -11.022 1.00 58.34  ? 14  ASN B ND2 1 
ATOM   794  N N   . LEU B 1 15 ? 0.448   -4.860  -12.595 1.00 43.35  ? 15  LEU B N   1 
ATOM   795  C CA  . LEU B 1 15 ? 1.437   -5.401  -13.511 1.00 43.07  ? 15  LEU B CA  1 
ATOM   796  C C   . LEU B 1 15 ? 1.633   -6.842  -13.198 1.00 41.54  ? 15  LEU B C   1 
ATOM   797  O O   . LEU B 1 15 ? 1.647   -7.214  -12.033 1.00 41.43  ? 15  LEU B O   1 
ATOM   798  C CB  . LEU B 1 15 ? 2.787   -4.708  -13.370 1.00 46.25  ? 15  LEU B CB  1 
ATOM   799  C CG  . LEU B 1 15 ? 3.026   -3.502  -14.282 1.00 52.22  ? 15  LEU B CG  1 
ATOM   800  C CD1 . LEU B 1 15 ? 1.794   -2.593  -14.353 1.00 55.32  ? 15  LEU B CD1 1 
ATOM   801  C CD2 . LEU B 1 15 ? 4.270   -2.740  -13.828 1.00 49.79  ? 15  LEU B CD2 1 
ATOM   802  N N   . THR B 1 16 ? 1.813   -7.641  -14.243 1.00 42.31  ? 16  THR B N   1 
ATOM   803  C CA  . THR B 1 16 ? 2.208   -9.030  -14.084 1.00 47.14  ? 16  THR B CA  1 
ATOM   804  C C   . THR B 1 16 ? 3.558   -8.943  -13.455 1.00 49.12  ? 16  THR B C   1 
ATOM   805  O O   . THR B 1 16 ? 4.196   -7.912  -13.523 1.00 47.52  ? 16  THR B O   1 
ATOM   806  C CB  . THR B 1 16 ? 2.331   -9.825  -15.418 1.00 49.26  ? 16  THR B CB  1 
ATOM   807  O OG1 . THR B 1 16 ? 3.612   -9.584  -16.014 1.00 51.07  ? 16  THR B OG1 1 
ATOM   808  C CG2 . THR B 1 16 ? 1.213   -9.474  -16.415 1.00 49.84  ? 16  THR B CG2 1 
ATOM   809  N N   . PRO B 1 17 ? 4.002   -10.019 -12.822 1.00 56.20  ? 17  PRO B N   1 
ATOM   810  C CA  . PRO B 1 17 ? 5.278   -9.877  -12.134 1.00 57.88  ? 17  PRO B CA  1 
ATOM   811  C C   . PRO B 1 17 ? 6.451   -9.820  -13.103 1.00 60.01  ? 17  PRO B C   1 
ATOM   812  O O   . PRO B 1 17 ? 7.525   -9.350  -12.726 1.00 61.33  ? 17  PRO B O   1 
ATOM   813  C CB  . PRO B 1 17 ? 5.342   -11.120 -11.237 1.00 56.36  ? 17  PRO B CB  1 
ATOM   814  C CG  . PRO B 1 17 ? 4.434   -12.113 -11.878 1.00 51.44  ? 17  PRO B CG  1 
ATOM   815  C CD  . PRO B 1 17 ? 3.414   -11.361 -12.680 1.00 51.64  ? 17  PRO B CD  1 
ATOM   816  N N   . GLU B 1 18 ? 6.279   -10.299 -14.332 1.00 64.49  ? 18  GLU B N   1 
ATOM   817  C CA  . GLU B 1 18 ? 7.413   -10.277 -15.254 1.00 69.14  ? 18  GLU B CA  1 
ATOM   818  C C   . GLU B 1 18 ? 7.481   -8.892  -15.837 1.00 59.98  ? 18  GLU B C   1 
ATOM   819  O O   . GLU B 1 18 ? 8.557   -8.379  -16.096 1.00 58.89  ? 18  GLU B O   1 
ATOM   820  C CB  . GLU B 1 18 ? 7.372   -11.377 -16.343 1.00 76.27  ? 18  GLU B CB  1 
ATOM   821  C CG  . GLU B 1 18 ? 6.472   -11.126 -17.560 1.00 81.64  ? 18  GLU B CG  1 
ATOM   822  C CD  . GLU B 1 18 ? 5.051   -11.644 -17.372 1.00 88.74  ? 18  GLU B CD  1 
ATOM   823  O OE1 . GLU B 1 18 ? 4.684   -12.056 -16.244 1.00 88.86  ? 18  GLU B OE1 1 
ATOM   824  O OE2 . GLU B 1 18 ? 4.285   -11.633 -18.358 1.00 91.65  ? 18  GLU B OE2 1 
ATOM   825  N N   . GLU B 1 19 ? 6.331   -8.263  -16.014 1.00 54.55  ? 19  GLU B N   1 
ATOM   826  C CA  . GLU B 1 19 ? 6.360   -6.903  -16.493 1.00 55.32  ? 19  GLU B CA  1 
ATOM   827  C C   . GLU B 1 19 ? 6.632   -5.916  -15.342 1.00 57.12  ? 19  GLU B C   1 
ATOM   828  O O   . GLU B 1 19 ? 6.872   -4.725  -15.566 1.00 56.92  ? 19  GLU B O   1 
ATOM   829  C CB  . GLU B 1 19 ? 5.124   -6.589  -17.317 1.00 52.98  ? 19  GLU B CB  1 
ATOM   830  C CG  . GLU B 1 19 ? 3.850   -6.386  -16.549 1.00 57.72  ? 19  GLU B CG  1 
ATOM   831  C CD  . GLU B 1 19 ? 2.622   -6.317  -17.461 1.00 60.28  ? 19  GLU B CD  1 
ATOM   832  O OE1 . GLU B 1 19 ? 2.653   -6.915  -18.566 1.00 61.02  ? 19  GLU B OE1 1 
ATOM   833  O OE2 . GLU B 1 19 ? 1.617   -5.681  -17.065 1.00 54.99  ? 19  GLU B OE2 1 
ATOM   834  N N   . LEU B 1 20 ? 6.653   -6.424  -14.112 1.00 53.76  ? 20  LEU B N   1 
ATOM   835  C CA  . LEU B 1 20 ? 7.089   -5.633  -12.982 1.00 47.77  ? 20  LEU B CA  1 
ATOM   836  C C   . LEU B 1 20 ? 8.596   -5.611  -12.997 1.00 47.14  ? 20  LEU B C   1 
ATOM   837  O O   . LEU B 1 20 ? 9.180   -4.546  -13.073 1.00 54.29  ? 20  LEU B O   1 
ATOM   838  C CB  . LEU B 1 20 ? 6.558   -6.198  -11.665 1.00 45.56  ? 20  LEU B CB  1 
ATOM   839  C CG  . LEU B 1 20 ? 6.952   -5.445  -10.383 1.00 42.56  ? 20  LEU B CG  1 
ATOM   840  C CD1 . LEU B 1 20 ? 6.366   -4.042  -10.320 1.00 40.79  ? 20  LEU B CD1 1 
ATOM   841  C CD2 . LEU B 1 20 ? 6.531   -6.226  -9.159  1.00 39.77  ? 20  LEU B CD2 1 
ATOM   842  N N   . LYS B 1 21 ? 9.221   -6.779  -12.953 1.00 46.52  ? 21  LYS B N   1 
ATOM   843  C CA  . LYS B 1 21 ? 10.664  -6.873  -13.084 1.00 48.87  ? 21  LYS B CA  1 
ATOM   844  C C   . LYS B 1 21 ? 11.200  -5.986  -14.175 1.00 46.68  ? 21  LYS B C   1 
ATOM   845  O O   . LYS B 1 21 ? 12.210  -5.297  -13.994 1.00 44.65  ? 21  LYS B O   1 
ATOM   846  C CB  . LYS B 1 21 ? 11.096  -8.298  -13.406 1.00 55.72  ? 21  LYS B CB  1 
ATOM   847  C CG  . LYS B 1 21 ? 11.197  -9.199  -12.186 1.00 67.50  ? 21  LYS B CG  1 
ATOM   848  C CD  . LYS B 1 21 ? 12.209  -8.695  -11.153 1.00 72.54  ? 21  LYS B CD  1 
ATOM   849  C CE  . LYS B 1 21 ? 12.128  -9.485  -9.851  1.00 75.92  ? 21  LYS B CE  1 
ATOM   850  N NZ  . LYS B 1 21 ? 12.702  -8.731  -8.695  1.00 78.32  ? 21  LYS B NZ  1 
ATOM   851  N N   . LYS B 1 22 ? 10.547  -6.010  -15.322 1.00 44.24  ? 22  LYS B N   1 
ATOM   852  C CA  . LYS B 1 22 ? 11.026  -5.193  -16.417 1.00 48.78  ? 22  LYS B CA  1 
ATOM   853  C C   . LYS B 1 22 ? 10.986  -3.720  -16.016 1.00 45.17  ? 22  LYS B C   1 
ATOM   854  O O   . LYS B 1 22 ? 11.952  -2.985  -16.224 1.00 45.79  ? 22  LYS B O   1 
ATOM   855  C CB  . LYS B 1 22 ? 10.216  -5.423  -17.689 1.00 53.14  ? 22  LYS B CB  1 
ATOM   856  C CG  . LYS B 1 22 ? 10.874  -4.833  -18.925 1.00 59.04  ? 22  LYS B CG  1 
ATOM   857  C CD  . LYS B 1 22 ? 10.467  -5.564  -20.207 1.00 65.11  ? 22  LYS B CD  1 
ATOM   858  C CE  . LYS B 1 22 ? 11.111  -4.956  -21.458 1.00 67.19  ? 22  LYS B CE  1 
ATOM   859  N NZ  . LYS B 1 22 ? 10.441  -3.700  -21.916 1.00 64.13  ? 22  LYS B NZ  1 
ATOM   860  N N   . PHE B 1 23 ? 9.872   -3.309  -15.420 1.00 40.08  ? 23  PHE B N   1 
ATOM   861  C CA  . PHE B 1 23 ? 9.688   -1.935  -15.020 1.00 35.25  ? 23  PHE B CA  1 
ATOM   862  C C   . PHE B 1 23 ? 10.755  -1.489  -14.027 1.00 35.16  ? 23  PHE B C   1 
ATOM   863  O O   . PHE B 1 23 ? 11.249  -0.371  -14.093 1.00 32.82  ? 23  PHE B O   1 
ATOM   864  C CB  . PHE B 1 23 ? 8.319   -1.760  -14.386 1.00 33.13  ? 23  PHE B CB  1 
ATOM   865  C CG  . PHE B 1 23 ? 8.178   -0.483  -13.622 1.00 30.29  ? 23  PHE B CG  1 
ATOM   866  C CD1 . PHE B 1 23 ? 8.685   -0.373  -12.328 1.00 29.16  ? 23  PHE B CD1 1 
ATOM   867  C CD2 . PHE B 1 23 ? 7.569   0.616   -14.203 1.00 28.42  ? 23  PHE B CD2 1 
ATOM   868  C CE1 . PHE B 1 23 ? 8.577   0.806   -11.633 1.00 27.29  ? 23  PHE B CE1 1 
ATOM   869  C CE2 . PHE B 1 23 ? 7.479   1.814   -13.518 1.00 28.00  ? 23  PHE B CE2 1 
ATOM   870  C CZ  . PHE B 1 23 ? 7.978   1.904   -12.227 1.00 27.45  ? 23  PHE B CZ  1 
ATOM   871  N N   . LYS B 1 24 ? 11.075  -2.352  -13.084 1.00 33.85  ? 24  LYS B N   1 
ATOM   872  C CA  . LYS B 1 24 ? 12.107  -2.036  -12.141 1.00 37.33  ? 24  LYS B CA  1 
ATOM   873  C C   . LYS B 1 24 ? 13.447  -1.840  -12.819 1.00 39.86  ? 24  LYS B C   1 
ATOM   874  O O   . LYS B 1 24 ? 14.147  -0.844  -12.600 1.00 42.07  ? 24  LYS B O   1 
ATOM   875  C CB  . LYS B 1 24 ? 12.268  -3.157  -11.145 1.00 38.53  ? 24  LYS B CB  1 
ATOM   876  C CG  . LYS B 1 24 ? 11.127  -3.337  -10.146 1.00 40.93  ? 24  LYS B CG  1 
ATOM   877  C CD  . LYS B 1 24 ? 11.464  -4.551  -9.274  1.00 44.89  ? 24  LYS B CD  1 
ATOM   878  C CE  . LYS B 1 24 ? 10.664  -4.659  -7.985  1.00 48.06  ? 24  LYS B CE  1 
ATOM   879  N NZ  . LYS B 1 24 ? 11.496  -5.204  -6.861  1.00 50.95  ? 24  LYS B NZ  1 
ATOM   880  N N   . MET B 1 25 ? 13.827  -2.803  -13.642 1.00 44.10  ? 25  MET B N   1 
ATOM   881  C CA  . MET B 1 25 ? 15.147  -2.759  -14.242 1.00 41.52  ? 25  MET B CA  1 
ATOM   882  C C   . MET B 1 25 ? 15.204  -1.531  -15.087 1.00 36.19  ? 25  MET B C   1 
ATOM   883  O O   . MET B 1 25 ? 16.156  -0.769  -14.992 1.00 28.64  ? 25  MET B O   1 
ATOM   884  C CB  . MET B 1 25 ? 15.442  -4.021  -14.989 1.00 48.50  ? 25  MET B CB  1 
ATOM   885  C CG  . MET B 1 25 ? 16.014  -5.063  -14.018 1.00 58.23  ? 25  MET B CG  1 
ATOM   886  S SD  . MET B 1 25 ? 16.151  -6.801  -14.980 0.52 87.19  ? 25  MET B SD  1 
ATOM   887  C CE  . MET B 1 25 ? 16.854  -6.333  -16.778 1.00 75.26  ? 25  MET B CE  1 
ATOM   888  N N   . LYS B 1 26 ? 14.167  -1.274  -15.879 1.00 34.34  ? 26  LYS B N   1 
ATOM   889  C CA  . LYS B 1 26 ? 14.194  -0.063  -16.701 1.00 35.53  ? 26  LYS B CA  1 
ATOM   890  C C   . LYS B 1 26 ? 14.359  1.219   -15.861 1.00 33.25  ? 26  LYS B C   1 
ATOM   891  O O   . LYS B 1 26 ? 15.129  2.127   -16.210 1.00 32.98  ? 26  LYS B O   1 
ATOM   892  C CB  . LYS B 1 26 ? 12.976  0.034   -17.627 1.00 38.83  ? 26  LYS B CB  1 
ATOM   893  C CG  . LYS B 1 26 ? 13.120  -0.743  -18.936 1.00 44.10  ? 26  LYS B CG  1 
ATOM   894  C CD  . LYS B 1 26 ? 12.121  -0.284  -20.006 1.00 51.61  ? 26  LYS B CD  1 
ATOM   895  C CE  . LYS B 1 26 ? 12.176  -1.105  -21.311 1.00 55.91  ? 26  LYS B CE  1 
ATOM   896  N NZ  . LYS B 1 26 ? 13.091  -0.602  -22.395 1.00 56.74  ? 26  LYS B NZ  1 
ATOM   897  N N   . LEU B 1 27 ? 13.662  1.266   -14.744 1.00 32.46  ? 27  LEU B N   1 
ATOM   898  C CA  . LEU B 1 27 ? 13.645  2.438   -13.883 1.00 32.65  ? 27  LEU B CA  1 
ATOM   899  C C   . LEU B 1 27 ? 14.998  2.668   -13.247 1.00 30.57  ? 27  LEU B C   1 
ATOM   900  O O   . LEU B 1 27 ? 15.424  3.805   -13.065 1.00 30.80  ? 27  LEU B O   1 
ATOM   901  C CB  . LEU B 1 27 ? 12.598  2.248   -12.787 1.00 35.23  ? 27  LEU B CB  1 
ATOM   902  C CG  . LEU B 1 27 ? 12.630  3.211   -11.600 1.00 36.78  ? 27  LEU B CG  1 
ATOM   903  C CD1 . LEU B 1 27 ? 11.766  4.439   -11.860 1.00 37.13  ? 27  LEU B CD1 1 
ATOM   904  C CD2 . LEU B 1 27 ? 12.165  2.470   -10.363 1.00 37.19  ? 27  LEU B CD2 1 
ATOM   905  N N   . GLY B 1 28 ? 15.678  1.585   -12.920 1.00 26.68  ? 28  GLY B N   1 
ATOM   906  C CA  . GLY B 1 28 ? 17.006  1.708   -12.370 1.00 24.86  ? 28  GLY B CA  1 
ATOM   907  C C   . GLY B 1 28 ? 18.043  2.199   -13.365 1.00 23.96  ? 28  GLY B C   1 
ATOM   908  O O   . GLY B 1 28 ? 19.215  2.282   -13.021 1.00 26.80  ? 28  GLY B O   1 
ATOM   909  N N   . THR B 1 29 ? 17.670  2.516   -14.600 1.00 20.18  ? 29  THR B N   1 
ATOM   910  C CA  . THR B 1 29 ? 18.655  3.099   -15.474 1.00 19.10  ? 29  THR B CA  1 
ATOM   911  C C   . THR B 1 29 ? 18.299  4.489   -15.948 1.00 17.66  ? 29  THR B C   1 
ATOM   912  O O   . THR B 1 29 ? 18.996  5.047   -16.757 1.00 18.52  ? 29  THR B O   1 
ATOM   913  C CB  . THR B 1 29 ? 18.889  2.232   -16.721 1.00 19.66  ? 29  THR B CB  1 
ATOM   914  O OG1 . THR B 1 29 ? 17.672  2.099   -17.429 1.00 21.55  ? 29  THR B OG1 1 
ATOM   915  C CG2 . THR B 1 29 ? 19.339  0.868   -16.349 1.00 20.22  ? 29  THR B CG2 1 
ATOM   916  N N   . VAL B 1 30 ? 17.204  5.046   -15.482 1.00 16.49  ? 30  VAL B N   1 
ATOM   917  C CA  . VAL B 1 30 ? 16.764  6.317   -15.991 1.00 15.50  ? 30  VAL B CA  1 
ATOM   918  C C   . VAL B 1 30 ? 17.662  7.406   -15.417 1.00 15.60  ? 30  VAL B C   1 
ATOM   919  O O   . VAL B 1 30 ? 17.935  7.449   -14.231 1.00 16.83  ? 30  VAL B O   1 
ATOM   920  C CB  . VAL B 1 30 ? 15.326  6.619   -15.563 1.00 15.18  ? 30  VAL B CB  1 
ATOM   921  C CG1 . VAL B 1 30 ? 15.043  8.079   -15.792 1.00 15.41  ? 30  VAL B CG1 1 
ATOM   922  C CG2 . VAL B 1 30 ? 14.307  5.763   -16.298 1.00 14.23  ? 30  VAL B CG2 1 
ATOM   923  N N   . PRO B 1 31 ? 18.159  8.286   -16.264 1.00 14.67  ? 31  PRO B N   1 
ATOM   924  C CA  . PRO B 1 31 ? 18.960  9.344   -15.669 1.00 13.78  ? 31  PRO B CA  1 
ATOM   925  C C   . PRO B 1 31 ? 18.087  10.285  -14.888 1.00 13.49  ? 31  PRO B C   1 
ATOM   926  O O   . PRO B 1 31 ? 16.907  10.396  -15.151 1.00 13.87  ? 31  PRO B O   1 
ATOM   927  C CB  . PRO B 1 31 ? 19.546  10.084  -16.884 1.00 13.96  ? 31  PRO B CB  1 
ATOM   928  C CG  . PRO B 1 31 ? 18.890  9.495   -18.088 1.00 13.72  ? 31  PRO B CG  1 
ATOM   929  C CD  . PRO B 1 31 ? 18.162  8.268   -17.737 1.00 13.63  ? 31  PRO B CD  1 
ATOM   930  N N   . LEU B 1 32 ? 18.683  11.029  -13.987 1.00 13.25  ? 32  LEU B N   1 
ATOM   931  C CA  . LEU B 1 32 ? 17.933  11.841  -13.051 1.00 12.35  ? 32  LEU B CA  1 
ATOM   932  C C   . LEU B 1 32 ? 18.417  13.287  -13.028 1.00 12.01  ? 32  LEU B C   1 
ATOM   933  O O   . LEU B 1 32 ? 19.535  13.579  -13.381 1.00 11.70  ? 32  LEU B O   1 
ATOM   934  C CB  . LEU B 1 32 ? 18.091  11.257  -11.665 1.00 11.97  ? 32  LEU B CB  1 
ATOM   935  C CG  . LEU B 1 32 ? 17.683  9.801   -11.525 1.00 11.91  ? 32  LEU B CG  1 
ATOM   936  C CD1 . LEU B 1 32 ? 18.174  9.314   -10.184 1.00 12.30  ? 32  LEU B CD1 1 
ATOM   937  C CD2 . LEU B 1 32 ? 16.185  9.636   -11.613 1.00 11.71  ? 32  LEU B CD2 1 
ATOM   938  N N   . ARG B 1 33 ? 17.531  14.173  -12.606 1.00 11.96  ? 33  ARG B N   1 
ATOM   939  C CA  . ARG B 1 33 ? 17.859  15.524  -12.346 1.00 12.39  ? 33  ARG B CA  1 
ATOM   940  C C   . ARG B 1 33 ? 18.937  15.616  -11.319 1.00 13.23  ? 33  ARG B C   1 
ATOM   941  O O   . ARG B 1 33 ? 19.054  14.786  -10.428 1.00 14.65  ? 33  ARG B O   1 
ATOM   942  C CB  . ARG B 1 33 ? 16.652  16.258  -11.830 1.00 12.27  ? 33  ARG B CB  1 
ATOM   943  C CG  . ARG B 1 33 ? 15.639  16.516  -12.908 1.00 12.30  ? 33  ARG B CG  1 
ATOM   944  C CD  . ARG B 1 33 ? 14.382  16.996  -12.286 1.00 12.65  ? 33  ARG B CD  1 
ATOM   945  N NE  . ARG B 1 33 ? 13.266  16.798  -13.178 1.00 14.05  ? 33  ARG B NE  1 
ATOM   946  C CZ  . ARG B 1 33 ? 11.996  16.902  -12.815 1.00 15.31  ? 33  ARG B CZ  1 
ATOM   947  N NH1 . ARG B 1 33 ? 11.685  17.190  -11.553 1.00 16.99  ? 33  ARG B NH1 1 
ATOM   948  N NH2 . ARG B 1 33 ? 11.037  16.670  -13.684 1.00 14.92  ? 33  ARG B NH2 1 
ATOM   949  N N   . GLU B 1 34 ? 19.723  16.654  -11.468 1.00 13.81  ? 34  GLU B N   1 
ATOM   950  C CA  . GLU B 1 34 ? 20.795  16.952  -10.601 1.00 14.71  ? 34  GLU B CA  1 
ATOM   951  C C   . GLU B 1 34 ? 20.321  17.019  -9.166  1.00 14.34  ? 34  GLU B C   1 
ATOM   952  O O   . GLU B 1 34 ? 19.326  17.688  -8.853  1.00 13.85  ? 34  GLU B O   1 
ATOM   953  C CB  . GLU B 1 34 ? 21.370  18.310  -10.992 1.00 15.98  ? 34  GLU B CB  1 
ATOM   954  C CG  . GLU B 1 34 ? 22.608  18.658  -10.228 1.00 18.71  ? 34  GLU B CG  1 
ATOM   955  C CD  . GLU B 1 34 ? 23.774  17.715  -10.484 1.00 22.24  ? 34  GLU B CD  1 
ATOM   956  O OE1 . GLU B 1 34 ? 23.812  17.055  -11.565 1.00 24.97  ? 34  GLU B OE1 1 
ATOM   957  O OE2 . GLU B 1 34 ? 24.681  17.667  -9.598  1.00 26.22  ? 34  GLU B OE2 1 
ATOM   958  N N   . GLY B 1 35 ? 21.085  16.363  -8.299  1.00 14.03  ? 35  GLY B N   1 
ATOM   959  C CA  . GLY B 1 35 ? 20.847  16.363  -6.879  1.00 14.57  ? 35  GLY B CA  1 
ATOM   960  C C   . GLY B 1 35 ? 20.101  15.129  -6.389  1.00 15.97  ? 35  GLY B C   1 
ATOM   961  O O   . GLY B 1 35 ? 19.923  14.946  -5.173  1.00 15.65  ? 35  GLY B O   1 
ATOM   962  N N   . PHE B 1 36 ? 19.624  14.313  -7.324  1.00 16.95  ? 36  PHE B N   1 
ATOM   963  C CA  . PHE B 1 36 ? 18.954  13.077  -6.979  1.00 18.57  ? 36  PHE B CA  1 
ATOM   964  C C   . PHE B 1 36 ? 19.837  11.879  -7.273  1.00 21.26  ? 36  PHE B C   1 
ATOM   965  O O   . PHE B 1 36 ? 20.667  11.934  -8.166  1.00 22.03  ? 36  PHE B O   1 
ATOM   966  C CB  . PHE B 1 36 ? 17.698  12.969  -7.786  1.00 17.78  ? 36  PHE B CB  1 
ATOM   967  C CG  . PHE B 1 36 ? 16.674  13.955  -7.408  1.00 16.23  ? 36  PHE B CG  1 
ATOM   968  C CD1 . PHE B 1 36 ? 15.995  13.816  -6.229  1.00 15.17  ? 36  PHE B CD1 1 
ATOM   969  C CD2 . PHE B 1 36 ? 16.353  14.985  -8.259  1.00 16.17  ? 36  PHE B CD2 1 
ATOM   970  C CE1 . PHE B 1 36 ? 15.024  14.724  -5.870  1.00 14.92  ? 36  PHE B CE1 1 
ATOM   971  C CE2 . PHE B 1 36 ? 15.370  15.897  -7.923  1.00 15.51  ? 36  PHE B CE2 1 
ATOM   972  C CZ  . PHE B 1 36 ? 14.719  15.770  -6.715  1.00 15.09  ? 36  PHE B CZ  1 
ATOM   973  N N   . GLU B 1 37 ? 19.657  10.798  -6.522  1.00 26.02  ? 37  GLU B N   1 
ATOM   974  C CA  . GLU B 1 37 ? 20.508  9.615   -6.693  1.00 28.59  ? 37  GLU B CA  1 
ATOM   975  C C   . GLU B 1 37 ? 19.716  8.387   -7.081  1.00 26.26  ? 37  GLU B C   1 
ATOM   976  O O   . GLU B 1 37 ? 18.566  8.211   -6.674  1.00 21.04  ? 37  GLU B O   1 
ATOM   977  C CB  . GLU B 1 37 ? 21.342  9.323   -5.449  1.00 33.92  ? 37  GLU B CB  1 
ATOM   978  C CG  . GLU B 1 37 ? 22.614  10.174  -5.324  1.00 42.12  ? 37  GLU B CG  1 
ATOM   979  C CD  . GLU B 1 37 ? 23.516  10.165  -6.580  1.00 52.84  ? 37  GLU B CD  1 
ATOM   980  O OE1 . GLU B 1 37 ? 23.366  9.280   -7.469  1.00 61.75  ? 37  GLU B OE1 1 
ATOM   981  O OE2 . GLU B 1 37 ? 24.392  11.062  -6.696  1.00 61.58  ? 37  GLU B OE2 1 
ATOM   982  N N   . ARG B 1 38 ? 20.353  7.567   -7.921  1.00 26.05  ? 38  ARG B N   1 
ATOM   983  C CA  . ARG B 1 38 ? 19.800  6.305   -8.309  1.00 25.05  ? 38  ARG B CA  1 
ATOM   984  C C   . ARG B 1 38 ? 19.803  5.372   -7.136  1.00 24.71  ? 38  ARG B C   1 
ATOM   985  O O   . ARG B 1 38 ? 20.658  5.407   -6.293  1.00 26.29  ? 38  ARG B O   1 
ATOM   986  C CB  . ARG B 1 38 ? 20.558  5.692   -9.454  1.00 25.18  ? 38  ARG B CB  1 
ATOM   987  C CG  . ARG B 1 38 ? 20.284  6.392   -10.795 1.00 26.71  ? 38  ARG B CG  1 
ATOM   988  C CD  . ARG B 1 38 ? 20.554  5.417   -11.920 1.00 28.33  ? 38  ARG B CD  1 
ATOM   989  N NE  . ARG B 1 38 ? 20.363  5.919   -13.278 1.00 29.05  ? 38  ARG B NE  1 
ATOM   990  C CZ  . ARG B 1 38 ? 21.315  6.478   -14.029 1.00 29.22  ? 38  ARG B CZ  1 
ATOM   991  N NH1 . ARG B 1 38 ? 22.522  6.669   -13.525 1.00 28.14  ? 38  ARG B NH1 1 
ATOM   992  N NH2 . ARG B 1 38 ? 21.052  6.858   -15.299 1.00 28.99  ? 38  ARG B NH2 1 
ATOM   993  N N   . ILE B 1 39 ? 18.745  4.604   -7.060  1.00 25.76  ? 39  ILE B N   1 
ATOM   994  C CA  . ILE B 1 39 ? 18.642  3.486   -6.197  1.00 25.58  ? 39  ILE B CA  1 
ATOM   995  C C   . ILE B 1 39 ? 19.316  2.339   -6.951  1.00 25.73  ? 39  ILE B C   1 
ATOM   996  O O   . ILE B 1 39 ? 18.963  2.055   -8.070  1.00 23.34  ? 39  ILE B O   1 
ATOM   997  C CB  . ILE B 1 39 ? 17.163  3.167   -5.998  1.00 24.39  ? 39  ILE B CB  1 
ATOM   998  C CG1 . ILE B 1 39 ? 16.472  4.365   -5.399  1.00 23.62  ? 39  ILE B CG1 1 
ATOM   999  C CG2 . ILE B 1 39 ? 16.981  1.938   -5.130  1.00 24.57  ? 39  ILE B CG2 1 
ATOM   1000 C CD1 . ILE B 1 39 ? 15.066  4.471   -5.929  1.00 25.87  ? 39  ILE B CD1 1 
ATOM   1001 N N   . PRO B 1 40 ? 20.297  1.692   -6.348  1.00 29.93  ? 40  PRO B N   1 
ATOM   1002 C CA  . PRO B 1 40 ? 20.859  0.526   -7.037  1.00 33.28  ? 40  PRO B CA  1 
ATOM   1003 C C   . PRO B 1 40 ? 19.828  -0.593  -7.293  1.00 38.42  ? 40  PRO B C   1 
ATOM   1004 O O   . PRO B 1 40 ? 19.015  -0.912  -6.396  1.00 39.76  ? 40  PRO B O   1 
ATOM   1005 C CB  . PRO B 1 40 ? 21.945  0.043   -6.086  1.00 33.94  ? 40  PRO B CB  1 
ATOM   1006 C CG  . PRO B 1 40 ? 21.595  0.631   -4.740  1.00 34.27  ? 40  PRO B CG  1 
ATOM   1007 C CD  . PRO B 1 40 ? 20.876  1.919   -5.014  1.00 32.18  ? 40  PRO B CD  1 
ATOM   1008 N N   . ARG B 1 41 ? 19.878  -1.166  -8.510  1.00 41.56  ? 41  ARG B N   1 
ATOM   1009 C CA  . ARG B 1 41 ? 19.017  -2.299  -8.952  1.00 41.53  ? 41  ARG B CA  1 
ATOM   1010 C C   . ARG B 1 41 ? 18.971  -3.516  -7.993  1.00 39.93  ? 41  ARG B C   1 
ATOM   1011 O O   . ARG B 1 41 ? 17.939  -4.185  -7.881  1.00 36.36  ? 41  ARG B O   1 
ATOM   1012 C CB  . ARG B 1 41 ? 19.425  -2.748  -10.362 1.00 42.80  ? 41  ARG B CB  1 
ATOM   1013 C CG  . ARG B 1 41 ? 18.810  -1.899  -11.478 1.00 46.47  ? 41  ARG B CG  1 
ATOM   1014 C CD  . ARG B 1 41 ? 19.769  -1.600  -12.635 1.00 47.33  ? 41  ARG B CD  1 
ATOM   1015 N NE  . ARG B 1 41 ? 20.030  -2.755  -13.504 1.00 45.88  ? 41  ARG B NE  1 
ATOM   1016 C CZ  . ARG B 1 41 ? 19.435  -2.990  -14.675 1.00 46.06  ? 41  ARG B CZ  1 
ATOM   1017 N NH1 . ARG B 1 41 ? 18.495  -2.178  -15.143 1.00 46.54  ? 41  ARG B NH1 1 
ATOM   1018 N NH2 . ARG B 1 41 ? 19.767  -4.070  -15.385 1.00 46.63  ? 41  ARG B NH2 1 
ATOM   1019 N N   . GLY B 1 42 ? 20.087  -3.788  -7.322  1.00 39.43  ? 42  GLY B N   1 
ATOM   1020 C CA  . GLY B 1 42 ? 20.118  -4.705  -6.191  1.00 41.39  ? 42  GLY B CA  1 
ATOM   1021 C C   . GLY B 1 42 ? 18.967  -4.466  -5.235  1.00 43.99  ? 42  GLY B C   1 
ATOM   1022 O O   . GLY B 1 42 ? 18.068  -5.302  -5.080  1.00 47.11  ? 42  GLY B O   1 
ATOM   1023 N N   . ALA B 1 43 ? 18.979  -3.304  -4.603  1.00 45.33  ? 43  ALA B N   1 
ATOM   1024 C CA  . ALA B 1 43 ? 18.005  -3.000  -3.562  1.00 43.41  ? 43  ALA B CA  1 
ATOM   1025 C C   . ALA B 1 43 ? 16.585  -2.902  -4.159  1.00 40.74  ? 43  ALA B C   1 
ATOM   1026 O O   . ALA B 1 43 ? 15.585  -3.315  -3.571  1.00 37.17  ? 43  ALA B O   1 
ATOM   1027 C CB  . ALA B 1 43 ? 18.409  -1.706  -2.878  1.00 44.48  ? 43  ALA B CB  1 
ATOM   1028 N N   . LEU B 1 44 ? 16.526  -2.371  -5.364  1.00 37.85  ? 44  LEU B N   1 
ATOM   1029 C CA  . LEU B 1 44 ? 15.285  -2.220  -6.055  1.00 38.72  ? 44  LEU B CA  1 
ATOM   1030 C C   . LEU B 1 44 ? 14.615  -3.574  -6.100  1.00 42.20  ? 44  LEU B C   1 
ATOM   1031 O O   . LEU B 1 44 ? 13.407  -3.689  -5.858  1.00 43.04  ? 44  LEU B O   1 
ATOM   1032 C CB  . LEU B 1 44 ? 15.557  -1.689  -7.469  1.00 40.42  ? 44  LEU B CB  1 
ATOM   1033 C CG  . LEU B 1 44 ? 14.592  -0.669  -8.089  1.00 42.65  ? 44  LEU B CG  1 
ATOM   1034 C CD1 . LEU B 1 44 ? 14.174  0.423   -7.098  1.00 41.83  ? 44  LEU B CD1 1 
ATOM   1035 C CD2 . LEU B 1 44 ? 15.232  -0.050  -9.331  1.00 43.29  ? 44  LEU B CD2 1 
ATOM   1036 N N   . GLY B 1 45 ? 15.420  -4.602  -6.381  1.00 44.71  ? 45  GLY B N   1 
ATOM   1037 C CA  . GLY B 1 45 ? 14.924  -5.933  -6.677  1.00 42.42  ? 45  GLY B CA  1 
ATOM   1038 C C   . GLY B 1 45 ? 14.198  -6.554  -5.511  1.00 43.33  ? 45  GLY B C   1 
ATOM   1039 O O   . GLY B 1 45 ? 13.127  -7.128  -5.680  1.00 44.83  ? 45  GLY B O   1 
ATOM   1040 N N   . GLN B 1 46 ? 14.761  -6.416  -4.324  1.00 41.57  ? 46  GLN B N   1 
ATOM   1041 C CA  . GLN B 1 46 ? 14.196  -7.068  -3.168  1.00 44.92  ? 46  GLN B CA  1 
ATOM   1042 C C   . GLN B 1 46 ? 13.188  -6.200  -2.390  1.00 41.53  ? 46  GLN B C   1 
ATOM   1043 O O   . GLN B 1 46 ? 13.184  -6.174  -1.164  1.00 40.08  ? 46  GLN B O   1 
ATOM   1044 C CB  . GLN B 1 46 ? 15.338  -7.523  -2.274  1.00 51.85  ? 46  GLN B CB  1 
ATOM   1045 C CG  . GLN B 1 46 ? 16.096  -6.400  -1.598  1.00 53.35  ? 46  GLN B CG  1 
ATOM   1046 C CD  . GLN B 1 46 ? 17.418  -6.895  -1.093  1.00 62.99  ? 46  GLN B CD  1 
ATOM   1047 O OE1 . GLN B 1 46 ? 17.691  -8.105  -1.110  1.00 66.96  ? 46  GLN B OE1 1 
ATOM   1048 N NE2 . GLN B 1 46 ? 18.255  -5.974  -0.636  1.00 67.73  ? 46  GLN B NE2 1 
ATOM   1049 N N   . LEU B 1 47 ? 12.287  -5.541  -3.109  1.00 39.03  ? 47  LEU B N   1 
ATOM   1050 C CA  . LEU B 1 47 ? 11.459  -4.490  -2.530  1.00 36.13  ? 47  LEU B CA  1 
ATOM   1051 C C   . LEU B 1 47 ? 10.046  -4.711  -3.027  1.00 36.32  ? 47  LEU B C   1 
ATOM   1052 O O   . LEU B 1 47 ? 9.807   -4.705  -4.241  1.00 37.89  ? 47  LEU B O   1 
ATOM   1053 C CB  . LEU B 1 47 ? 11.985  -3.131  -3.018  1.00 34.52  ? 47  LEU B CB  1 
ATOM   1054 C CG  . LEU B 1 47 ? 12.241  -1.946  -2.080  1.00 34.00  ? 47  LEU B CG  1 
ATOM   1055 C CD1 . LEU B 1 47 ? 12.953  -2.283  -0.776  1.00 31.83  ? 47  LEU B CD1 1 
ATOM   1056 C CD2 . LEU B 1 47 ? 13.041  -0.910  -2.863  1.00 33.90  ? 47  LEU B CD2 1 
ATOM   1057 N N   . ASP B 1 48 ? 9.108   -4.905  -2.106  1.00 33.83  ? 48  ASP B N   1 
ATOM   1058 C CA  . ASP B 1 48 ? 7.709   -5.100  -2.490  1.00 31.97  ? 48  ASP B CA  1 
ATOM   1059 C C   . ASP B 1 48 ? 7.096   -3.849  -3.118  1.00 28.46  ? 48  ASP B C   1 
ATOM   1060 O O   . ASP B 1 48 ? 7.622   -2.762  -3.041  1.00 28.71  ? 48  ASP B O   1 
ATOM   1061 C CB  . ASP B 1 48 ? 6.846   -5.588  -1.285  1.00 34.86  ? 48  ASP B CB  1 
ATOM   1062 C CG  . ASP B 1 48 ? 6.708   -4.521  -0.136  1.00 40.51  ? 48  ASP B CG  1 
ATOM   1063 O OD1 . ASP B 1 48 ? 6.738   -3.273  -0.393  1.00 39.65  ? 48  ASP B OD1 1 
ATOM   1064 O OD2 . ASP B 1 48 ? 6.570   -4.941  1.052   1.00 45.12  ? 48  ASP B OD2 1 
ATOM   1065 N N   . ILE B 1 49 ? 5.932   -4.008  -3.698  1.00 28.13  ? 49  ILE B N   1 
ATOM   1066 C CA  . ILE B 1 49 ? 5.272   -2.920  -4.388  1.00 28.68  ? 49  ILE B CA  1 
ATOM   1067 C C   . ILE B 1 49 ? 5.085   -1.673  -3.514  1.00 26.11  ? 49  ILE B C   1 
ATOM   1068 O O   . ILE B 1 49 ? 5.194   -0.539  -3.985  1.00 24.92  ? 49  ILE B O   1 
ATOM   1069 C CB  . ILE B 1 49 ? 3.894   -3.420  -4.892  1.00 31.38  ? 49  ILE B CB  1 
ATOM   1070 C CG1 . ILE B 1 49 ? 4.094   -4.383  -6.035  1.00 32.42  ? 49  ILE B CG1 1 
ATOM   1071 C CG2 . ILE B 1 49 ? 3.015   -2.288  -5.398  1.00 32.73  ? 49  ILE B CG2 1 
ATOM   1072 C CD1 . ILE B 1 49 ? 4.887   -3.756  -7.134  1.00 33.75  ? 49  ILE B CD1 1 
ATOM   1073 N N   . VAL B 1 50 ? 4.752   -1.904  -2.257  1.00 23.99  ? 50  VAL B N   1 
ATOM   1074 C CA  . VAL B 1 50 ? 4.446   -0.830  -1.325  1.00 22.60  ? 50  VAL B CA  1 
ATOM   1075 C C   . VAL B 1 50 ? 5.740   -0.084  -0.995  1.00 21.11  ? 50  VAL B C   1 
ATOM   1076 O O   . VAL B 1 50 ? 5.780   1.151   -1.052  1.00 19.01  ? 50  VAL B O   1 
ATOM   1077 C CB  . VAL B 1 50 ? 3.816   -1.376  -0.008  1.00 22.11  ? 50  VAL B CB  1 
ATOM   1078 C CG1 . VAL B 1 50 ? 3.621   -0.238  0.985   1.00 21.83  ? 50  VAL B CG1 1 
ATOM   1079 C CG2 . VAL B 1 50 ? 2.494   -2.103  -0.276  1.00 21.19  ? 50  VAL B CG2 1 
ATOM   1080 N N   . ASP B 1 51 ? 6.778   -0.856  -0.672  1.00 19.73  ? 51  ASP B N   1 
ATOM   1081 C CA  . ASP B 1 51 ? 8.052   -0.296  -0.323  1.00 20.84  ? 51  ASP B CA  1 
ATOM   1082 C C   . ASP B 1 51 ? 8.741   0.357   -1.517  1.00 21.54  ? 51  ASP B C   1 
ATOM   1083 O O   . ASP B 1 51 ? 9.377   1.376   -1.388  1.00 21.75  ? 51  ASP B O   1 
ATOM   1084 C CB  . ASP B 1 51 ? 8.943   -1.358  0.346   1.00 21.37  ? 51  ASP B CB  1 
ATOM   1085 C CG  . ASP B 1 51 ? 8.469   -1.708  1.767   1.00 22.96  ? 51  ASP B CG  1 
ATOM   1086 O OD1 . ASP B 1 51 ? 7.794   -0.869  2.392   1.00 23.38  ? 51  ASP B OD1 1 
ATOM   1087 O OD2 . ASP B 1 51 ? 8.732   -2.825  2.280   1.00 25.37  ? 51  ASP B OD2 1 
ATOM   1088 N N   . LEU B 1 52 ? 8.645   -0.253  -2.682  1.00 23.33  ? 52  LEU B N   1 
ATOM   1089 C CA  . LEU B 1 52 ? 9.153   0.365   -3.887  1.00 23.79  ? 52  LEU B CA  1 
ATOM   1090 C C   . LEU B 1 52 ? 8.531   1.745   -4.044  1.00 22.60  ? 52  LEU B C   1 
ATOM   1091 O O   . LEU B 1 52 ? 9.190   2.727   -4.300  1.00 23.16  ? 52  LEU B O   1 
ATOM   1092 C CB  . LEU B 1 52 ? 8.755   -0.475  -5.093  1.00 25.07  ? 52  LEU B CB  1 
ATOM   1093 C CG  . LEU B 1 52 ? 9.078   0.269   -6.390  1.00 27.24  ? 52  LEU B CG  1 
ATOM   1094 C CD1 . LEU B 1 52 ? 10.565  0.157   -6.641  1.00 28.67  ? 52  LEU B CD1 1 
ATOM   1095 C CD2 . LEU B 1 52 ? 8.317   -0.230  -7.601  1.00 28.39  ? 52  LEU B CD2 1 
ATOM   1096 N N   . THR B 1 53 ? 7.227   1.805   -3.917  1.00 21.29  ? 53  THR B N   1 
ATOM   1097 C CA  . THR B 1 53 ? 6.535   3.038   -4.148  1.00 20.77  ? 53  THR B CA  1 
ATOM   1098 C C   . THR B 1 53 ? 7.008   4.105   -3.184  1.00 19.34  ? 53  THR B C   1 
ATOM   1099 O O   . THR B 1 53 ? 7.299   5.198   -3.596  1.00 18.44  ? 53  THR B O   1 
ATOM   1100 C CB  . THR B 1 53 ? 5.017   2.833   -3.997  1.00 21.63  ? 53  THR B CB  1 
ATOM   1101 O OG1 . THR B 1 53 ? 4.576   1.840   -4.931  1.00 22.18  ? 53  THR B OG1 1 
ATOM   1102 C CG2 . THR B 1 53 ? 4.267   4.125   -4.284  1.00 22.35  ? 53  THR B CG2 1 
ATOM   1103 N N   . ASP B 1 54 ? 7.100   3.763   -1.903  1.00 18.34  ? 54  ASP B N   1 
ATOM   1104 C CA  . ASP B 1 54 ? 7.488   4.714   -0.879  1.00 17.43  ? 54  ASP B CA  1 
ATOM   1105 C C   . ASP B 1 54 ? 8.909   5.158   -1.006  1.00 16.78  ? 54  ASP B C   1 
ATOM   1106 O O   . ASP B 1 54 ? 9.225   6.306   -0.761  1.00 16.43  ? 54  ASP B O   1 
ATOM   1107 C CB  . ASP B 1 54 ? 7.238   4.154   0.510   1.00 17.47  ? 54  ASP B CB  1 
ATOM   1108 C CG  . ASP B 1 54 ? 5.776   4.238   0.913   1.00 18.62  ? 54  ASP B CG  1 
ATOM   1109 O OD1 . ASP B 1 54 ? 5.138   5.302   0.668   1.00 20.38  ? 54  ASP B OD1 1 
ATOM   1110 O OD2 . ASP B 1 54 ? 5.242   3.269   1.487   1.00 18.88  ? 54  ASP B OD2 1 
ATOM   1111 N N   . LYS B 1 55 ? 9.761   4.240   -1.393  1.00 16.48  ? 55  LYS B N   1 
ATOM   1112 C CA  . LYS B 1 55 ? 11.146  4.538   -1.614  1.00 17.07  ? 55  LYS B CA  1 
ATOM   1113 C C   . LYS B 1 55 ? 11.331  5.510   -2.754  1.00 16.74  ? 55  LYS B C   1 
ATOM   1114 O O   . LYS B 1 55 ? 12.222  6.386   -2.704  1.00 16.65  ? 55  LYS B O   1 
ATOM   1115 C CB  . LYS B 1 55 ? 11.849  3.277   -1.963  1.00 18.79  ? 55  LYS B CB  1 
ATOM   1116 C CG  . LYS B 1 55 ? 13.287  3.451   -2.342  1.00 20.92  ? 55  LYS B CG  1 
ATOM   1117 C CD  . LYS B 1 55 ? 14.053  4.009   -1.181  1.00 22.55  ? 55  LYS B CD  1 
ATOM   1118 C CE  . LYS B 1 55 ? 15.514  3.576   -1.196  1.00 24.31  ? 55  LYS B CE  1 
ATOM   1119 N NZ  . LYS B 1 55 ? 16.268  4.410   -0.192  1.00 25.66  ? 55  LYS B NZ  1 
ATOM   1120 N N   . LEU B 1 56 ? 10.502  5.381   -3.780  1.00 15.52  ? 56  LEU B N   1 
ATOM   1121 C CA  . LEU B 1 56 ? 10.573  6.325   -4.865  1.00 15.58  ? 56  LEU B CA  1 
ATOM   1122 C C   . LEU B 1 56 ? 10.180  7.701   -4.450  1.00 15.17  ? 56  LEU B C   1 
ATOM   1123 O O   . LEU B 1 56 ? 10.846  8.679   -4.782  1.00 15.15  ? 56  LEU B O   1 
ATOM   1124 C CB  . LEU B 1 56 ? 9.643   5.945   -5.969  1.00 16.18  ? 56  LEU B CB  1 
ATOM   1125 C CG  . LEU B 1 56 ? 10.038  4.771   -6.815  1.00 16.47  ? 56  LEU B CG  1 
ATOM   1126 C CD1 . LEU B 1 56 ? 9.043   4.703   -7.975  1.00 17.27  ? 56  LEU B CD1 1 
ATOM   1127 C CD2 . LEU B 1 56 ? 11.433  4.968   -7.326  1.00 16.89  ? 56  LEU B CD2 1 
ATOM   1128 N N   . VAL B 1 57 ? 9.062   7.771   -3.761  1.00 15.08  ? 57  VAL B N   1 
ATOM   1129 C CA  . VAL B 1 57 ? 8.553   9.024   -3.265  1.00 15.53  ? 57  VAL B CA  1 
ATOM   1130 C C   . VAL B 1 57 ? 9.556   9.643   -2.256  1.00 16.01  ? 57  VAL B C   1 
ATOM   1131 O O   . VAL B 1 57 ? 9.836   10.812  -2.300  1.00 17.43  ? 57  VAL B O   1 
ATOM   1132 C CB  . VAL B 1 57 ? 7.169   8.807   -2.609  1.00 15.16  ? 57  VAL B CB  1 
ATOM   1133 C CG1 . VAL B 1 57 ? 6.731   10.052  -1.887  1.00 15.41  ? 57  VAL B CG1 1 
ATOM   1134 C CG2 . VAL B 1 57 ? 6.122   8.440   -3.630  1.00 14.89  ? 57  VAL B CG2 1 
ATOM   1135 N N   . ALA B 1 58 ? 10.120  8.856   -1.366  1.00 16.12  ? 58  ALA B N   1 
ATOM   1136 C CA  . ALA B 1 58 ? 11.131  9.385   -0.470  1.00 16.17  ? 58  ALA B CA  1 
ATOM   1137 C C   . ALA B 1 58 ? 12.322  9.886   -1.241  1.00 16.17  ? 58  ALA B C   1 
ATOM   1138 O O   . ALA B 1 58 ? 12.900  10.858  -0.855  1.00 16.32  ? 58  ALA B O   1 
ATOM   1139 C CB  . ALA B 1 58 ? 11.584  8.327   0.549   1.00 15.98  ? 58  ALA B CB  1 
ATOM   1140 N N   . SER B 1 59 ? 12.731  9.184   -2.282  1.00 16.91  ? 59  SER B N   1 
ATOM   1141 C CA  . SER B 1 59 ? 13.961  9.536   -2.982  1.00 17.72  ? 59  SER B CA  1 
ATOM   1142 C C   . SER B 1 59 ? 13.804  10.776  -3.871  1.00 18.41  ? 59  SER B C   1 
ATOM   1143 O O   . SER B 1 59 ? 14.669  11.672  -3.895  1.00 19.17  ? 59  SER B O   1 
ATOM   1144 C CB  . SER B 1 59 ? 14.416  8.387   -3.870  1.00 17.99  ? 59  SER B CB  1 
ATOM   1145 O OG  . SER B 1 59 ? 14.950  7.348   -3.103  1.00 19.18  ? 59  SER B OG  1 
ATOM   1146 N N   . TYR B 1 60 ? 12.694  10.813  -4.597  1.00 17.46  ? 60  TYR B N   1 
ATOM   1147 C CA  . TYR B 1 60 ? 12.515  11.786  -5.635  1.00 17.15  ? 60  TYR B CA  1 
ATOM   1148 C C   . TYR B 1 60 ? 11.396  12.792  -5.408  1.00 18.06  ? 60  TYR B C   1 
ATOM   1149 O O   . TYR B 1 60 ? 11.224  13.665  -6.193  1.00 18.25  ? 60  TYR B O   1 
ATOM   1150 C CB  . TYR B 1 60 ? 12.276  11.007  -6.929  1.00 16.42  ? 60  TYR B CB  1 
ATOM   1151 C CG  . TYR B 1 60 ? 13.338  9.978   -7.158  1.00 15.61  ? 60  TYR B CG  1 
ATOM   1152 C CD1 . TYR B 1 60 ? 14.667  10.300  -7.030  1.00 15.47  ? 60  TYR B CD1 1 
ATOM   1153 C CD2 . TYR B 1 60 ? 13.014  8.660   -7.442  1.00 15.57  ? 60  TYR B CD2 1 
ATOM   1154 C CE1 . TYR B 1 60 ? 15.647  9.354   -7.225  1.00 15.40  ? 60  TYR B CE1 1 
ATOM   1155 C CE2 . TYR B 1 60 ? 13.993  7.702   -7.621  1.00 15.19  ? 60  TYR B CE2 1 
ATOM   1156 C CZ  . TYR B 1 60 ? 15.308  8.062   -7.511  1.00 15.15  ? 60  TYR B CZ  1 
ATOM   1157 O OH  . TYR B 1 60 ? 16.294  7.118   -7.669  1.00 15.56  ? 60  TYR B OH  1 
ATOM   1158 N N   . TYR B 1 61 ? 10.647  12.677  -4.323  1.00 21.70  ? 61  TYR B N   1 
ATOM   1159 C CA  . TYR B 1 61 ? 9.381   13.413  -4.090  1.00 23.73  ? 61  TYR B CA  1 
ATOM   1160 C C   . TYR B 1 61 ? 8.254   12.995  -5.041  1.00 24.59  ? 61  TYR B C   1 
ATOM   1161 O O   . TYR B 1 61 ? 8.478   12.423  -6.099  1.00 24.84  ? 61  TYR B O   1 
ATOM   1162 C CB  . TYR B 1 61 ? 9.564   14.947  -4.056  1.00 24.18  ? 61  TYR B CB  1 
ATOM   1163 C CG  . TYR B 1 61 ? 10.905  15.365  -3.510  1.00 27.45  ? 61  TYR B CG  1 
ATOM   1164 C CD1 . TYR B 1 61 ? 11.521  14.636  -2.493  1.00 31.42  ? 61  TYR B CD1 1 
ATOM   1165 C CD2 . TYR B 1 61 ? 11.596  16.468  -4.031  1.00 29.68  ? 61  TYR B CD2 1 
ATOM   1166 C CE1 . TYR B 1 61 ? 12.760  15.004  -2.002  1.00 33.43  ? 61  TYR B CE1 1 
ATOM   1167 C CE2 . TYR B 1 61 ? 12.828  16.853  -3.529  1.00 30.31  ? 61  TYR B CE2 1 
ATOM   1168 C CZ  . TYR B 1 61 ? 13.413  16.112  -2.520  1.00 33.79  ? 61  TYR B CZ  1 
ATOM   1169 O OH  . TYR B 1 61 ? 14.654  16.441  -1.987  1.00 38.76  ? 61  TYR B OH  1 
ATOM   1170 N N   . GLU B 1 62 ? 7.040   13.338  -4.632  1.00 26.71  ? 62  GLU B N   1 
ATOM   1171 C CA  . GLU B 1 62 ? 5.805   12.767  -5.150  1.00 28.58  ? 62  GLU B CA  1 
ATOM   1172 C C   . GLU B 1 62 ? 5.603   13.073  -6.626  1.00 24.95  ? 62  GLU B C   1 
ATOM   1173 O O   . GLU B 1 62 ? 5.270   12.204  -7.396  1.00 21.20  ? 62  GLU B O   1 
ATOM   1174 C CB  . GLU B 1 62 ? 4.620   13.314  -4.351  1.00 33.92  ? 62  GLU B CB  1 
ATOM   1175 C CG  . GLU B 1 62 ? 3.645   12.253  -3.873  1.00 42.07  ? 62  GLU B CG  1 
ATOM   1176 C CD  . GLU B 1 62 ? 2.317   12.844  -3.350  1.00 52.23  ? 62  GLU B CD  1 
ATOM   1177 O OE1 . GLU B 1 62 ? 2.093   14.078  -3.516  1.00 55.79  ? 62  GLU B OE1 1 
ATOM   1178 O OE2 . GLU B 1 62 ? 1.493   12.067  -2.777  1.00 55.46  ? 62  GLU B OE2 1 
ATOM   1179 N N   . ASP B 1 63 ? 5.801   14.323  -7.007  1.00 24.95  ? 63  ASP B N   1 
ATOM   1180 C CA  . ASP B 1 63 ? 5.558   14.746  -8.383  1.00 25.25  ? 63  ASP B CA  1 
ATOM   1181 C C   . ASP B 1 63 ? 6.548   14.127  -9.355  1.00 22.52  ? 63  ASP B C   1 
ATOM   1182 O O   . ASP B 1 63 ? 6.153   13.504  -10.347 1.00 20.90  ? 63  ASP B O   1 
ATOM   1183 C CB  . ASP B 1 63 ? 5.570   16.263  -8.462  1.00 30.13  ? 63  ASP B CB  1 
ATOM   1184 C CG  . ASP B 1 63 ? 4.316   16.911  -7.786  1.00 36.47  ? 63  ASP B CG  1 
ATOM   1185 O OD1 . ASP B 1 63 ? 3.331   16.172  -7.471  1.00 35.15  ? 63  ASP B OD1 1 
ATOM   1186 O OD2 . ASP B 1 63 ? 4.321   18.167  -7.566  1.00 41.61  ? 63  ASP B OD2 1 
ATOM   1187 N N   . TYR B 1 64 ? 7.831   14.222  -9.016  1.00 20.07  ? 64  TYR B N   1 
ATOM   1188 C CA  . TYR B 1 64 ? 8.894   13.645  -9.833  1.00 17.86  ? 64  TYR B CA  1 
ATOM   1189 C C   . TYR B 1 64 ? 8.808   12.150  -9.884  1.00 17.82  ? 64  TYR B C   1 
ATOM   1190 O O   . TYR B 1 64 ? 9.113   11.528  -10.893 1.00 17.74  ? 64  TYR B O   1 
ATOM   1191 C CB  . TYR B 1 64 ? 10.243  14.056  -9.274  1.00 16.80  ? 64  TYR B CB  1 
ATOM   1192 C CG  . TYR B 1 64 ? 11.447  13.756  -10.127 1.00 16.49  ? 64  TYR B CG  1 
ATOM   1193 C CD1 . TYR B 1 64 ? 11.390  13.765  -11.539 1.00 16.21  ? 64  TYR B CD1 1 
ATOM   1194 C CD2 . TYR B 1 64 ? 12.662  13.492  -9.539  1.00 16.38  ? 64  TYR B CD2 1 
ATOM   1195 C CE1 . TYR B 1 64 ? 12.493  13.510  -12.310 1.00 14.88  ? 64  TYR B CE1 1 
ATOM   1196 C CE2 . TYR B 1 64 ? 13.774  13.202  -10.325 1.00 16.78  ? 64  TYR B CE2 1 
ATOM   1197 C CZ  . TYR B 1 64 ? 13.678  13.210  -11.709 1.00 15.54  ? 64  TYR B CZ  1 
ATOM   1198 O OH  . TYR B 1 64 ? 14.808  12.935  -12.457 1.00 15.00  ? 64  TYR B OH  1 
ATOM   1199 N N   . ALA B 1 65 ? 8.417   11.554  -8.776  1.00 18.45  ? 65  ALA B N   1 
ATOM   1200 C CA  . ALA B 1 65 ? 8.346   10.117  -8.718  1.00 18.72  ? 65  ALA B CA  1 
ATOM   1201 C C   . ALA B 1 65 ? 7.300   9.670   -9.748  1.00 19.25  ? 65  ALA B C   1 
ATOM   1202 O O   . ALA B 1 65 ? 7.470   8.688   -10.465 1.00 17.88  ? 65  ALA B O   1 
ATOM   1203 C CB  . ALA B 1 65 ? 7.964   9.683   -7.319  1.00 18.53  ? 65  ALA B CB  1 
ATOM   1204 N N   . ALA B 1 66 ? 6.232   10.444  -9.825  1.00 20.78  ? 66  ALA B N   1 
ATOM   1205 C CA  . ALA B 1 66 ? 5.135   10.131  -10.695 1.00 22.37  ? 66  ALA B CA  1 
ATOM   1206 C C   . ALA B 1 66 ? 5.623   10.262  -12.137 1.00 23.43  ? 66  ALA B C   1 
ATOM   1207 O O   . ALA B 1 66 ? 5.513   9.311   -12.916 1.00 25.68  ? 66  ALA B O   1 
ATOM   1208 C CB  . ALA B 1 66 ? 3.964   11.047  -10.405 1.00 22.51  ? 66  ALA B CB  1 
ATOM   1209 N N   . GLU B 1 67 ? 6.239   11.390  -12.466 1.00 23.17  ? 67  GLU B N   1 
ATOM   1210 C CA  . GLU B 1 67 ? 6.835   11.570  -13.799 1.00 24.62  ? 67  GLU B CA  1 
ATOM   1211 C C   . GLU B 1 67 ? 7.778   10.437  -14.139 1.00 21.93  ? 67  GLU B C   1 
ATOM   1212 O O   . GLU B 1 67 ? 7.743   9.876   -15.207 1.00 22.02  ? 67  GLU B O   1 
ATOM   1213 C CB  . GLU B 1 67 ? 7.615   12.885  -13.901 1.00 28.26  ? 67  GLU B CB  1 
ATOM   1214 C CG  . GLU B 1 67 ? 6.748   14.119  -14.112 1.00 32.68  ? 67  GLU B CG  1 
ATOM   1215 C CD  . GLU B 1 67 ? 7.359   15.365  -13.491 1.00 40.44  ? 67  GLU B CD  1 
ATOM   1216 O OE1 . GLU B 1 67 ? 8.586   15.596  -13.624 1.00 43.84  ? 67  GLU B OE1 1 
ATOM   1217 O OE2 . GLU B 1 67 ? 6.603   16.122  -12.848 1.00 46.88  ? 67  GLU B OE2 1 
ATOM   1218 N N   . LEU B 1 68 ? 8.618   10.077  -13.218 1.00 19.13  ? 68  LEU B N   1 
ATOM   1219 C CA  . LEU B 1 68 ? 9.514   9.043   -13.530 1.00 18.67  ? 68  LEU B CA  1 
ATOM   1220 C C   . LEU B 1 68 ? 8.782   7.789   -13.995 1.00 19.38  ? 68  LEU B C   1 
ATOM   1221 O O   . LEU B 1 68 ? 9.139   7.203   -15.008 1.00 19.45  ? 68  LEU B O   1 
ATOM   1222 C CB  . LEU B 1 68 ? 10.314  8.745   -12.300 1.00 18.37  ? 68  LEU B CB  1 
ATOM   1223 C CG  . LEU B 1 68 ? 11.804  9.045   -12.273 1.00 17.94  ? 68  LEU B CG  1 
ATOM   1224 C CD1 . LEU B 1 68 ? 12.343  9.913   -13.412 1.00 17.28  ? 68  LEU B CD1 1 
ATOM   1225 C CD2 . LEU B 1 68 ? 12.144  9.574   -10.896 1.00 17.13  ? 68  LEU B CD2 1 
ATOM   1226 N N   . VAL B 1 69 ? 7.745   7.407   -13.255 1.00 19.83  ? 69  VAL B N   1 
ATOM   1227 C CA  . VAL B 1 69 ? 7.045   6.131   -13.438 1.00 19.85  ? 69  VAL B CA  1 
ATOM   1228 C C   . VAL B 1 69 ? 6.289   6.121   -14.747 1.00 20.31  ? 69  VAL B C   1 
ATOM   1229 O O   . VAL B 1 69 ? 6.372   5.174   -15.542 1.00 18.80  ? 69  VAL B O   1 
ATOM   1230 C CB  . VAL B 1 69 ? 5.992   5.940   -12.319 1.00 19.98  ? 69  VAL B CB  1 
ATOM   1231 C CG1 . VAL B 1 69 ? 5.188   4.665   -12.515 1.00 19.48  ? 69  VAL B CG1 1 
ATOM   1232 C CG2 . VAL B 1 69 ? 6.656   5.910   -10.953 1.00 20.44  ? 69  VAL B CG2 1 
ATOM   1233 N N   . VAL B 1 70 ? 5.543   7.204   -14.940 1.00 20.51  ? 70  VAL B N   1 
ATOM   1234 C CA  . VAL B 1 70 ? 4.872   7.446   -16.182 1.00 21.87  ? 70  VAL B CA  1 
ATOM   1235 C C   . VAL B 1 70 ? 5.845   7.281   -17.331 1.00 22.96  ? 70  VAL B C   1 
ATOM   1236 O O   . VAL B 1 70 ? 5.569   6.597   -18.307 1.00 25.13  ? 70  VAL B O   1 
ATOM   1237 C CB  . VAL B 1 70 ? 4.328   8.866   -16.259 1.00 22.20  ? 70  VAL B CB  1 
ATOM   1238 C CG1 . VAL B 1 70 ? 3.702   9.108   -17.622 1.00 22.47  ? 70  VAL B CG1 1 
ATOM   1239 C CG2 . VAL B 1 70 ? 3.249   9.093   -15.224 1.00 22.61  ? 70  VAL B CG2 1 
ATOM   1240 N N   . ALA B 1 71 ? 6.997   7.913   -17.208 1.00 23.59  ? 71  ALA B N   1 
ATOM   1241 C CA  . ALA B 1 71 ? 7.970   7.887   -18.288 1.00 22.92  ? 71  ALA B CA  1 
ATOM   1242 C C   . ALA B 1 71 ? 8.439   6.459   -18.476 1.00 22.98  ? 71  ALA B C   1 
ATOM   1243 O O   . ALA B 1 71 ? 8.466   5.997   -19.598 1.00 24.60  ? 71  ALA B O   1 
ATOM   1244 C CB  . ALA B 1 71 ? 9.138   8.846   -18.032 1.00 21.23  ? 71  ALA B CB  1 
ATOM   1245 N N   . VAL B 1 72 ? 8.751   5.738   -17.414 1.00 21.22  ? 72  VAL B N   1 
ATOM   1246 C CA  . VAL B 1 72 ? 9.177   4.374   -17.630 1.00 23.27  ? 72  VAL B CA  1 
ATOM   1247 C C   . VAL B 1 72 ? 8.036   3.511   -18.161 1.00 28.55  ? 72  VAL B C   1 
ATOM   1248 O O   . VAL B 1 72 ? 8.293   2.525   -18.831 1.00 30.02  ? 72  VAL B O   1 
ATOM   1249 C CB  . VAL B 1 72 ? 9.728   3.717   -16.360 1.00 22.77  ? 72  VAL B CB  1 
ATOM   1250 C CG1 . VAL B 1 72 ? 9.929   2.207   -16.538 1.00 22.66  ? 72  VAL B CG1 1 
ATOM   1251 C CG2 . VAL B 1 72 ? 11.032  4.360   -15.958 1.00 21.43  ? 72  VAL B CG2 1 
ATOM   1252 N N   . LEU B 1 73 ? 6.777   3.860   -17.878 1.00 32.35  ? 73  LEU B N   1 
ATOM   1253 C CA  . LEU B 1 73 ? 5.671   3.083   -18.456 1.00 33.63  ? 73  LEU B CA  1 
ATOM   1254 C C   . LEU B 1 73 ? 5.618   3.255   -19.961 1.00 36.48  ? 73  LEU B C   1 
ATOM   1255 O O   . LEU B 1 73 ? 5.825   2.272   -20.694 1.00 36.00  ? 73  LEU B O   1 
ATOM   1256 C CB  . LEU B 1 73 ? 4.316   3.417   -17.830 1.00 32.60  ? 73  LEU B CB  1 
ATOM   1257 C CG  . LEU B 1 73 ? 4.207   2.834   -16.416 1.00 31.75  ? 73  LEU B CG  1 
ATOM   1258 C CD1 . LEU B 1 73 ? 3.070   3.491   -15.654 1.00 30.31  ? 73  LEU B CD1 1 
ATOM   1259 C CD2 . LEU B 1 73 ? 4.122   1.303   -16.398 1.00 29.35  ? 73  LEU B CD2 1 
ATOM   1260 N N   . ARG B 1 74 ? 5.356   4.484   -20.412 1.00 37.78  ? 74  ARG B N   1 
ATOM   1261 C CA  . ARG B 1 74 ? 5.472   4.839   -21.849 1.00 38.43  ? 74  ARG B CA  1 
ATOM   1262 C C   . ARG B 1 74 ? 6.632   4.125   -22.535 1.00 39.95  ? 74  ARG B C   1 
ATOM   1263 O O   . ARG B 1 74 ? 6.461   3.455   -23.531 1.00 42.68  ? 74  ARG B O   1 
ATOM   1264 C CB  . ARG B 1 74 ? 5.648   6.332   -22.026 1.00 35.10  ? 74  ARG B CB  1 
ATOM   1265 C CG  . ARG B 1 74 ? 4.392   7.070   -21.628 1.00 37.00  ? 74  ARG B CG  1 
ATOM   1266 C CD  . ARG B 1 74 ? 4.538   8.551   -21.793 1.00 36.37  ? 74  ARG B CD  1 
ATOM   1267 N NE  . ARG B 1 74 ? 3.320   9.220   -21.392 1.00 37.28  ? 74  ARG B NE  1 
ATOM   1268 C CZ  . ARG B 1 74 ? 3.284   10.456  -20.893 1.00 43.50  ? 74  ARG B CZ  1 
ATOM   1269 N NH1 . ARG B 1 74 ? 4.404   11.179  -20.744 1.00 42.44  ? 74  ARG B NH1 1 
ATOM   1270 N NH2 . ARG B 1 74 ? 2.111   10.974  -20.530 1.00 46.52  ? 74  ARG B NH2 1 
ATOM   1271 N N   . ASP B 1 75 ? 7.809   4.212   -21.965 1.00 41.60  ? 75  ASP B N   1 
ATOM   1272 C CA  . ASP B 1 75 ? 8.950   3.592   -22.584 1.00 46.40  ? 75  ASP B CA  1 
ATOM   1273 C C   . ASP B 1 75 ? 8.797   2.069   -22.676 1.00 48.16  ? 75  ASP B C   1 
ATOM   1274 O O   . ASP B 1 75 ? 9.444   1.456   -23.496 1.00 54.13  ? 75  ASP B O   1 
ATOM   1275 C CB  . ASP B 1 75 ? 10.214  3.969   -21.814 1.00 49.03  ? 75  ASP B CB  1 
ATOM   1276 C CG  . ASP B 1 75 ? 11.444  3.413   -22.434 1.00 51.43  ? 75  ASP B CG  1 
ATOM   1277 O OD1 . ASP B 1 75 ? 11.781  3.855   -23.546 1.00 55.56  ? 75  ASP B OD1 1 
ATOM   1278 O OD2 . ASP B 1 75 ? 12.066  2.515   -21.833 1.00 54.50  ? 75  ASP B OD2 1 
ATOM   1279 N N   . MET B 1 76 ? 7.967   1.462   -21.833 1.00 49.71  ? 76  MET B N   1 
ATOM   1280 C CA  . MET B 1 76 ? 7.577   0.039   -22.005 1.00 52.13  ? 76  MET B CA  1 
ATOM   1281 C C   . MET B 1 76 ? 6.298   -0.143  -22.856 1.00 58.25  ? 76  MET B C   1 
ATOM   1282 O O   . MET B 1 76 ? 5.784   -1.266  -22.988 1.00 55.52  ? 76  MET B O   1 
ATOM   1283 C CB  . MET B 1 76 ? 7.271   -0.611  -20.658 1.00 48.43  ? 76  MET B CB  1 
ATOM   1284 C CG  . MET B 1 76 ? 8.298   -0.448  -19.563 1.00 46.14  ? 76  MET B CG  1 
ATOM   1285 S SD  . MET B 1 76 ? 7.561   -0.967  -18.008 1.00 35.25  ? 76  MET B SD  1 
ATOM   1286 C CE  . MET B 1 76 ? 7.994   -2.694  -17.992 1.00 39.12  ? 76  MET B CE  1 
ATOM   1287 N N   . ARG B 1 77 ? 5.758   0.961   -23.367 1.00 61.09  ? 77  ARG B N   1 
ATOM   1288 C CA  . ARG B 1 77 ? 4.572   0.975   -24.241 1.00 66.95  ? 77  ARG B CA  1 
ATOM   1289 C C   . ARG B 1 77 ? 3.233   0.713   -23.534 1.00 62.27  ? 77  ARG B C   1 
ATOM   1290 O O   . ARG B 1 77 ? 2.217   0.566   -24.187 1.00 63.77  ? 77  ARG B O   1 
ATOM   1291 C CB  . ARG B 1 77 ? 4.755   0.051   -25.476 1.00 74.40  ? 77  ARG B CB  1 
ATOM   1292 C CG  . ARG B 1 77 ? 5.773   0.538   -26.524 1.00 76.52  ? 77  ARG B CG  1 
ATOM   1293 C CD  . ARG B 1 77 ? 5.367   1.838   -27.242 1.00 78.32  ? 77  ARG B CD  1 
ATOM   1294 N NE  . ARG B 1 77 ? 4.078   1.761   -27.950 1.00 85.10  ? 77  ARG B NE  1 
ATOM   1295 C CZ  . ARG B 1 77 ? 3.560   2.734   -28.717 1.00 91.22  ? 77  ARG B CZ  1 
ATOM   1296 N NH1 . ARG B 1 77 ? 4.210   3.882   -28.909 1.00 89.20  ? 77  ARG B NH1 1 
ATOM   1297 N NH2 . ARG B 1 77 ? 2.378   2.553   -29.310 1.00 88.09  ? 77  ARG B NH2 1 
ATOM   1298 N N   . MET B 1 78 ? 3.221   0.734   -22.207 1.00 58.90  ? 78  MET B N   1 
ATOM   1299 C CA  . MET B 1 78 ? 1.986   0.558   -21.441 1.00 54.05  ? 78  MET B CA  1 
ATOM   1300 C C   . MET B 1 78 ? 1.271   1.865   -21.157 1.00 57.64  ? 78  MET B C   1 
ATOM   1301 O O   . MET B 1 78 ? 1.772   2.679   -20.389 1.00 65.07  ? 78  MET B O   1 
ATOM   1302 C CB  . MET B 1 78 ? 2.316   -0.075  -20.113 1.00 50.17  ? 78  MET B CB  1 
ATOM   1303 C CG  . MET B 1 78 ? 3.115   -1.340  -20.256 1.00 50.61  ? 78  MET B CG  1 
ATOM   1304 S SD  . MET B 1 78 ? 2.566   -2.418  -18.956 1.00 54.95  ? 78  MET B SD  1 
ATOM   1305 C CE  . MET B 1 78 ? 4.012   -3.438  -18.730 1.00 56.18  ? 78  MET B CE  1 
ATOM   1306 N N   . LEU B 1 79 ? 0.079   2.048   -21.726 1.00 63.35  ? 79  LEU B N   1 
ATOM   1307 C CA  . LEU B 1 79 ? -0.745  3.247   -21.459 1.00 64.67  ? 79  LEU B CA  1 
ATOM   1308 C C   . LEU B 1 79 ? -1.704  3.083   -20.249 1.00 65.61  ? 79  LEU B C   1 
ATOM   1309 O O   . LEU B 1 79 ? -2.844  3.547   -20.257 1.00 60.16  ? 79  LEU B O   1 
ATOM   1310 C CB  . LEU B 1 79 ? -1.454  3.700   -22.726 1.00 68.17  ? 79  LEU B CB  1 
ATOM   1311 C CG  . LEU B 1 79 ? -0.487  4.370   -23.734 1.00 78.64  ? 79  LEU B CG  1 
ATOM   1312 C CD1 . LEU B 1 79 ? 0.770   3.546   -24.057 1.00 77.25  ? 79  LEU B CD1 1 
ATOM   1313 C CD2 . LEU B 1 79 ? -1.225  4.748   -25.025 1.00 81.58  ? 79  LEU B CD2 1 
ATOM   1314 N N   . GLU B 1 80 ? -1.186  2.347   -19.252 1.00 62.80  ? 80  GLU B N   1 
ATOM   1315 C CA  . GLU B 1 80 ? -1.366  2.540   -17.796 1.00 54.47  ? 80  GLU B CA  1 
ATOM   1316 C C   . GLU B 1 80 ? -0.753  3.887   -17.360 1.00 52.98  ? 80  GLU B C   1 
ATOM   1317 O O   . GLU B 1 80 ? -1.032  4.415   -16.276 1.00 46.05  ? 80  GLU B O   1 
ATOM   1318 C CB  . GLU B 1 80 ? -0.610  1.440   -17.052 1.00 53.05  ? 80  GLU B CB  1 
ATOM   1319 C CG  . GLU B 1 80 ? -1.185  0.030   -17.226 1.00 58.26  ? 80  GLU B CG  1 
ATOM   1320 C CD  . GLU B 1 80 ? -1.045  -0.554  -18.635 1.00 55.96  ? 80  GLU B CD  1 
ATOM   1321 O OE1 . GLU B 1 80 ? -0.661  0.184   -19.550 1.00 58.67  ? 80  GLU B OE1 1 
ATOM   1322 O OE2 . GLU B 1 80 ? -1.320  -1.750  -18.842 1.00 55.51  ? 80  GLU B OE2 1 
ATOM   1323 N N   . GLU B 1 81 ? 0.134   4.394   -18.212 1.00 51.81  ? 81  GLU B N   1 
ATOM   1324 C CA  . GLU B 1 81 ? 0.597   5.767   -18.176 1.00 53.66  ? 81  GLU B CA  1 
ATOM   1325 C C   . GLU B 1 81 ? -0.497  6.812   -17.971 1.00 50.34  ? 81  GLU B C   1 
ATOM   1326 O O   . GLU B 1 81 ? -0.309  7.788   -17.237 1.00 43.10  ? 81  GLU B O   1 
ATOM   1327 C CB  . GLU B 1 81 ? 1.342   6.057   -19.477 1.00 62.33  ? 81  GLU B CB  1 
ATOM   1328 C CG  . GLU B 1 81 ? 1.176   7.467   -20.065 1.00 75.45  ? 81  GLU B CG  1 
ATOM   1329 C CD  . GLU B 1 81 ? 0.169   7.574   -21.222 1.00 79.69  ? 81  GLU B CD  1 
ATOM   1330 O OE1 . GLU B 1 81 ? -0.799  6.766   -21.272 1.00 91.30  ? 81  GLU B OE1 1 
ATOM   1331 O OE2 . GLU B 1 81 ? 0.353   8.477   -22.079 1.00 72.04  ? 81  GLU B OE2 1 
ATOM   1332 N N   . ALA B 1 82 ? -1.622  6.634   -18.648 1.00 51.73  ? 82  ALA B N   1 
ATOM   1333 C CA  . ALA B 1 82 ? -2.608  7.692   -18.729 1.00 47.88  ? 82  ALA B CA  1 
ATOM   1334 C C   . ALA B 1 82 ? -3.388  7.758   -17.448 1.00 45.20  ? 82  ALA B C   1 
ATOM   1335 O O   . ALA B 1 82 ? -3.626  8.851   -16.932 1.00 44.01  ? 82  ALA B O   1 
ATOM   1336 C CB  . ALA B 1 82 ? -3.529  7.463   -19.896 1.00 52.69  ? 82  ALA B CB  1 
ATOM   1337 N N   . ALA B 1 83 ? -3.766  6.596   -16.920 1.00 44.31  ? 83  ALA B N   1 
ATOM   1338 C CA  . ALA B 1 83 ? -4.512  6.529   -15.640 1.00 49.28  ? 83  ALA B CA  1 
ATOM   1339 C C   . ALA B 1 83 ? -3.674  7.215   -14.580 1.00 48.60  ? 83  ALA B C   1 
ATOM   1340 O O   . ALA B 1 83 ? -4.133  8.079   -13.826 1.00 47.01  ? 83  ALA B O   1 
ATOM   1341 C CB  . ALA B 1 83 ? -4.825  5.081   -15.237 1.00 48.75  ? 83  ALA B CB  1 
ATOM   1342 N N   . ARG B 1 84 ? -2.421  6.793   -14.564 1.00 48.13  ? 84  ARG B N   1 
ATOM   1343 C CA  . ARG B 1 84 ? -1.373  7.442   -13.824 1.00 47.24  ? 84  ARG B CA  1 
ATOM   1344 C C   . ARG B 1 84 ? -1.351  8.941   -14.025 1.00 45.74  ? 84  ARG B C   1 
ATOM   1345 O O   . ARG B 1 84 ? -1.513  9.727   -13.086 1.00 45.82  ? 84  ARG B O   1 
ATOM   1346 C CB  . ARG B 1 84 ? -0.045  6.892   -14.319 1.00 52.32  ? 84  ARG B CB  1 
ATOM   1347 C CG  . ARG B 1 84 ? 0.336   5.535   -13.778 1.00 56.89  ? 84  ARG B CG  1 
ATOM   1348 C CD  . ARG B 1 84 ? 1.184   5.614   -12.504 1.00 61.95  ? 84  ARG B CD  1 
ATOM   1349 N NE  . ARG B 1 84 ? 1.803   6.919   -12.379 1.00 58.66  ? 84  ARG B NE  1 
ATOM   1350 C CZ  . ARG B 1 84 ? 1.218   7.956   -11.801 1.00 67.82  ? 84  ARG B CZ  1 
ATOM   1351 N NH1 . ARG B 1 84 ? 0.015   7.838   -11.248 1.00 66.03  ? 84  ARG B NH1 1 
ATOM   1352 N NH2 . ARG B 1 84 ? 1.847   9.124   -11.766 1.00 78.03  ? 84  ARG B NH2 1 
ATOM   1353 N N   . LEU B 1 85 ? -1.115  9.336   -15.264 1.00 44.52  ? 85  LEU B N   1 
ATOM   1354 C CA  . LEU B 1 85 ? -0.873  10.720  -15.556 1.00 46.22  ? 85  LEU B CA  1 
ATOM   1355 C C   . LEU B 1 85 ? -2.089  11.532  -15.188 1.00 51.88  ? 85  LEU B C   1 
ATOM   1356 O O   . LEU B 1 85 ? -1.942  12.651  -14.675 1.00 49.42  ? 85  LEU B O   1 
ATOM   1357 C CB  . LEU B 1 85 ? -0.550  10.887  -17.024 1.00 46.97  ? 85  LEU B CB  1 
ATOM   1358 C CG  . LEU B 1 85 ? -0.423  12.318  -17.545 1.00 46.08  ? 85  LEU B CG  1 
ATOM   1359 C CD1 . LEU B 1 85 ? 0.868   12.964  -17.051 1.00 45.46  ? 85  LEU B CD1 1 
ATOM   1360 C CD2 . LEU B 1 85 ? -0.542  12.333  -19.073 1.00 44.24  ? 85  LEU B CD2 1 
ATOM   1361 N N   . GLN B 1 86 ? -3.281  10.973  -15.443 1.00 58.52  ? 86  GLN B N   1 
ATOM   1362 C CA  . GLN B 1 86 ? -4.533  11.672  -15.106 1.00 64.69  ? 86  GLN B CA  1 
ATOM   1363 C C   . GLN B 1 86 ? -4.788  11.666  -13.603 1.00 61.65  ? 86  GLN B C   1 
ATOM   1364 O O   . GLN B 1 86 ? -5.097  12.717  -13.035 1.00 56.50  ? 86  GLN B O   1 
ATOM   1365 C CB  . GLN B 1 86 ? -5.760  11.177  -15.915 1.00 70.63  ? 86  GLN B CB  1 
ATOM   1366 C CG  . GLN B 1 86 ? -6.149  9.701   -15.801 1.00 75.86  ? 86  GLN B CG  1 
ATOM   1367 C CD  . GLN B 1 86 ? -6.951  9.221   -17.020 1.00 82.70  ? 86  GLN B CD  1 
ATOM   1368 O OE1 . GLN B 1 86 ? -6.690  8.158   -17.607 1.00 80.59  ? 86  GLN B OE1 1 
ATOM   1369 N NE2 . GLN B 1 86 ? -7.923  10.025  -17.416 1.00 84.99  ? 86  GLN B NE2 1 
ATOM   1370 N N   . ARG B 1 87 ? -4.614  10.510  -12.953 1.00 65.73  ? 87  ARG B N   1 
ATOM   1371 C CA  . ARG B 1 87 ? -4.779  10.438  -11.494 1.00 67.33  ? 87  ARG B CA  1 
ATOM   1372 C C   . ARG B 1 87 ? -3.806  11.410  -10.829 1.00 61.74  ? 87  ARG B C   1 
ATOM   1373 O O   . ARG B 1 87 ? -4.158  12.069  -9.870  1.00 56.18  ? 87  ARG B O   1 
ATOM   1374 C CB  . ARG B 1 87 ? -4.643  9.003   -10.936 1.00 73.26  ? 87  ARG B CB  1 
ATOM   1375 C CG  . ARG B 1 87 ? -5.761  8.596   -9.939  1.00 83.39  ? 87  ARG B CG  1 
ATOM   1376 C CD  . ARG B 1 87 ? -5.715  9.350   -8.594  1.00 85.99  ? 87  ARG B CD  1 
ATOM   1377 N NE  . ARG B 1 87 ? -6.987  9.398   -7.850  1.00 85.94  ? 87  ARG B NE  1 
ATOM   1378 C CZ  . ARG B 1 87 ? -7.979  10.281  -8.051  1.00 85.17  ? 87  ARG B CZ  1 
ATOM   1379 N NH1 . ARG B 1 87 ? -7.904  11.214  -9.004  1.00 78.08  ? 87  ARG B NH1 1 
ATOM   1380 N NH2 . ARG B 1 87 ? -9.076  10.224  -7.296  1.00 82.21  ? 87  ARG B NH2 1 
ATOM   1381 N N   . ALA B 1 88 ? -2.604  11.540  -11.375 1.00 67.36  ? 88  ALA B N   1 
ATOM   1382 C CA  . ALA B 1 88 ? -1.715  12.662  -11.025 1.00 72.61  ? 88  ALA B CA  1 
ATOM   1383 C C   . ALA B 1 88 ? -2.194  13.988  -11.643 1.00 77.00  ? 88  ALA B C   1 
ATOM   1384 O O   . ALA B 1 88 ? -1.484  14.600  -12.463 1.00 68.13  ? 88  ALA B O   1 
ATOM   1385 C CB  . ALA B 1 88 ? -0.293  12.361  -11.473 1.00 75.71  ? 88  ALA B CB  1 
ATOM   1386 N N   . ALA B 1 89 ? -3.389  14.418  -11.213 1.00 84.16  ? 89  ALA B N   1 
ATOM   1387 C CA  . ALA B 1 89 ? -4.165  15.536  -11.800 1.00 78.64  ? 89  ALA B CA  1 
ATOM   1388 C C   . ALA B 1 89 ? -4.059  15.638  -13.328 1.00 71.21  ? 89  ALA B C   1 
ATOM   1389 O O   . ALA B 1 89 ? -3.259  16.404  -13.869 1.00 64.52  ? 89  ALA B O   1 
ATOM   1390 C CB  . ALA B 1 89 ? -3.796  16.858  -11.128 1.00 77.12  ? 89  ALA B CB  1 
HETATM 1391 O O   . HOH C 2 .  ? -6.576  -15.043 15.558  1.00 15.98  ? 101 HOH A O   1 
HETATM 1392 O O   . HOH C 2 .  ? 2.260   2.827   10.364  1.00 21.19  ? 102 HOH A O   1 
HETATM 1393 O O   . HOH C 2 .  ? 8.504   -3.626  10.006  1.00 26.58  ? 103 HOH A O   1 
HETATM 1394 O O   . HOH C 2 .  ? 0.266   -5.711  6.296   1.00 16.89  ? 104 HOH A O   1 
HETATM 1395 O O   . HOH C 2 .  ? 10.540  -6.229  10.194  1.00 26.07  ? 105 HOH A O   1 
HETATM 1396 O O   . HOH C 2 .  ? -9.926  -17.643 11.314  1.00 12.33  ? 106 HOH A O   1 
HETATM 1397 O O   . HOH C 2 .  ? 4.588   -4.163  19.062  1.00 11.83  ? 107 HOH A O   1 
HETATM 1398 O O   . HOH C 2 .  ? -11.429 -15.674 4.114   1.00 22.75  ? 108 HOH A O   1 
HETATM 1399 O O   . HOH C 2 .  ? 0.885   -2.885  6.012   1.00 25.48  ? 109 HOH A O   1 
HETATM 1400 O O   . HOH C 2 .  ? -12.980 -8.771  20.552  1.00 33.91  ? 110 HOH A O   1 
HETATM 1401 O O   . HOH C 2 .  ? 6.668   -1.303  7.282   1.00 23.96  ? 111 HOH A O   1 
HETATM 1402 O O   . HOH C 2 .  ? 0.371   -5.749  20.743  1.00 20.18  ? 112 HOH A O   1 
HETATM 1403 O O   . HOH C 2 .  ? 11.244  -1.125  10.916  1.00 33.37  ? 113 HOH A O   1 
HETATM 1404 O O   . HOH D 2 .  ? 15.987  -3.070  -0.890  1.00 23.24  ? 101 HOH B O   1 
HETATM 1405 O O   . HOH D 2 .  ? 11.066  -8.545  -4.796  1.00 36.76  ? 102 HOH B O   1 
HETATM 1406 O O   . HOH D 2 .  ? 23.063  14.473  -8.695  1.00 21.82  ? 103 HOH B O   1 
HETATM 1407 O O   . HOH D 2 .  ? 21.566  13.305  -11.432 1.00 32.21  ? 104 HOH B O   1 
HETATM 1408 O O   . HOH D 2 .  ? 13.217  16.006  -15.862 1.00 14.24  ? 105 HOH B O   1 
HETATM 1409 O O   . HOH D 2 .  ? 13.596  17.583  -17.729 1.00 29.19  ? 106 HOH B O   1 
HETATM 1410 O O   . HOH D 2 .  ? -3.368  4.528   -18.228 1.00 42.07  ? 107 HOH B O   1 
HETATM 1411 O O   . HOH D 2 .  ? 6.932   14.800  -1.716  1.00 24.22  ? 108 HOH B O   1 
HETATM 1412 O O   . HOH D 2 .  ? 21.166  10.355  -13.834 1.00 27.02  ? 109 HOH B O   1 
# 
